data_7H3A
# 
_entry.id   7H3A 
# 
_audit_conform.dict_name       mmcif_pdbx.dic 
_audit_conform.dict_version    5.397 
_audit_conform.dict_location   http://mmcif.pdb.org/dictionaries/ascii/mmcif_pdbx.dic 
# 
loop_
_database_2.database_id 
_database_2.database_code 
_database_2.pdbx_database_accession 
_database_2.pdbx_DOI 
PDB   7H3A         pdb_00007h3a 10.2210/pdb7h3a/pdb 
WWPDB D_1001406969 ?            ?                   
# 
loop_
_pdbx_audit_revision_history.ordinal 
_pdbx_audit_revision_history.data_content_type 
_pdbx_audit_revision_history.major_revision 
_pdbx_audit_revision_history.minor_revision 
_pdbx_audit_revision_history.revision_date 
1 'Structure model' 1 0 2024-04-24 
2 'Structure model' 1 1 2024-10-16 
# 
_pdbx_audit_revision_details.ordinal             1 
_pdbx_audit_revision_details.revision_ordinal    1 
_pdbx_audit_revision_details.data_content_type   'Structure model' 
_pdbx_audit_revision_details.provider            repository 
_pdbx_audit_revision_details.type                'Initial release' 
_pdbx_audit_revision_details.description         ? 
_pdbx_audit_revision_details.details             ? 
# 
loop_
_pdbx_audit_revision_group.ordinal 
_pdbx_audit_revision_group.revision_ordinal 
_pdbx_audit_revision_group.data_content_type 
_pdbx_audit_revision_group.group 
1 2 'Structure model' 'Database references' 
2 2 'Structure model' 'Structure summary'   
# 
loop_
_pdbx_audit_revision_category.ordinal 
_pdbx_audit_revision_category.revision_ordinal 
_pdbx_audit_revision_category.data_content_type 
_pdbx_audit_revision_category.category 
1 2 'Structure model' citation           
2 2 'Structure model' citation_author    
3 2 'Structure model' pdbx_entry_details 
# 
loop_
_pdbx_audit_revision_item.ordinal 
_pdbx_audit_revision_item.revision_ordinal 
_pdbx_audit_revision_item.data_content_type 
_pdbx_audit_revision_item.item 
1 2 'Structure model' '_citation.country'                 
2 2 'Structure model' '_citation.journal_abbrev'          
3 2 'Structure model' '_citation.journal_id_CSD'          
4 2 'Structure model' '_citation.journal_id_ISSN'         
5 2 'Structure model' '_citation.pdbx_database_id_DOI'    
6 2 'Structure model' '_citation.pdbx_database_id_PubMed' 
7 2 'Structure model' '_citation.title'                   
8 2 'Structure model' '_citation.year'                    
# 
_pdbx_database_status.entry_id                        7H3A 
_pdbx_database_status.status_code                     REL 
_pdbx_database_status.status_code_sf                  REL 
_pdbx_database_status.status_code_mr                  ? 
_pdbx_database_status.status_code_cs                  ? 
_pdbx_database_status.recvd_initial_deposition_date   2024-04-04 
_pdbx_database_status.status_code_nmr_data            ? 
_pdbx_database_status.deposit_site                    RCSB 
_pdbx_database_status.process_site                    RCSB 
_pdbx_database_status.SG_entry                        ? 
_pdbx_database_status.pdb_format_compatible           Y 
_pdbx_database_status.methods_development_category    ? 
# 
_pdbx_contact_author.id                 1 
_pdbx_contact_author.email              frank.von-delft@diamond.ac.uk 
_pdbx_contact_author.name_first         Frank 
_pdbx_contact_author.name_last          'von Delft' 
_pdbx_contact_author.role               'principal investigator/group leader' 
_pdbx_contact_author.identifier_ORCID   0000-0003-0378-0017 
_pdbx_contact_author.name_mi            ? 
# 
loop_
_audit_author.name 
_audit_author.pdbx_ordinal 
'Lithgo, R.M.'        1  
'Fairhead, M.'        2  
'Koekemoer, L.'       3  
'Balcomb, B.H.'       4  
'Capkin, E.'          5  
'Chandran, A.V.'      6  
'Golding, M.'         7  
'Godoy, A.S.'         8  
'Aschenbrenner, J.C.' 9  
'Marples, P.G.'       10 
'Ni, X.'              11 
'Thompson, W.'        12 
'Tomlinson, C.W.E.'   13 
'Wild, C.'            14 
'Winokan, M.'         15 
'Xavier, M.-A.E.'     16 
'Fearon, D.'          17 
'von Delft, F.'       18 
# 
_citation.id                        primary 
_citation.title                     
;Crystallographic Fragment Screen of Coxsackievirus A16 2A Protease identifies new opportunities for the development of broad-spectrum anti-enterovirals.
;
_citation.journal_abbrev            Biorxiv 
_citation.journal_volume            ? 
_citation.page_first                ? 
_citation.page_last                 ? 
_citation.year                      2024 
_citation.journal_id_ASTM           ? 
_citation.country                   US 
_citation.journal_id_ISSN           2692-8205 
_citation.journal_id_CSD            ? 
_citation.book_publisher            ? 
_citation.pdbx_database_id_PubMed   38746446 
_citation.pdbx_database_id_DOI      10.1101/2024.04.29.591684 
# 
loop_
_citation_author.citation_id 
_citation_author.name 
_citation_author.identifier_ORCID 
_citation_author.ordinal 
primary 'Lithgo, R.M.'        0000-0002-4706-9916 1  
primary 'Tomlinson, C.W.E.'   0000-0002-1845-6028 2  
primary 'Fairhead, M.'        0000-0001-5361-3933 3  
primary 'Winokan, M.'         ?                   4  
primary 'Thompson, W.'        0000-0003-1474-7810 5  
primary 'Wild, C.'            0000-0003-0654-8141 6  
primary 'Aschenbrenner, J.C.' 0000-0002-4318-0481 7  
primary 'Balcomb, B.H.'       0000-0001-7599-8467 8  
primary 'Marples, P.G.'       0000-0002-8787-7969 9  
primary 'Chandran, A.V.'      0000-0001-9942-2614 10 
primary 'Golding, M.'         0009-0004-7472-8333 11 
primary 'Koekemoer, L.'       0000-0001-9226-9127 12 
primary 'Williams, E.P.'      0000-0002-1331-9518 13 
primary 'Wang, S.'            ?                   14 
primary 'Ni, X.'              0000-0002-7769-8297 15 
primary 'MacLean, E.'         0000-0003-1680-4292 16 
primary 'Giroud, C.'          0000-0002-1629-1581 17 
primary 'Godoy, A.S.'         0000-0002-0613-9164 18 
primary 'Xavier, M.A.'        0000-0002-1709-9479 19 
primary 'Walsh, M.'           0000-0001-5683-1151 20 
primary 'Fearon, D.'          0000-0003-3529-7863 21 
primary 'von Delft, F.'       0000-0003-0378-0017 22 
# 
loop_
_entity.id 
_entity.type 
_entity.src_method 
_entity.pdbx_description 
_entity.formula_weight 
_entity.pdbx_number_of_molecules 
_entity.pdbx_ec 
_entity.pdbx_mutation 
_entity.pdbx_fragment 
_entity.details 
1 polymer     man 'Protease 2A'                                        16493.311 1   3.4.22.29 ? ? ? 
2 non-polymer man '~{N}-(1,3-benzodioxol-5-ylmethyl)ethanesulfonamide' 243.280   3   ?         ? ? ? 
3 non-polymer syn 'ZINC ION'                                           65.409    1   ?         ? ? ? 
4 non-polymer syn 'DIMETHYL SULFOXIDE'                                 78.133    1   ?         ? ? ? 
5 water       nat water                                                18.015    118 ?         ? ? ? 
# 
_entity_name_com.entity_id   1 
_entity_name_com.name        'P2A,Picornain 2A,Protein 2A' 
# 
_entity_poly.entity_id                      1 
_entity_poly.type                           'polypeptide(L)' 
_entity_poly.nstd_linkage                   no 
_entity_poly.nstd_monomer                   no 
_entity_poly.pdbx_seq_one_letter_code       
;QEQTGGSGAIYVGNYRVVNRHLATHNDWANLVWEDSSRDLLVSSTTAQGCDTIARCDCQTGVYYCSSRRKHYPVSFSKPS
LIFVEASEYYPARYQSHLMLAVGHSEPGDCGGILRCQHGVVGIVSTGGNGLVGFADVRDLLWLDEEAMEQ
;
_entity_poly.pdbx_seq_one_letter_code_can   
;QEQTGGSGAIYVGNYRVVNRHLATHNDWANLVWEDSSRDLLVSSTTAQGCDTIARCDCQTGVYYCSSRRKHYPVSFSKPS
LIFVEASEYYPARYQSHLMLAVGHSEPGDCGGILRCQHGVVGIVSTGGNGLVGFADVRDLLWLDEEAMEQ
;
_entity_poly.pdbx_strand_id                 A 
_entity_poly.pdbx_target_identifier         ? 
# 
loop_
_pdbx_entity_nonpoly.entity_id 
_pdbx_entity_nonpoly.name 
_pdbx_entity_nonpoly.comp_id 
2 '~{N}-(1,3-benzodioxol-5-ylmethyl)ethanesulfonamide' STV 
3 'ZINC ION'                                           ZN  
4 'DIMETHYL SULFOXIDE'                                 DMS 
5 water                                                HOH 
# 
loop_
_entity_poly_seq.entity_id 
_entity_poly_seq.num 
_entity_poly_seq.mon_id 
_entity_poly_seq.hetero 
1 1   GLN n 
1 2   GLU n 
1 3   GLN n 
1 4   THR n 
1 5   GLY n 
1 6   GLY n 
1 7   SER n 
1 8   GLY n 
1 9   ALA n 
1 10  ILE n 
1 11  TYR n 
1 12  VAL n 
1 13  GLY n 
1 14  ASN n 
1 15  TYR n 
1 16  ARG n 
1 17  VAL n 
1 18  VAL n 
1 19  ASN n 
1 20  ARG n 
1 21  HIS n 
1 22  LEU n 
1 23  ALA n 
1 24  THR n 
1 25  HIS n 
1 26  ASN n 
1 27  ASP n 
1 28  TRP n 
1 29  ALA n 
1 30  ASN n 
1 31  LEU n 
1 32  VAL n 
1 33  TRP n 
1 34  GLU n 
1 35  ASP n 
1 36  SER n 
1 37  SER n 
1 38  ARG n 
1 39  ASP n 
1 40  LEU n 
1 41  LEU n 
1 42  VAL n 
1 43  SER n 
1 44  SER n 
1 45  THR n 
1 46  THR n 
1 47  ALA n 
1 48  GLN n 
1 49  GLY n 
1 50  CYS n 
1 51  ASP n 
1 52  THR n 
1 53  ILE n 
1 54  ALA n 
1 55  ARG n 
1 56  CYS n 
1 57  ASP n 
1 58  CYS n 
1 59  GLN n 
1 60  THR n 
1 61  GLY n 
1 62  VAL n 
1 63  TYR n 
1 64  TYR n 
1 65  CYS n 
1 66  SER n 
1 67  SER n 
1 68  ARG n 
1 69  ARG n 
1 70  LYS n 
1 71  HIS n 
1 72  TYR n 
1 73  PRO n 
1 74  VAL n 
1 75  SER n 
1 76  PHE n 
1 77  SER n 
1 78  LYS n 
1 79  PRO n 
1 80  SER n 
1 81  LEU n 
1 82  ILE n 
1 83  PHE n 
1 84  VAL n 
1 85  GLU n 
1 86  ALA n 
1 87  SER n 
1 88  GLU n 
1 89  TYR n 
1 90  TYR n 
1 91  PRO n 
1 92  ALA n 
1 93  ARG n 
1 94  TYR n 
1 95  GLN n 
1 96  SER n 
1 97  HIS n 
1 98  LEU n 
1 99  MET n 
1 100 LEU n 
1 101 ALA n 
1 102 VAL n 
1 103 GLY n 
1 104 HIS n 
1 105 SER n 
1 106 GLU n 
1 107 PRO n 
1 108 GLY n 
1 109 ASP n 
1 110 CYS n 
1 111 GLY n 
1 112 GLY n 
1 113 ILE n 
1 114 LEU n 
1 115 ARG n 
1 116 CYS n 
1 117 GLN n 
1 118 HIS n 
1 119 GLY n 
1 120 VAL n 
1 121 VAL n 
1 122 GLY n 
1 123 ILE n 
1 124 VAL n 
1 125 SER n 
1 126 THR n 
1 127 GLY n 
1 128 GLY n 
1 129 ASN n 
1 130 GLY n 
1 131 LEU n 
1 132 VAL n 
1 133 GLY n 
1 134 PHE n 
1 135 ALA n 
1 136 ASP n 
1 137 VAL n 
1 138 ARG n 
1 139 ASP n 
1 140 LEU n 
1 141 LEU n 
1 142 TRP n 
1 143 LEU n 
1 144 ASP n 
1 145 GLU n 
1 146 GLU n 
1 147 ALA n 
1 148 MET n 
1 149 GLU n 
1 150 GLN n 
# 
loop_
_entity_src_gen.entity_id 
_entity_src_gen.pdbx_src_id 
_entity_src_gen.pdbx_alt_source_flag 
_entity_src_gen.pdbx_seq_type 
_entity_src_gen.pdbx_beg_seq_num 
_entity_src_gen.pdbx_end_seq_num 
_entity_src_gen.gene_src_common_name 
_entity_src_gen.gene_src_genus 
_entity_src_gen.pdbx_gene_src_gene 
_entity_src_gen.gene_src_species 
_entity_src_gen.gene_src_strain 
_entity_src_gen.gene_src_tissue 
_entity_src_gen.gene_src_tissue_fraction 
_entity_src_gen.gene_src_details 
_entity_src_gen.pdbx_gene_src_fragment 
_entity_src_gen.pdbx_gene_src_scientific_name 
_entity_src_gen.pdbx_gene_src_ncbi_taxonomy_id 
_entity_src_gen.pdbx_gene_src_variant 
_entity_src_gen.pdbx_gene_src_cell_line 
_entity_src_gen.pdbx_gene_src_atcc 
_entity_src_gen.pdbx_gene_src_organ 
_entity_src_gen.pdbx_gene_src_organelle 
_entity_src_gen.pdbx_gene_src_cell 
_entity_src_gen.pdbx_gene_src_cellular_location 
_entity_src_gen.host_org_common_name 
_entity_src_gen.pdbx_host_org_scientific_name 
_entity_src_gen.pdbx_host_org_ncbi_taxonomy_id 
_entity_src_gen.host_org_genus 
_entity_src_gen.pdbx_host_org_gene 
_entity_src_gen.pdbx_host_org_organ 
_entity_src_gen.host_org_species 
_entity_src_gen.pdbx_host_org_tissue 
_entity_src_gen.pdbx_host_org_tissue_fraction 
_entity_src_gen.pdbx_host_org_strain 
_entity_src_gen.pdbx_host_org_variant 
_entity_src_gen.pdbx_host_org_cell_line 
_entity_src_gen.pdbx_host_org_atcc 
_entity_src_gen.pdbx_host_org_culture_collection 
_entity_src_gen.pdbx_host_org_cell 
_entity_src_gen.pdbx_host_org_organelle 
_entity_src_gen.pdbx_host_org_cellular_location 
_entity_src_gen.pdbx_host_org_vector_type 
_entity_src_gen.pdbx_host_org_vector 
_entity_src_gen.host_org_details 
_entity_src_gen.expression_system_id 
_entity_src_gen.plasmid_name 
_entity_src_gen.plasmid_details 
_entity_src_gen.pdbx_description 
1 1 sample 'Biological sequence' 1 150 ? ? ? ? ? ? ? ? ? 'Coxsackievirus A16' 31704 ? ? ? ? ? ? ? ? 'Escherichia coli' 562 ? ? ? ? 
? ? ? ? ? ? ? ? ? ? ? ? ? ? ? ? ? 
2 1 sample ?                     ? ?   ? ? ? ? ? ? ? ? ? 'Coxsackievirus A16' 31704 ? ? ? ? ? ? ? ? 'Escherichia coli' 562 ? ? ? ? 
? ? ? ? ? ? ? ? ? ? ? ? ? ? ? ? ? 
# 
loop_
_chem_comp.id 
_chem_comp.type 
_chem_comp.mon_nstd_flag 
_chem_comp.name 
_chem_comp.pdbx_synonyms 
_chem_comp.formula 
_chem_comp.formula_weight 
ALA 'L-peptide linking' y ALANINE                                              ? 'C3 H7 N O2'     89.093  
ARG 'L-peptide linking' y ARGININE                                             ? 'C6 H15 N4 O2 1' 175.209 
ASN 'L-peptide linking' y ASPARAGINE                                           ? 'C4 H8 N2 O3'    132.118 
ASP 'L-peptide linking' y 'ASPARTIC ACID'                                      ? 'C4 H7 N O4'     133.103 
CYS 'L-peptide linking' y CYSTEINE                                             ? 'C3 H7 N O2 S'   121.158 
DMS non-polymer         . 'DIMETHYL SULFOXIDE'                                 ? 'C2 H6 O S'      78.133  
GLN 'L-peptide linking' y GLUTAMINE                                            ? 'C5 H10 N2 O3'   146.144 
GLU 'L-peptide linking' y 'GLUTAMIC ACID'                                      ? 'C5 H9 N O4'     147.129 
GLY 'peptide linking'   y GLYCINE                                              ? 'C2 H5 N O2'     75.067  
HIS 'L-peptide linking' y HISTIDINE                                            ? 'C6 H10 N3 O2 1' 156.162 
HOH non-polymer         . WATER                                                ? 'H2 O'           18.015  
ILE 'L-peptide linking' y ISOLEUCINE                                           ? 'C6 H13 N O2'    131.173 
LEU 'L-peptide linking' y LEUCINE                                              ? 'C6 H13 N O2'    131.173 
LYS 'L-peptide linking' y LYSINE                                               ? 'C6 H15 N2 O2 1' 147.195 
MET 'L-peptide linking' y METHIONINE                                           ? 'C5 H11 N O2 S'  149.211 
PHE 'L-peptide linking' y PHENYLALANINE                                        ? 'C9 H11 N O2'    165.189 
PRO 'L-peptide linking' y PROLINE                                              ? 'C5 H9 N O2'     115.130 
SER 'L-peptide linking' y SERINE                                               ? 'C3 H7 N O3'     105.093 
STV non-polymer         . '~{N}-(1,3-benzodioxol-5-ylmethyl)ethanesulfonamide' ? 'C10 H13 N O4 S' 243.280 
THR 'L-peptide linking' y THREONINE                                            ? 'C4 H9 N O3'     119.119 
TRP 'L-peptide linking' y TRYPTOPHAN                                           ? 'C11 H12 N2 O2'  204.225 
TYR 'L-peptide linking' y TYROSINE                                             ? 'C9 H11 N O3'    181.189 
VAL 'L-peptide linking' y VALINE                                               ? 'C5 H11 N O2'    117.146 
ZN  non-polymer         . 'ZINC ION'                                           ? 'Zn 2'           65.409  
# 
loop_
_pdbx_poly_seq_scheme.asym_id 
_pdbx_poly_seq_scheme.entity_id 
_pdbx_poly_seq_scheme.seq_id 
_pdbx_poly_seq_scheme.mon_id 
_pdbx_poly_seq_scheme.ndb_seq_num 
_pdbx_poly_seq_scheme.pdb_seq_num 
_pdbx_poly_seq_scheme.auth_seq_num 
_pdbx_poly_seq_scheme.pdb_mon_id 
_pdbx_poly_seq_scheme.auth_mon_id 
_pdbx_poly_seq_scheme.pdb_strand_id 
_pdbx_poly_seq_scheme.pdb_ins_code 
_pdbx_poly_seq_scheme.hetero 
A 1 1   GLN 1   1   ?   ?   ?   A . n 
A 1 2   GLU 2   2   ?   ?   ?   A . n 
A 1 3   GLN 3   3   ?   ?   ?   A . n 
A 1 4   THR 4   4   ?   ?   ?   A . n 
A 1 5   GLY 5   5   ?   ?   ?   A . n 
A 1 6   GLY 6   6   ?   ?   ?   A . n 
A 1 7   SER 7   7   7   SER SER A . n 
A 1 8   GLY 8   8   8   GLY GLY A . n 
A 1 9   ALA 9   9   9   ALA ALA A . n 
A 1 10  ILE 10  10  10  ILE ILE A . n 
A 1 11  TYR 11  11  11  TYR TYR A . n 
A 1 12  VAL 12  12  12  VAL VAL A . n 
A 1 13  GLY 13  13  13  GLY GLY A . n 
A 1 14  ASN 14  14  14  ASN ASN A . n 
A 1 15  TYR 15  15  15  TYR TYR A . n 
A 1 16  ARG 16  16  16  ARG ARG A . n 
A 1 17  VAL 17  17  17  VAL VAL A . n 
A 1 18  VAL 18  18  18  VAL VAL A . n 
A 1 19  ASN 19  19  19  ASN ASN A . n 
A 1 20  ARG 20  20  20  ARG ARG A . n 
A 1 21  HIS 21  21  21  HIS HIS A . n 
A 1 22  LEU 22  22  22  LEU LEU A . n 
A 1 23  ALA 23  23  23  ALA ALA A . n 
A 1 24  THR 24  24  24  THR THR A . n 
A 1 25  HIS 25  25  25  HIS HIS A . n 
A 1 26  ASN 26  26  26  ASN ASN A . n 
A 1 27  ASP 27  27  27  ASP ASP A . n 
A 1 28  TRP 28  28  28  TRP TRP A . n 
A 1 29  ALA 29  29  29  ALA ALA A . n 
A 1 30  ASN 30  30  30  ASN ASN A . n 
A 1 31  LEU 31  31  31  LEU LEU A . n 
A 1 32  VAL 32  32  32  VAL VAL A . n 
A 1 33  TRP 33  33  33  TRP TRP A . n 
A 1 34  GLU 34  34  34  GLU GLU A . n 
A 1 35  ASP 35  35  35  ASP ASP A . n 
A 1 36  SER 36  36  36  SER SER A . n 
A 1 37  SER 37  37  37  SER SER A . n 
A 1 38  ARG 38  38  38  ARG ARG A . n 
A 1 39  ASP 39  39  39  ASP ASP A . n 
A 1 40  LEU 40  40  40  LEU LEU A . n 
A 1 41  LEU 41  41  41  LEU LEU A . n 
A 1 42  VAL 42  42  42  VAL VAL A . n 
A 1 43  SER 43  43  43  SER SER A . n 
A 1 44  SER 44  44  44  SER SER A . n 
A 1 45  THR 45  45  45  THR THR A . n 
A 1 46  THR 46  46  46  THR THR A . n 
A 1 47  ALA 47  47  47  ALA ALA A . n 
A 1 48  GLN 48  48  48  GLN GLN A . n 
A 1 49  GLY 49  49  49  GLY GLY A . n 
A 1 50  CYS 50  50  50  CYS CYS A . n 
A 1 51  ASP 51  51  51  ASP ASP A . n 
A 1 52  THR 52  52  52  THR THR A . n 
A 1 53  ILE 53  53  53  ILE ILE A . n 
A 1 54  ALA 54  54  54  ALA ALA A . n 
A 1 55  ARG 55  55  55  ARG ARG A . n 
A 1 56  CYS 56  56  56  CYS CYS A . n 
A 1 57  ASP 57  57  57  ASP ASP A . n 
A 1 58  CYS 58  58  58  CYS CYS A . n 
A 1 59  GLN 59  59  59  GLN GLN A . n 
A 1 60  THR 60  60  60  THR THR A . n 
A 1 61  GLY 61  61  61  GLY GLY A . n 
A 1 62  VAL 62  62  62  VAL VAL A . n 
A 1 63  TYR 63  63  63  TYR TYR A . n 
A 1 64  TYR 64  64  64  TYR TYR A . n 
A 1 65  CYS 65  65  65  CYS CYS A . n 
A 1 66  SER 66  66  66  SER SER A . n 
A 1 67  SER 67  67  67  SER SER A . n 
A 1 68  ARG 68  68  68  ARG ARG A . n 
A 1 69  ARG 69  69  69  ARG ARG A . n 
A 1 70  LYS 70  70  70  LYS LYS A . n 
A 1 71  HIS 71  71  71  HIS HIS A . n 
A 1 72  TYR 72  72  72  TYR TYR A . n 
A 1 73  PRO 73  73  73  PRO PRO A . n 
A 1 74  VAL 74  74  74  VAL VAL A . n 
A 1 75  SER 75  75  75  SER SER A . n 
A 1 76  PHE 76  76  76  PHE PHE A . n 
A 1 77  SER 77  77  77  SER SER A . n 
A 1 78  LYS 78  78  78  LYS LYS A . n 
A 1 79  PRO 79  79  79  PRO PRO A . n 
A 1 80  SER 80  80  80  SER SER A . n 
A 1 81  LEU 81  81  81  LEU LEU A . n 
A 1 82  ILE 82  82  82  ILE ILE A . n 
A 1 83  PHE 83  83  83  PHE PHE A . n 
A 1 84  VAL 84  84  84  VAL VAL A . n 
A 1 85  GLU 85  85  85  GLU GLU A . n 
A 1 86  ALA 86  86  86  ALA ALA A . n 
A 1 87  SER 87  87  87  SER SER A . n 
A 1 88  GLU 88  88  88  GLU GLU A . n 
A 1 89  TYR 89  89  89  TYR TYR A . n 
A 1 90  TYR 90  90  90  TYR TYR A . n 
A 1 91  PRO 91  91  91  PRO PRO A . n 
A 1 92  ALA 92  92  92  ALA ALA A . n 
A 1 93  ARG 93  93  93  ARG ARG A . n 
A 1 94  TYR 94  94  94  TYR TYR A . n 
A 1 95  GLN 95  95  95  GLN GLN A . n 
A 1 96  SER 96  96  96  SER SER A . n 
A 1 97  HIS 97  97  97  HIS HIS A . n 
A 1 98  LEU 98  98  98  LEU LEU A . n 
A 1 99  MET 99  99  99  MET MET A . n 
A 1 100 LEU 100 100 100 LEU LEU A . n 
A 1 101 ALA 101 101 101 ALA ALA A . n 
A 1 102 VAL 102 102 102 VAL VAL A . n 
A 1 103 GLY 103 103 103 GLY GLY A . n 
A 1 104 HIS 104 104 104 HIS HIS A . n 
A 1 105 SER 105 105 105 SER SER A . n 
A 1 106 GLU 106 106 106 GLU GLU A . n 
A 1 107 PRO 107 107 107 PRO PRO A . n 
A 1 108 GLY 108 108 108 GLY GLY A . n 
A 1 109 ASP 109 109 109 ASP ASP A . n 
A 1 110 CYS 110 110 110 CYS CYS A . n 
A 1 111 GLY 111 111 111 GLY GLY A . n 
A 1 112 GLY 112 112 112 GLY GLY A . n 
A 1 113 ILE 113 113 113 ILE ILE A . n 
A 1 114 LEU 114 114 114 LEU LEU A . n 
A 1 115 ARG 115 115 115 ARG ARG A . n 
A 1 116 CYS 116 116 116 CYS CYS A . n 
A 1 117 GLN 117 117 117 GLN GLN A . n 
A 1 118 HIS 118 118 118 HIS HIS A . n 
A 1 119 GLY 119 119 119 GLY GLY A . n 
A 1 120 VAL 120 120 120 VAL VAL A . n 
A 1 121 VAL 121 121 121 VAL VAL A . n 
A 1 122 GLY 122 122 122 GLY GLY A . n 
A 1 123 ILE 123 123 123 ILE ILE A . n 
A 1 124 VAL 124 124 124 VAL VAL A . n 
A 1 125 SER 125 125 125 SER SER A . n 
A 1 126 THR 126 126 126 THR THR A . n 
A 1 127 GLY 127 127 127 GLY GLY A . n 
A 1 128 GLY 128 128 128 GLY GLY A . n 
A 1 129 ASN 129 129 129 ASN ASN A . n 
A 1 130 GLY 130 130 130 GLY GLY A . n 
A 1 131 LEU 131 131 131 LEU LEU A . n 
A 1 132 VAL 132 132 132 VAL VAL A . n 
A 1 133 GLY 133 133 133 GLY GLY A . n 
A 1 134 PHE 134 134 134 PHE PHE A . n 
A 1 135 ALA 135 135 135 ALA ALA A . n 
A 1 136 ASP 136 136 136 ASP ASP A . n 
A 1 137 VAL 137 137 137 VAL VAL A . n 
A 1 138 ARG 138 138 138 ARG ARG A . n 
A 1 139 ASP 139 139 139 ASP ASP A . n 
A 1 140 LEU 140 140 140 LEU LEU A . n 
A 1 141 LEU 141 141 141 LEU LEU A . n 
A 1 142 TRP 142 142 142 TRP TRP A . n 
A 1 143 LEU 143 143 143 LEU LEU A . n 
A 1 144 ASP 144 144 144 ASP ASP A . n 
A 1 145 GLU 145 145 145 GLU GLU A . n 
A 1 146 GLU 146 146 ?   ?   ?   A . n 
A 1 147 ALA 147 147 ?   ?   ?   A . n 
A 1 148 MET 148 148 ?   ?   ?   A . n 
A 1 149 GLU 149 149 ?   ?   ?   A . n 
A 1 150 GLN 150 150 ?   ?   ?   A . n 
# 
loop_
_pdbx_nonpoly_scheme.asym_id 
_pdbx_nonpoly_scheme.entity_id 
_pdbx_nonpoly_scheme.mon_id 
_pdbx_nonpoly_scheme.ndb_seq_num 
_pdbx_nonpoly_scheme.pdb_seq_num 
_pdbx_nonpoly_scheme.auth_seq_num 
_pdbx_nonpoly_scheme.pdb_mon_id 
_pdbx_nonpoly_scheme.auth_mon_id 
_pdbx_nonpoly_scheme.pdb_strand_id 
_pdbx_nonpoly_scheme.pdb_ins_code 
B 2 STV 1   201 201 STV LIG A . 
C 2 STV 1   202 301 STV LIG A . 
D 2 STV 1   203 302 STV LIG A . 
E 3 ZN  1   204 1   ZN  ZN  A . 
F 4 DMS 1   205 0   DMS DMS A . 
G 5 HOH 1   301 62  HOH HOH A . 
G 5 HOH 2   302 86  HOH HOH A . 
G 5 HOH 3   303 5   HOH HOH A . 
G 5 HOH 4   304 91  HOH HOH A . 
G 5 HOH 5   305 60  HOH HOH A . 
G 5 HOH 6   306 48  HOH HOH A . 
G 5 HOH 7   307 7   HOH HOH A . 
G 5 HOH 8   308 93  HOH HOH A . 
G 5 HOH 9   309 123 HOH HOH A . 
G 5 HOH 10  310 116 HOH HOH A . 
G 5 HOH 11  311 29  HOH HOH A . 
G 5 HOH 12  312 20  HOH HOH A . 
G 5 HOH 13  313 76  HOH HOH A . 
G 5 HOH 14  314 56  HOH HOH A . 
G 5 HOH 15  315 73  HOH HOH A . 
G 5 HOH 16  316 4   HOH HOH A . 
G 5 HOH 17  317 114 HOH HOH A . 
G 5 HOH 18  318 45  HOH HOH A . 
G 5 HOH 19  319 66  HOH HOH A . 
G 5 HOH 20  320 95  HOH HOH A . 
G 5 HOH 21  321 51  HOH HOH A . 
G 5 HOH 22  322 100 HOH HOH A . 
G 5 HOH 23  323 24  HOH HOH A . 
G 5 HOH 24  324 98  HOH HOH A . 
G 5 HOH 25  325 11  HOH HOH A . 
G 5 HOH 26  326 59  HOH HOH A . 
G 5 HOH 27  327 82  HOH HOH A . 
G 5 HOH 28  328 55  HOH HOH A . 
G 5 HOH 29  329 90  HOH HOH A . 
G 5 HOH 30  330 68  HOH HOH A . 
G 5 HOH 31  331 84  HOH HOH A . 
G 5 HOH 32  332 25  HOH HOH A . 
G 5 HOH 33  333 32  HOH HOH A . 
G 5 HOH 34  334 74  HOH HOH A . 
G 5 HOH 35  335 34  HOH HOH A . 
G 5 HOH 36  336 121 HOH HOH A . 
G 5 HOH 37  337 57  HOH HOH A . 
G 5 HOH 38  338 15  HOH HOH A . 
G 5 HOH 39  339 33  HOH HOH A . 
G 5 HOH 40  340 108 HOH HOH A . 
G 5 HOH 41  341 8   HOH HOH A . 
G 5 HOH 42  342 27  HOH HOH A . 
G 5 HOH 43  343 79  HOH HOH A . 
G 5 HOH 44  344 94  HOH HOH A . 
G 5 HOH 45  345 16  HOH HOH A . 
G 5 HOH 46  346 67  HOH HOH A . 
G 5 HOH 47  347 41  HOH HOH A . 
G 5 HOH 48  348 9   HOH HOH A . 
G 5 HOH 49  349 1   HOH HOH A . 
G 5 HOH 50  350 89  HOH HOH A . 
G 5 HOH 51  351 88  HOH HOH A . 
G 5 HOH 52  352 81  HOH HOH A . 
G 5 HOH 53  353 6   HOH HOH A . 
G 5 HOH 54  354 30  HOH HOH A . 
G 5 HOH 55  355 110 HOH HOH A . 
G 5 HOH 56  356 97  HOH HOH A . 
G 5 HOH 57  357 119 HOH HOH A . 
G 5 HOH 58  358 35  HOH HOH A . 
G 5 HOH 59  359 19  HOH HOH A . 
G 5 HOH 60  360 65  HOH HOH A . 
G 5 HOH 61  361 18  HOH HOH A . 
G 5 HOH 62  362 39  HOH HOH A . 
G 5 HOH 63  363 46  HOH HOH A . 
G 5 HOH 64  364 71  HOH HOH A . 
G 5 HOH 65  365 70  HOH HOH A . 
G 5 HOH 66  366 106 HOH HOH A . 
G 5 HOH 67  367 12  HOH HOH A . 
G 5 HOH 68  368 85  HOH HOH A . 
G 5 HOH 69  369 17  HOH HOH A . 
G 5 HOH 70  370 21  HOH HOH A . 
G 5 HOH 71  371 28  HOH HOH A . 
G 5 HOH 72  372 75  HOH HOH A . 
G 5 HOH 73  373 78  HOH HOH A . 
G 5 HOH 74  374 26  HOH HOH A . 
G 5 HOH 75  375 10  HOH HOH A . 
G 5 HOH 76  376 36  HOH HOH A . 
G 5 HOH 77  377 72  HOH HOH A . 
G 5 HOH 78  378 96  HOH HOH A . 
G 5 HOH 79  379 83  HOH HOH A . 
G 5 HOH 80  380 3   HOH HOH A . 
G 5 HOH 81  381 122 HOH HOH A . 
G 5 HOH 82  382 2   HOH HOH A . 
G 5 HOH 83  383 49  HOH HOH A . 
G 5 HOH 84  384 14  HOH HOH A . 
G 5 HOH 85  385 22  HOH HOH A . 
G 5 HOH 86  386 87  HOH HOH A . 
G 5 HOH 87  387 92  HOH HOH A . 
G 5 HOH 88  388 40  HOH HOH A . 
G 5 HOH 89  389 115 HOH HOH A . 
G 5 HOH 90  390 101 HOH HOH A . 
G 5 HOH 91  391 112 HOH HOH A . 
G 5 HOH 92  392 52  HOH HOH A . 
G 5 HOH 93  393 80  HOH HOH A . 
G 5 HOH 94  394 103 HOH HOH A . 
G 5 HOH 95  395 63  HOH HOH A . 
G 5 HOH 96  396 102 HOH HOH A . 
G 5 HOH 97  397 109 HOH HOH A . 
G 5 HOH 98  398 23  HOH HOH A . 
G 5 HOH 99  399 107 HOH HOH A . 
G 5 HOH 100 400 118 HOH HOH A . 
G 5 HOH 101 401 111 HOH HOH A . 
G 5 HOH 102 402 125 HOH HOH A . 
G 5 HOH 103 403 50  HOH HOH A . 
G 5 HOH 104 404 38  HOH HOH A . 
G 5 HOH 105 405 69  HOH HOH A . 
G 5 HOH 106 406 105 HOH HOH A . 
G 5 HOH 107 407 43  HOH HOH A . 
G 5 HOH 108 408 47  HOH HOH A . 
G 5 HOH 109 409 13  HOH HOH A . 
G 5 HOH 110 410 54  HOH HOH A . 
G 5 HOH 111 411 53  HOH HOH A . 
G 5 HOH 112 412 120 HOH HOH A . 
G 5 HOH 113 413 64  HOH HOH A . 
G 5 HOH 114 414 124 HOH HOH A . 
G 5 HOH 115 415 61  HOH HOH A . 
G 5 HOH 116 416 104 HOH HOH A . 
G 5 HOH 117 417 113 HOH HOH A . 
G 5 HOH 118 418 117 HOH HOH A . 
# 
loop_
_software.classification 
_software.name 
_software.version 
_software.citation_id 
_software.pdbx_ordinal 
refinement       REFMAC  5.8.0267 ? 1 
refinement       REFMAC5 .        ? 2 
'data scaling'   Aimless .        ? 3 
phasing          PHASER  .        ? 4 
'data reduction' XDS     .        ? 5 
# 
_cell.entry_id           7H3A 
_cell.length_a           72.601 
_cell.length_b           60.716 
_cell.length_c           32.380 
_cell.angle_alpha        90.00 
_cell.angle_beta         93.33 
_cell.angle_gamma        90.00 
_cell.Z_PDB              4 
_cell.pdbx_unique_axis   ? 
# 
_symmetry.entry_id                         7H3A 
_symmetry.space_group_name_H-M             'C 1 2 1' 
_symmetry.pdbx_full_space_group_name_H-M   ? 
_symmetry.cell_setting                     ? 
_symmetry.Int_Tables_number                5 
# 
_exptl.entry_id          7H3A 
_exptl.method            'X-RAY DIFFRACTION' 
_exptl.crystals_number   1 
# 
_exptl_crystal.id                    1 
_exptl_crystal.density_meas          ? 
_exptl_crystal.density_Matthews      2.16 
_exptl_crystal.density_percent_sol   43.05 
_exptl_crystal.description           ? 
# 
_exptl_crystal_grow.crystal_id      1 
_exptl_crystal_grow.method          'VAPOR DIFFUSION, SITTING DROP' 
_exptl_crystal_grow.pH              6.05 
_exptl_crystal_grow.temp            293.15 
_exptl_crystal_grow.pdbx_details    '0.1 M MES, pH 6.05, 16 % PEG 20,000' 
_exptl_crystal_grow.temp_details    ? 
_exptl_crystal_grow.pdbx_pH_range   ? 
# 
_diffrn.id                     1 
_diffrn.ambient_temp           100 
_diffrn.crystal_id             1 
_diffrn.ambient_temp_details   ? 
# 
_diffrn_detector.detector               PIXEL 
_diffrn_detector.type                   'DECTRIS EIGER2 XE 16M' 
_diffrn_detector.pdbx_collection_date   2023-10-10 
_diffrn_detector.diffrn_id              1 
_diffrn_detector.details                ? 
# 
_diffrn_radiation.diffrn_id                        1 
_diffrn_radiation.wavelength_id                    1 
_diffrn_radiation.pdbx_diffrn_protocol             'SINGLE WAVELENGTH' 
_diffrn_radiation.pdbx_monochromatic_or_laue_m_l   ? 
_diffrn_radiation.monochromator                    ? 
_diffrn_radiation.pdbx_scattering_type             x-ray 
# 
_diffrn_radiation_wavelength.id           1 
_diffrn_radiation_wavelength.wavelength   0.94055 
_diffrn_radiation_wavelength.wt           1.0 
# 
_diffrn_source.diffrn_id                   1 
_diffrn_source.source                      SYNCHROTRON 
_diffrn_source.type                        'DIAMOND BEAMLINE I03' 
_diffrn_source.pdbx_wavelength_list        0.94055 
_diffrn_source.pdbx_synchrotron_site       Diamond 
_diffrn_source.pdbx_synchrotron_beamline   I03 
_diffrn_source.pdbx_wavelength             ? 
# 
_reflns.entry_id                     7H3A 
_reflns.pdbx_diffrn_id               1 
_reflns.pdbx_ordinal                 1 
_reflns.d_resolution_low             46.55 
_reflns.d_resolution_high            1.36 
_reflns.number_obs                   29945 
_reflns.percent_possible_obs         99.3 
_reflns.pdbx_Rmerge_I_obs            0.120 
_reflns.pdbx_netI_over_sigmaI        9.8 
_reflns.pdbx_redundancy              6.9 
_reflns.pdbx_Rrim_I_all              0.131 
_reflns.pdbx_Rpim_I_all              0.050 
_reflns.pdbx_CC_half                 0.996 
_reflns.pdbx_number_measured_all     205704 
_reflns.pdbx_chi_squared             0.77 
_reflns.observed_criterion_sigma_I   ? 
_reflns.observed_criterion_sigma_F   ? 
_reflns.number_all                   ? 
_reflns.pdbx_Rsym_value              ? 
_reflns.B_iso_Wilson_estimate        ? 
# 
_reflns_shell.pdbx_diffrn_id              1 
_reflns_shell.pdbx_ordinal                1 
_reflns_shell.d_res_high                  1.36 
_reflns_shell.d_res_low                   1.38 
_reflns_shell.number_measured_all         9155 
_reflns_shell.number_unique_obs           1443 
_reflns_shell.Rmerge_I_obs                2.606 
_reflns_shell.pdbx_chi_squared            0.40 
_reflns_shell.pdbx_redundancy             6.3 
_reflns_shell.percent_possible_obs        98.1 
_reflns_shell.pdbx_netI_over_sigmaI_obs   0.5 
_reflns_shell.pdbx_Rrim_I_all             2.837 
_reflns_shell.pdbx_Rpim_I_all             1.105 
_reflns_shell.pdbx_CC_half                0.263 
_reflns_shell.percent_possible_all        ? 
_reflns_shell.pdbx_Rsym_value             ? 
_reflns_shell.meanI_over_sigI_obs         ? 
# 
_refine.pdbx_refine_id                           'X-RAY DIFFRACTION' 
_refine.entry_id                                 7H3A 
_refine.pdbx_diffrn_id                           1 
_refine.pdbx_TLS_residual_ADP_flag               ? 
_refine.ls_number_reflns_obs                     28390 
_refine.ls_number_reflns_all                     ? 
_refine.pdbx_ls_sigma_I                          ? 
_refine.pdbx_ls_sigma_F                          ? 
_refine.pdbx_data_cutoff_high_absF               ? 
_refine.pdbx_data_cutoff_low_absF                ? 
_refine.pdbx_data_cutoff_high_rms_absF           ? 
_refine.ls_d_res_low                             46.54 
_refine.ls_d_res_high                            1.36 
_refine.ls_percent_reflns_obs                    98.64 
_refine.ls_R_factor_obs                          0.22405 
_refine.ls_R_factor_all                          ? 
_refine.ls_R_factor_R_work                       0.22238 
_refine.ls_R_factor_R_free                       0.26167 
_refine.ls_R_factor_R_free_error                 ? 
_refine.ls_R_factor_R_free_error_details         ? 
_refine.ls_percent_reflns_R_free                 4.7 
_refine.ls_number_reflns_R_free                  1403 
_refine.ls_number_parameters                     ? 
_refine.ls_number_restraints                     ? 
_refine.occupancy_min                            ? 
_refine.occupancy_max                            ? 
_refine.correlation_coeff_Fo_to_Fc               0.958 
_refine.correlation_coeff_Fo_to_Fc_free          0.937 
_refine.B_iso_mean                               26.852 
_refine.aniso_B[1][1]                            0.29 
_refine.aniso_B[2][2]                            0.05 
_refine.aniso_B[3][3]                            -0.29 
_refine.aniso_B[1][2]                            -0.00 
_refine.aniso_B[1][3]                            -0.34 
_refine.aniso_B[2][3]                            -0.00 
_refine.solvent_model_details                    MASK 
_refine.solvent_model_param_ksol                 ? 
_refine.solvent_model_param_bsol                 ? 
_refine.pdbx_solvent_vdw_probe_radii             1.20 
_refine.pdbx_solvent_ion_probe_radii             0.80 
_refine.pdbx_solvent_shrinkage_radii             0.80 
_refine.pdbx_ls_cross_valid_method               THROUGHOUT 
_refine.details                                  'HYDROGENS HAVE BEEN ADDED IN THE RIDING POSITIONS' 
_refine.pdbx_starting_model                      ? 
_refine.pdbx_method_to_determine_struct          'MOLECULAR REPLACEMENT' 
_refine.pdbx_isotropic_thermal_model             ? 
_refine.pdbx_stereochemistry_target_values       'MAXIMUM LIKELIHOOD' 
_refine.pdbx_stereochem_target_val_spec_case     ? 
_refine.pdbx_R_Free_selection_details            RANDOM 
_refine.pdbx_overall_ESU_R                       0.094 
_refine.pdbx_overall_ESU_R_Free                  0.094 
_refine.overall_SU_ML                            0.108 
_refine.pdbx_overall_phase_error                 ? 
_refine.overall_SU_B                             2.947 
_refine.overall_SU_R_Cruickshank_DPI             ? 
_refine.pdbx_overall_SU_R_free_Cruickshank_DPI   ? 
_refine.pdbx_overall_SU_R_Blow_DPI               ? 
_refine.pdbx_overall_SU_R_free_Blow_DPI          ? 
# 
_refine_hist.pdbx_refine_id                   'X-RAY DIFFRACTION' 
_refine_hist.cycle_id                         1 
_refine_hist.pdbx_number_atoms_protein        1074 
_refine_hist.pdbx_number_atoms_nucleic_acid   0 
_refine_hist.pdbx_number_atoms_ligand         53 
_refine_hist.number_atoms_solvent             118 
_refine_hist.number_atoms_total               1245 
_refine_hist.d_res_high                       1.36 
_refine_hist.d_res_low                        46.54 
# 
loop_
_refine_ls_restr.type 
_refine_ls_restr.dev_ideal 
_refine_ls_restr.dev_ideal_target 
_refine_ls_restr.weight 
_refine_ls_restr.number 
_refine_ls_restr.pdbx_refine_id 
_refine_ls_restr.pdbx_restraint_function 
r_bond_refined_d             0.008  0.014  ? 2287 'X-RAY DIFFRACTION' ? 
r_bond_other_d               0.001  0.015  ? 1523 'X-RAY DIFFRACTION' ? 
r_angle_refined_deg          1.417  1.617  ? 2462 'X-RAY DIFFRACTION' ? 
r_angle_other_deg            1.295  1.644  ? 3507 'X-RAY DIFFRACTION' ? 
r_dihedral_angle_1_deg       6.953  5.000  ? 218  'X-RAY DIFFRACTION' ? 
r_dihedral_angle_2_deg       30.712 20.686 ? 102  'X-RAY DIFFRACTION' ? 
r_dihedral_angle_3_deg       16.164 15.000 ? 243  'X-RAY DIFFRACTION' ? 
r_dihedral_angle_4_deg       16.495 15.000 ? 15   'X-RAY DIFFRACTION' ? 
r_chiral_restr               0.063  0.200  ? 207  'X-RAY DIFFRACTION' ? 
r_gen_planes_refined         0.008  0.020  ? 2324 'X-RAY DIFFRACTION' ? 
r_gen_planes_other           0.003  0.020  ? 462  'X-RAY DIFFRACTION' ? 
r_nbd_refined                ?      ?      ? ?    'X-RAY DIFFRACTION' ? 
r_nbd_other                  ?      ?      ? ?    'X-RAY DIFFRACTION' ? 
r_nbtor_refined              ?      ?      ? ?    'X-RAY DIFFRACTION' ? 
r_nbtor_other                ?      ?      ? ?    'X-RAY DIFFRACTION' ? 
r_xyhbond_nbd_refined        ?      ?      ? ?    'X-RAY DIFFRACTION' ? 
r_xyhbond_nbd_other          ?      ?      ? ?    'X-RAY DIFFRACTION' ? 
r_metal_ion_refined          ?      ?      ? ?    'X-RAY DIFFRACTION' ? 
r_metal_ion_other            ?      ?      ? ?    'X-RAY DIFFRACTION' ? 
r_symmetry_vdw_refined       ?      ?      ? ?    'X-RAY DIFFRACTION' ? 
r_symmetry_vdw_other         ?      ?      ? ?    'X-RAY DIFFRACTION' ? 
r_symmetry_hbond_refined     ?      ?      ? ?    'X-RAY DIFFRACTION' ? 
r_symmetry_hbond_other       ?      ?      ? ?    'X-RAY DIFFRACTION' ? 
r_symmetry_metal_ion_refined ?      ?      ? ?    'X-RAY DIFFRACTION' ? 
r_symmetry_metal_ion_other   ?      ?      ? ?    'X-RAY DIFFRACTION' ? 
r_mcbond_it                  1.401  2.784  ? 1076 'X-RAY DIFFRACTION' ? 
r_mcbond_other               1.452  2.738  ? 1002 'X-RAY DIFFRACTION' ? 
r_mcangle_it                 2.674  3.817  ? 1062 'X-RAY DIFFRACTION' ? 
r_mcangle_other              2.623  3.803  ? 1057 'X-RAY DIFFRACTION' ? 
r_scbond_it                  1.690  3.182  ? 1209 'X-RAY DIFFRACTION' ? 
r_scbond_other               1.695  3.163  ? 1199 'X-RAY DIFFRACTION' ? 
r_scangle_it                 ?      ?      ? ?    'X-RAY DIFFRACTION' ? 
r_scangle_other              2.752  4.407  ? 1389 'X-RAY DIFFRACTION' ? 
r_long_range_B_refined       5.671  29.991 ? 1934 'X-RAY DIFFRACTION' ? 
r_long_range_B_other         5.736  29.808 ? 1904 'X-RAY DIFFRACTION' ? 
r_rigid_bond_restr           ?      ?      ? ?    'X-RAY DIFFRACTION' ? 
r_sphericity_free            ?      ?      ? ?    'X-RAY DIFFRACTION' ? 
r_sphericity_bonded          ?      ?      ? ?    'X-RAY DIFFRACTION' ? 
# 
_refine_ls_shell.pdbx_refine_id                   'X-RAY DIFFRACTION' 
_refine_ls_shell.pdbx_total_number_of_bins_used   20 
_refine_ls_shell.d_res_high                       1.360 
_refine_ls_shell.d_res_low                        1.395 
_refine_ls_shell.number_reflns_R_work             1942 
_refine_ls_shell.R_factor_R_work                  0.364 
_refine_ls_shell.percent_reflns_obs               92.00 
_refine_ls_shell.R_factor_R_free                  0.406 
_refine_ls_shell.R_factor_R_free_error            ? 
_refine_ls_shell.percent_reflns_R_free            ? 
_refine_ls_shell.number_reflns_R_free             106 
_refine_ls_shell.number_reflns_all                ? 
_refine_ls_shell.R_factor_all                     ? 
# 
_struct.entry_id                  7H3A 
_struct.title                     
;Group deposition for crystallographic fragment screening of Coxsackievirus A16 (G-10) 2A protease -- Crystal structure of Coxsackievirus A16 (G-10) 2A protease in complex with Z53860899 (A71EV2A-x0351)
;
_struct.pdbx_model_details        ? 
_struct.pdbx_CASP_flag            ? 
_struct.pdbx_model_type_details   ? 
# 
_struct_keywords.entry_id        7H3A 
_struct_keywords.pdbx_keywords   HYDROLASE 
_struct_keywords.text            
;Diamond Light Source, I03, ASAP, Coxsackievirus A16, crystallographic fragment screening, PanDDA, Pandda2, XChemExplorer, viral protein, HYDROLASE
;
# 
loop_
_struct_asym.id 
_struct_asym.pdbx_blank_PDB_chainid_flag 
_struct_asym.pdbx_modified 
_struct_asym.entity_id 
_struct_asym.details 
A N N 1 ? 
B N N 2 ? 
C N N 2 ? 
D N N 2 ? 
E N N 3 ? 
F N N 4 ? 
G N N 5 ? 
# 
_struct_ref.id                         1 
_struct_ref.db_name                    UNP 
_struct_ref.db_code                    POLG_CX16G 
_struct_ref.pdbx_db_accession          Q65900 
_struct_ref.pdbx_db_isoform            ? 
_struct_ref.entity_id                  1 
_struct_ref.pdbx_seq_one_letter_code   
;SGAIYVGNYRVVNRHLATHNDWANLVWEDSSRDLLVSSTTAQGCDTIARCDCQTGVYYCSSRRKHYPVSFSKPSLIFVEA
SEYYPARYQSHLMLAVGHSEPGDCGGILRCQHGVVGIVSTGGNGLVGFADVRDLLWLDEEAMEQ
;
_struct_ref.pdbx_align_begin           869 
# 
_struct_ref_seq.align_id                      1 
_struct_ref_seq.ref_id                        1 
_struct_ref_seq.pdbx_PDB_id_code              7H3A 
_struct_ref_seq.pdbx_strand_id                A 
_struct_ref_seq.seq_align_beg                 7 
_struct_ref_seq.pdbx_seq_align_beg_ins_code   ? 
_struct_ref_seq.seq_align_end                 150 
_struct_ref_seq.pdbx_seq_align_end_ins_code   ? 
_struct_ref_seq.pdbx_db_accession             Q65900 
_struct_ref_seq.db_align_beg                  869 
_struct_ref_seq.pdbx_db_align_beg_ins_code    ? 
_struct_ref_seq.db_align_end                  1012 
_struct_ref_seq.pdbx_db_align_end_ins_code    ? 
_struct_ref_seq.pdbx_auth_seq_align_beg       7 
_struct_ref_seq.pdbx_auth_seq_align_end       150 
# 
loop_
_struct_ref_seq_dif.align_id 
_struct_ref_seq_dif.pdbx_pdb_id_code 
_struct_ref_seq_dif.mon_id 
_struct_ref_seq_dif.pdbx_pdb_strand_id 
_struct_ref_seq_dif.seq_num 
_struct_ref_seq_dif.pdbx_pdb_ins_code 
_struct_ref_seq_dif.pdbx_seq_db_name 
_struct_ref_seq_dif.pdbx_seq_db_accession_code 
_struct_ref_seq_dif.db_mon_id 
_struct_ref_seq_dif.pdbx_seq_db_seq_num 
_struct_ref_seq_dif.details 
_struct_ref_seq_dif.pdbx_auth_seq_num 
_struct_ref_seq_dif.pdbx_ordinal 
1 7H3A GLN A 1 ? UNP Q65900 ? ? 'expression tag' 1 1 
1 7H3A GLU A 2 ? UNP Q65900 ? ? 'expression tag' 2 2 
1 7H3A GLN A 3 ? UNP Q65900 ? ? 'expression tag' 3 3 
1 7H3A THR A 4 ? UNP Q65900 ? ? 'expression tag' 4 4 
1 7H3A GLY A 5 ? UNP Q65900 ? ? 'expression tag' 5 5 
1 7H3A GLY A 6 ? UNP Q65900 ? ? 'expression tag' 6 6 
# 
_pdbx_struct_assembly.id                   1 
_pdbx_struct_assembly.details              author_and_software_defined_assembly 
_pdbx_struct_assembly.method_details       PISA 
_pdbx_struct_assembly.oligomeric_details   monomeric 
_pdbx_struct_assembly.oligomeric_count     1 
# 
loop_
_pdbx_struct_assembly_prop.biol_id 
_pdbx_struct_assembly_prop.type 
_pdbx_struct_assembly_prop.value 
_pdbx_struct_assembly_prop.details 
1 'ABSA (A^2)' 130  ? 
1 MORE         -0   ? 
1 'SSA (A^2)'  7450 ? 
# 
_pdbx_struct_assembly_gen.assembly_id       1 
_pdbx_struct_assembly_gen.oper_expression   1 
_pdbx_struct_assembly_gen.asym_id_list      A,B,C,D,E,F,G 
# 
_pdbx_struct_oper_list.id                   1 
_pdbx_struct_oper_list.type                 'identity operation' 
_pdbx_struct_oper_list.name                 1_555 
_pdbx_struct_oper_list.symmetry_operation   x,y,z 
_pdbx_struct_oper_list.matrix[1][1]         1.0000000000 
_pdbx_struct_oper_list.matrix[1][2]         0.0000000000 
_pdbx_struct_oper_list.matrix[1][3]         0.0000000000 
_pdbx_struct_oper_list.vector[1]            0.0000000000 
_pdbx_struct_oper_list.matrix[2][1]         0.0000000000 
_pdbx_struct_oper_list.matrix[2][2]         1.0000000000 
_pdbx_struct_oper_list.matrix[2][3]         0.0000000000 
_pdbx_struct_oper_list.vector[2]            0.0000000000 
_pdbx_struct_oper_list.matrix[3][1]         0.0000000000 
_pdbx_struct_oper_list.matrix[3][2]         0.0000000000 
_pdbx_struct_oper_list.matrix[3][3]         1.0000000000 
_pdbx_struct_oper_list.vector[3]            0.0000000000 
# 
loop_
_struct_conf.conf_type_id 
_struct_conf.id 
_struct_conf.pdbx_PDB_helix_id 
_struct_conf.beg_label_comp_id 
_struct_conf.beg_label_asym_id 
_struct_conf.beg_label_seq_id 
_struct_conf.pdbx_beg_PDB_ins_code 
_struct_conf.end_label_comp_id 
_struct_conf.end_label_asym_id 
_struct_conf.end_label_seq_id 
_struct_conf.pdbx_end_PDB_ins_code 
_struct_conf.beg_auth_comp_id 
_struct_conf.beg_auth_asym_id 
_struct_conf.beg_auth_seq_id 
_struct_conf.end_auth_comp_id 
_struct_conf.end_auth_asym_id 
_struct_conf.end_auth_seq_id 
_struct_conf.pdbx_PDB_helix_class 
_struct_conf.details 
_struct_conf.pdbx_PDB_helix_length 
HELX_P HELX_P1 AA1 HIS A 21  ? ALA A 23  ? HIS A 21  ALA A 23  5 ? 3 
HELX_P HELX_P2 AA2 THR A 24  ? ASN A 30  ? THR A 24  ASN A 30  1 ? 7 
HELX_P HELX_P3 AA3 SER A 66  ? ARG A 69  ? SER A 66  ARG A 69  5 ? 4 
HELX_P HELX_P4 AA4 GLU A 106 ? CYS A 110 ? GLU A 106 CYS A 110 5 ? 5 
HELX_P HELX_P5 AA5 LEU A 140 ? GLU A 145 ? LEU A 140 GLU A 145 5 ? 6 
# 
_struct_conf_type.id          HELX_P 
_struct_conf_type.criteria    ? 
_struct_conf_type.reference   ? 
# 
loop_
_struct_conn.id 
_struct_conn.conn_type_id 
_struct_conn.pdbx_leaving_atom_flag 
_struct_conn.pdbx_PDB_id 
_struct_conn.ptnr1_label_asym_id 
_struct_conn.ptnr1_label_comp_id 
_struct_conn.ptnr1_label_seq_id 
_struct_conn.ptnr1_label_atom_id 
_struct_conn.pdbx_ptnr1_label_alt_id 
_struct_conn.pdbx_ptnr1_PDB_ins_code 
_struct_conn.pdbx_ptnr1_standard_comp_id 
_struct_conn.ptnr1_symmetry 
_struct_conn.ptnr2_label_asym_id 
_struct_conn.ptnr2_label_comp_id 
_struct_conn.ptnr2_label_seq_id 
_struct_conn.ptnr2_label_atom_id 
_struct_conn.pdbx_ptnr2_label_alt_id 
_struct_conn.pdbx_ptnr2_PDB_ins_code 
_struct_conn.ptnr1_auth_asym_id 
_struct_conn.ptnr1_auth_comp_id 
_struct_conn.ptnr1_auth_seq_id 
_struct_conn.ptnr2_auth_asym_id 
_struct_conn.ptnr2_auth_comp_id 
_struct_conn.ptnr2_auth_seq_id 
_struct_conn.ptnr2_symmetry 
_struct_conn.pdbx_ptnr3_label_atom_id 
_struct_conn.pdbx_ptnr3_label_seq_id 
_struct_conn.pdbx_ptnr3_label_comp_id 
_struct_conn.pdbx_ptnr3_label_asym_id 
_struct_conn.pdbx_ptnr3_label_alt_id 
_struct_conn.pdbx_ptnr3_PDB_ins_code 
_struct_conn.details 
_struct_conn.pdbx_dist_value 
_struct_conn.pdbx_value_order 
_struct_conn.pdbx_role 
metalc1 metalc ? ? A CYS 56  SG  ? ? ? 1_555 E ZN . ZN ? ? A CYS 56  A ZN 204 1_555 ? ? ? ? ? ? ? 2.333 ? ? 
metalc2 metalc ? ? A CYS 58  SG  ? ? ? 1_555 E ZN . ZN ? ? A CYS 58  A ZN 204 1_555 ? ? ? ? ? ? ? 2.263 ? ? 
metalc3 metalc ? ? A CYS 116 SG  ? ? ? 1_555 E ZN . ZN ? ? A CYS 116 A ZN 204 1_555 ? ? ? ? ? ? ? 2.280 ? ? 
metalc4 metalc ? ? A HIS 118 ND1 ? ? ? 1_555 E ZN . ZN ? ? A HIS 118 A ZN 204 1_555 ? ? ? ? ? ? ? 2.062 ? ? 
# 
_struct_conn_type.id          metalc 
_struct_conn_type.criteria    ? 
_struct_conn_type.reference   ? 
# 
loop_
_pdbx_struct_conn_angle.id 
_pdbx_struct_conn_angle.ptnr1_label_atom_id 
_pdbx_struct_conn_angle.ptnr1_label_alt_id 
_pdbx_struct_conn_angle.ptnr1_label_asym_id 
_pdbx_struct_conn_angle.ptnr1_label_comp_id 
_pdbx_struct_conn_angle.ptnr1_label_seq_id 
_pdbx_struct_conn_angle.ptnr1_auth_atom_id 
_pdbx_struct_conn_angle.ptnr1_auth_asym_id 
_pdbx_struct_conn_angle.ptnr1_auth_comp_id 
_pdbx_struct_conn_angle.ptnr1_auth_seq_id 
_pdbx_struct_conn_angle.ptnr1_PDB_ins_code 
_pdbx_struct_conn_angle.ptnr1_symmetry 
_pdbx_struct_conn_angle.ptnr2_label_atom_id 
_pdbx_struct_conn_angle.ptnr2_label_alt_id 
_pdbx_struct_conn_angle.ptnr2_label_asym_id 
_pdbx_struct_conn_angle.ptnr2_label_comp_id 
_pdbx_struct_conn_angle.ptnr2_label_seq_id 
_pdbx_struct_conn_angle.ptnr2_auth_atom_id 
_pdbx_struct_conn_angle.ptnr2_auth_asym_id 
_pdbx_struct_conn_angle.ptnr2_auth_comp_id 
_pdbx_struct_conn_angle.ptnr2_auth_seq_id 
_pdbx_struct_conn_angle.ptnr2_PDB_ins_code 
_pdbx_struct_conn_angle.ptnr2_symmetry 
_pdbx_struct_conn_angle.ptnr3_label_atom_id 
_pdbx_struct_conn_angle.ptnr3_label_alt_id 
_pdbx_struct_conn_angle.ptnr3_label_asym_id 
_pdbx_struct_conn_angle.ptnr3_label_comp_id 
_pdbx_struct_conn_angle.ptnr3_label_seq_id 
_pdbx_struct_conn_angle.ptnr3_auth_atom_id 
_pdbx_struct_conn_angle.ptnr3_auth_asym_id 
_pdbx_struct_conn_angle.ptnr3_auth_comp_id 
_pdbx_struct_conn_angle.ptnr3_auth_seq_id 
_pdbx_struct_conn_angle.ptnr3_PDB_ins_code 
_pdbx_struct_conn_angle.ptnr3_symmetry 
_pdbx_struct_conn_angle.value 
_pdbx_struct_conn_angle.value_esd 
1 SG ? A CYS 56  ? A CYS 56  ? 1_555 ZN ? E ZN . ? A ZN 204 ? 1_555 SG  ? A CYS 58  ? A CYS 58  ? 1_555 108.8 ? 
2 SG ? A CYS 56  ? A CYS 56  ? 1_555 ZN ? E ZN . ? A ZN 204 ? 1_555 SG  ? A CYS 116 ? A CYS 116 ? 1_555 106.5 ? 
3 SG ? A CYS 58  ? A CYS 58  ? 1_555 ZN ? E ZN . ? A ZN 204 ? 1_555 SG  ? A CYS 116 ? A CYS 116 ? 1_555 118.5 ? 
4 SG ? A CYS 56  ? A CYS 56  ? 1_555 ZN ? E ZN . ? A ZN 204 ? 1_555 ND1 ? A HIS 118 ? A HIS 118 ? 1_555 104.5 ? 
5 SG ? A CYS 58  ? A CYS 58  ? 1_555 ZN ? E ZN . ? A ZN 204 ? 1_555 ND1 ? A HIS 118 ? A HIS 118 ? 1_555 101.2 ? 
6 SG ? A CYS 116 ? A CYS 116 ? 1_555 ZN ? E ZN . ? A ZN 204 ? 1_555 ND1 ? A HIS 118 ? A HIS 118 ? 1_555 116.4 ? 
# 
loop_
_struct_sheet.id 
_struct_sheet.type 
_struct_sheet.number_strands 
_struct_sheet.details 
AA1 ? 3 ? 
AA2 ? 7 ? 
# 
loop_
_struct_sheet_order.sheet_id 
_struct_sheet_order.range_id_1 
_struct_sheet_order.range_id_2 
_struct_sheet_order.offset 
_struct_sheet_order.sense 
AA1 1 2 ? anti-parallel 
AA1 2 3 ? anti-parallel 
AA2 1 2 ? anti-parallel 
AA2 2 3 ? anti-parallel 
AA2 3 4 ? anti-parallel 
AA2 4 5 ? anti-parallel 
AA2 5 6 ? anti-parallel 
AA2 6 7 ? anti-parallel 
# 
loop_
_struct_sheet_range.sheet_id 
_struct_sheet_range.id 
_struct_sheet_range.beg_label_comp_id 
_struct_sheet_range.beg_label_asym_id 
_struct_sheet_range.beg_label_seq_id 
_struct_sheet_range.pdbx_beg_PDB_ins_code 
_struct_sheet_range.end_label_comp_id 
_struct_sheet_range.end_label_asym_id 
_struct_sheet_range.end_label_seq_id 
_struct_sheet_range.pdbx_end_PDB_ins_code 
_struct_sheet_range.beg_auth_comp_id 
_struct_sheet_range.beg_auth_asym_id 
_struct_sheet_range.beg_auth_seq_id 
_struct_sheet_range.end_auth_comp_id 
_struct_sheet_range.end_auth_asym_id 
_struct_sheet_range.end_auth_seq_id 
AA1 1 LEU A 31  ? ASP A 35  ? LEU A 31  ASP A 35  
AA1 2 LEU A 40  ? CYS A 50  ? LEU A 40  CYS A 50  
AA1 3 ILE A 10  ? ASN A 19  ? ILE A 10  ASN A 19  
AA2 1 LYS A 70  ? SER A 75  ? LYS A 70  SER A 75  
AA2 2 THR A 60  ? CYS A 65  ? THR A 60  CYS A 65  
AA2 3 ILE A 113 ? CYS A 116 ? ILE A 113 CYS A 116 
AA2 4 GLY A 119 ? GLY A 128 ? GLY A 119 GLY A 128 
AA2 5 LEU A 131 ? ASP A 136 ? LEU A 131 ASP A 136 
AA2 6 ARG A 93  ? VAL A 102 ? ARG A 93  VAL A 102 
AA2 7 SER A 80  ? VAL A 84  ? SER A 80  VAL A 84  
# 
loop_
_pdbx_struct_sheet_hbond.sheet_id 
_pdbx_struct_sheet_hbond.range_id_1 
_pdbx_struct_sheet_hbond.range_id_2 
_pdbx_struct_sheet_hbond.range_1_label_atom_id 
_pdbx_struct_sheet_hbond.range_1_label_comp_id 
_pdbx_struct_sheet_hbond.range_1_label_asym_id 
_pdbx_struct_sheet_hbond.range_1_label_seq_id 
_pdbx_struct_sheet_hbond.range_1_PDB_ins_code 
_pdbx_struct_sheet_hbond.range_1_auth_atom_id 
_pdbx_struct_sheet_hbond.range_1_auth_comp_id 
_pdbx_struct_sheet_hbond.range_1_auth_asym_id 
_pdbx_struct_sheet_hbond.range_1_auth_seq_id 
_pdbx_struct_sheet_hbond.range_2_label_atom_id 
_pdbx_struct_sheet_hbond.range_2_label_comp_id 
_pdbx_struct_sheet_hbond.range_2_label_asym_id 
_pdbx_struct_sheet_hbond.range_2_label_seq_id 
_pdbx_struct_sheet_hbond.range_2_PDB_ins_code 
_pdbx_struct_sheet_hbond.range_2_auth_atom_id 
_pdbx_struct_sheet_hbond.range_2_auth_comp_id 
_pdbx_struct_sheet_hbond.range_2_auth_asym_id 
_pdbx_struct_sheet_hbond.range_2_auth_seq_id 
AA1 1 2 N TRP A 33  ? N TRP A 33  O VAL A 42  ? O VAL A 42  
AA1 2 3 N GLY A 49  ? N GLY A 49  O GLY A 13  ? O GLY A 13  
AA2 1 2 O VAL A 74  ? O VAL A 74  N GLY A 61  ? N GLY A 61  
AA2 2 3 N VAL A 62  ? N VAL A 62  O ARG A 115 ? O ARG A 115 
AA2 3 4 N LEU A 114 ? N LEU A 114 O GLY A 122 ? O GLY A 122 
AA2 4 5 N SER A 125 ? N SER A 125 O GLY A 133 ? O GLY A 133 
AA2 5 6 O PHE A 134 ? O PHE A 134 N MET A 99  ? N MET A 99  
AA2 6 7 O ARG A 93  ? O ARG A 93  N VAL A 84  ? N VAL A 84  
# 
_pdbx_entry_details.entry_id                   7H3A 
_pdbx_entry_details.compound_details           ? 
_pdbx_entry_details.source_details             ? 
_pdbx_entry_details.nonpolymer_details         ? 
_pdbx_entry_details.sequence_details           ? 
_pdbx_entry_details.has_ligand_of_interest     ? 
_pdbx_entry_details.has_protein_modification   N 
# 
loop_
_pdbx_validate_close_contact.id 
_pdbx_validate_close_contact.PDB_model_num 
_pdbx_validate_close_contact.auth_atom_id_1 
_pdbx_validate_close_contact.auth_asym_id_1 
_pdbx_validate_close_contact.auth_comp_id_1 
_pdbx_validate_close_contact.auth_seq_id_1 
_pdbx_validate_close_contact.PDB_ins_code_1 
_pdbx_validate_close_contact.label_alt_id_1 
_pdbx_validate_close_contact.auth_atom_id_2 
_pdbx_validate_close_contact.auth_asym_id_2 
_pdbx_validate_close_contact.auth_comp_id_2 
_pdbx_validate_close_contact.auth_seq_id_2 
_pdbx_validate_close_contact.PDB_ins_code_2 
_pdbx_validate_close_contact.label_alt_id_2 
_pdbx_validate_close_contact.dist 
1 1 OD1 A ASP 144 ? ? O A HOH 301 ? ? 1.78 
2 1 O   A HOH 398 ? ? O A HOH 408 ? ? 2.11 
# 
_pdbx_validate_torsion.id              1 
_pdbx_validate_torsion.PDB_model_num   1 
_pdbx_validate_torsion.auth_comp_id    SER 
_pdbx_validate_torsion.auth_asym_id    A 
_pdbx_validate_torsion.auth_seq_id     125 
_pdbx_validate_torsion.PDB_ins_code    ? 
_pdbx_validate_torsion.label_alt_id    ? 
_pdbx_validate_torsion.phi             -134.73 
_pdbx_validate_torsion.psi             -32.41 
# 
loop_
_pdbx_struct_special_symmetry.id 
_pdbx_struct_special_symmetry.PDB_model_num 
_pdbx_struct_special_symmetry.auth_asym_id 
_pdbx_struct_special_symmetry.auth_comp_id 
_pdbx_struct_special_symmetry.auth_seq_id 
_pdbx_struct_special_symmetry.PDB_ins_code 
_pdbx_struct_special_symmetry.label_asym_id 
_pdbx_struct_special_symmetry.label_comp_id 
_pdbx_struct_special_symmetry.label_seq_id 
1 1 A HOH 310 ? G HOH . 
2 1 A HOH 379 ? G HOH . 
3 1 A HOH 395 ? G HOH . 
# 
loop_
_pdbx_unobs_or_zero_occ_residues.id 
_pdbx_unobs_or_zero_occ_residues.PDB_model_num 
_pdbx_unobs_or_zero_occ_residues.polymer_flag 
_pdbx_unobs_or_zero_occ_residues.occupancy_flag 
_pdbx_unobs_or_zero_occ_residues.auth_asym_id 
_pdbx_unobs_or_zero_occ_residues.auth_comp_id 
_pdbx_unobs_or_zero_occ_residues.auth_seq_id 
_pdbx_unobs_or_zero_occ_residues.PDB_ins_code 
_pdbx_unobs_or_zero_occ_residues.label_asym_id 
_pdbx_unobs_or_zero_occ_residues.label_comp_id 
_pdbx_unobs_or_zero_occ_residues.label_seq_id 
1  1 Y 1 A GLN 1   ? A GLN 1   
2  1 Y 1 A GLU 2   ? A GLU 2   
3  1 Y 1 A GLN 3   ? A GLN 3   
4  1 Y 1 A THR 4   ? A THR 4   
5  1 Y 1 A GLY 5   ? A GLY 5   
6  1 Y 1 A GLY 6   ? A GLY 6   
7  1 Y 1 A GLU 146 ? A GLU 146 
8  1 Y 1 A ALA 147 ? A ALA 147 
9  1 Y 1 A MET 148 ? A MET 148 
10 1 Y 1 A GLU 149 ? A GLU 149 
11 1 Y 1 A GLN 150 ? A GLN 150 
# 
loop_
_chem_comp_atom.comp_id 
_chem_comp_atom.atom_id 
_chem_comp_atom.type_symbol 
_chem_comp_atom.pdbx_aromatic_flag 
_chem_comp_atom.pdbx_stereo_config 
_chem_comp_atom.pdbx_ordinal 
ALA N    N  N N 1   
ALA CA   C  N S 2   
ALA C    C  N N 3   
ALA O    O  N N 4   
ALA CB   C  N N 5   
ALA OXT  O  N N 6   
ALA H    H  N N 7   
ALA H2   H  N N 8   
ALA HA   H  N N 9   
ALA HB1  H  N N 10  
ALA HB2  H  N N 11  
ALA HB3  H  N N 12  
ALA HXT  H  N N 13  
ARG N    N  N N 14  
ARG CA   C  N S 15  
ARG C    C  N N 16  
ARG O    O  N N 17  
ARG CB   C  N N 18  
ARG CG   C  N N 19  
ARG CD   C  N N 20  
ARG NE   N  N N 21  
ARG CZ   C  N N 22  
ARG NH1  N  N N 23  
ARG NH2  N  N N 24  
ARG OXT  O  N N 25  
ARG H    H  N N 26  
ARG H2   H  N N 27  
ARG HA   H  N N 28  
ARG HB2  H  N N 29  
ARG HB3  H  N N 30  
ARG HG2  H  N N 31  
ARG HG3  H  N N 32  
ARG HD2  H  N N 33  
ARG HD3  H  N N 34  
ARG HE   H  N N 35  
ARG HH11 H  N N 36  
ARG HH12 H  N N 37  
ARG HH21 H  N N 38  
ARG HH22 H  N N 39  
ARG HXT  H  N N 40  
ASN N    N  N N 41  
ASN CA   C  N S 42  
ASN C    C  N N 43  
ASN O    O  N N 44  
ASN CB   C  N N 45  
ASN CG   C  N N 46  
ASN OD1  O  N N 47  
ASN ND2  N  N N 48  
ASN OXT  O  N N 49  
ASN H    H  N N 50  
ASN H2   H  N N 51  
ASN HA   H  N N 52  
ASN HB2  H  N N 53  
ASN HB3  H  N N 54  
ASN HD21 H  N N 55  
ASN HD22 H  N N 56  
ASN HXT  H  N N 57  
ASP N    N  N N 58  
ASP CA   C  N S 59  
ASP C    C  N N 60  
ASP O    O  N N 61  
ASP CB   C  N N 62  
ASP CG   C  N N 63  
ASP OD1  O  N N 64  
ASP OD2  O  N N 65  
ASP OXT  O  N N 66  
ASP H    H  N N 67  
ASP H2   H  N N 68  
ASP HA   H  N N 69  
ASP HB2  H  N N 70  
ASP HB3  H  N N 71  
ASP HD2  H  N N 72  
ASP HXT  H  N N 73  
CYS N    N  N N 74  
CYS CA   C  N R 75  
CYS C    C  N N 76  
CYS O    O  N N 77  
CYS CB   C  N N 78  
CYS SG   S  N N 79  
CYS OXT  O  N N 80  
CYS H    H  N N 81  
CYS H2   H  N N 82  
CYS HA   H  N N 83  
CYS HB2  H  N N 84  
CYS HB3  H  N N 85  
CYS HG   H  N N 86  
CYS HXT  H  N N 87  
DMS S    S  N N 88  
DMS O    O  N N 89  
DMS C1   C  N N 90  
DMS C2   C  N N 91  
DMS H11  H  N N 92  
DMS H12  H  N N 93  
DMS H13  H  N N 94  
DMS H21  H  N N 95  
DMS H22  H  N N 96  
DMS H23  H  N N 97  
GLN N    N  N N 98  
GLN CA   C  N S 99  
GLN C    C  N N 100 
GLN O    O  N N 101 
GLN CB   C  N N 102 
GLN CG   C  N N 103 
GLN CD   C  N N 104 
GLN OE1  O  N N 105 
GLN NE2  N  N N 106 
GLN OXT  O  N N 107 
GLN H    H  N N 108 
GLN H2   H  N N 109 
GLN HA   H  N N 110 
GLN HB2  H  N N 111 
GLN HB3  H  N N 112 
GLN HG2  H  N N 113 
GLN HG3  H  N N 114 
GLN HE21 H  N N 115 
GLN HE22 H  N N 116 
GLN HXT  H  N N 117 
GLU N    N  N N 118 
GLU CA   C  N S 119 
GLU C    C  N N 120 
GLU O    O  N N 121 
GLU CB   C  N N 122 
GLU CG   C  N N 123 
GLU CD   C  N N 124 
GLU OE1  O  N N 125 
GLU OE2  O  N N 126 
GLU OXT  O  N N 127 
GLU H    H  N N 128 
GLU H2   H  N N 129 
GLU HA   H  N N 130 
GLU HB2  H  N N 131 
GLU HB3  H  N N 132 
GLU HG2  H  N N 133 
GLU HG3  H  N N 134 
GLU HE2  H  N N 135 
GLU HXT  H  N N 136 
GLY N    N  N N 137 
GLY CA   C  N N 138 
GLY C    C  N N 139 
GLY O    O  N N 140 
GLY OXT  O  N N 141 
GLY H    H  N N 142 
GLY H2   H  N N 143 
GLY HA2  H  N N 144 
GLY HA3  H  N N 145 
GLY HXT  H  N N 146 
HIS N    N  N N 147 
HIS CA   C  N S 148 
HIS C    C  N N 149 
HIS O    O  N N 150 
HIS CB   C  N N 151 
HIS CG   C  Y N 152 
HIS ND1  N  Y N 153 
HIS CD2  C  Y N 154 
HIS CE1  C  Y N 155 
HIS NE2  N  Y N 156 
HIS OXT  O  N N 157 
HIS H    H  N N 158 
HIS H2   H  N N 159 
HIS HA   H  N N 160 
HIS HB2  H  N N 161 
HIS HB3  H  N N 162 
HIS HD1  H  N N 163 
HIS HD2  H  N N 164 
HIS HE1  H  N N 165 
HIS HE2  H  N N 166 
HIS HXT  H  N N 167 
HOH O    O  N N 168 
HOH H1   H  N N 169 
HOH H2   H  N N 170 
ILE N    N  N N 171 
ILE CA   C  N S 172 
ILE C    C  N N 173 
ILE O    O  N N 174 
ILE CB   C  N S 175 
ILE CG1  C  N N 176 
ILE CG2  C  N N 177 
ILE CD1  C  N N 178 
ILE OXT  O  N N 179 
ILE H    H  N N 180 
ILE H2   H  N N 181 
ILE HA   H  N N 182 
ILE HB   H  N N 183 
ILE HG12 H  N N 184 
ILE HG13 H  N N 185 
ILE HG21 H  N N 186 
ILE HG22 H  N N 187 
ILE HG23 H  N N 188 
ILE HD11 H  N N 189 
ILE HD12 H  N N 190 
ILE HD13 H  N N 191 
ILE HXT  H  N N 192 
LEU N    N  N N 193 
LEU CA   C  N S 194 
LEU C    C  N N 195 
LEU O    O  N N 196 
LEU CB   C  N N 197 
LEU CG   C  N N 198 
LEU CD1  C  N N 199 
LEU CD2  C  N N 200 
LEU OXT  O  N N 201 
LEU H    H  N N 202 
LEU H2   H  N N 203 
LEU HA   H  N N 204 
LEU HB2  H  N N 205 
LEU HB3  H  N N 206 
LEU HG   H  N N 207 
LEU HD11 H  N N 208 
LEU HD12 H  N N 209 
LEU HD13 H  N N 210 
LEU HD21 H  N N 211 
LEU HD22 H  N N 212 
LEU HD23 H  N N 213 
LEU HXT  H  N N 214 
LYS N    N  N N 215 
LYS CA   C  N S 216 
LYS C    C  N N 217 
LYS O    O  N N 218 
LYS CB   C  N N 219 
LYS CG   C  N N 220 
LYS CD   C  N N 221 
LYS CE   C  N N 222 
LYS NZ   N  N N 223 
LYS OXT  O  N N 224 
LYS H    H  N N 225 
LYS H2   H  N N 226 
LYS HA   H  N N 227 
LYS HB2  H  N N 228 
LYS HB3  H  N N 229 
LYS HG2  H  N N 230 
LYS HG3  H  N N 231 
LYS HD2  H  N N 232 
LYS HD3  H  N N 233 
LYS HE2  H  N N 234 
LYS HE3  H  N N 235 
LYS HZ1  H  N N 236 
LYS HZ2  H  N N 237 
LYS HZ3  H  N N 238 
LYS HXT  H  N N 239 
MET N    N  N N 240 
MET CA   C  N S 241 
MET C    C  N N 242 
MET O    O  N N 243 
MET CB   C  N N 244 
MET CG   C  N N 245 
MET SD   S  N N 246 
MET CE   C  N N 247 
MET OXT  O  N N 248 
MET H    H  N N 249 
MET H2   H  N N 250 
MET HA   H  N N 251 
MET HB2  H  N N 252 
MET HB3  H  N N 253 
MET HG2  H  N N 254 
MET HG3  H  N N 255 
MET HE1  H  N N 256 
MET HE2  H  N N 257 
MET HE3  H  N N 258 
MET HXT  H  N N 259 
PHE N    N  N N 260 
PHE CA   C  N S 261 
PHE C    C  N N 262 
PHE O    O  N N 263 
PHE CB   C  N N 264 
PHE CG   C  Y N 265 
PHE CD1  C  Y N 266 
PHE CD2  C  Y N 267 
PHE CE1  C  Y N 268 
PHE CE2  C  Y N 269 
PHE CZ   C  Y N 270 
PHE OXT  O  N N 271 
PHE H    H  N N 272 
PHE H2   H  N N 273 
PHE HA   H  N N 274 
PHE HB2  H  N N 275 
PHE HB3  H  N N 276 
PHE HD1  H  N N 277 
PHE HD2  H  N N 278 
PHE HE1  H  N N 279 
PHE HE2  H  N N 280 
PHE HZ   H  N N 281 
PHE HXT  H  N N 282 
PRO N    N  N N 283 
PRO CA   C  N S 284 
PRO C    C  N N 285 
PRO O    O  N N 286 
PRO CB   C  N N 287 
PRO CG   C  N N 288 
PRO CD   C  N N 289 
PRO OXT  O  N N 290 
PRO H    H  N N 291 
PRO HA   H  N N 292 
PRO HB2  H  N N 293 
PRO HB3  H  N N 294 
PRO HG2  H  N N 295 
PRO HG3  H  N N 296 
PRO HD2  H  N N 297 
PRO HD3  H  N N 298 
PRO HXT  H  N N 299 
SER N    N  N N 300 
SER CA   C  N S 301 
SER C    C  N N 302 
SER O    O  N N 303 
SER CB   C  N N 304 
SER OG   O  N N 305 
SER OXT  O  N N 306 
SER H    H  N N 307 
SER H2   H  N N 308 
SER HA   H  N N 309 
SER HB2  H  N N 310 
SER HB3  H  N N 311 
SER HG   H  N N 312 
SER HXT  H  N N 313 
STV C4   C  Y N 314 
STV C5   C  Y N 315 
STV C6   C  Y N 316 
STV C7   C  Y N 317 
STV C8   C  Y N 318 
STV N    N  N N 319 
STV C    C  N N 320 
STV O    O  N N 321 
STV C1   C  N N 322 
STV C2   C  N N 323 
STV C3   C  Y N 324 
STV C9   C  N N 325 
STV O1   O  N N 326 
STV O2   O  N N 327 
STV O3   O  N N 328 
STV S    S  N N 329 
STV H1   H  N N 330 
STV H2   H  N N 331 
STV H3   H  N N 332 
STV H4   H  N N 333 
STV H5   H  N N 334 
STV H6   H  N N 335 
STV H7   H  N N 336 
STV H8   H  N N 337 
STV H9   H  N N 338 
STV H10  H  N N 339 
STV H11  H  N N 340 
STV H12  H  N N 341 
STV H13  H  N N 342 
THR N    N  N N 343 
THR CA   C  N S 344 
THR C    C  N N 345 
THR O    O  N N 346 
THR CB   C  N R 347 
THR OG1  O  N N 348 
THR CG2  C  N N 349 
THR OXT  O  N N 350 
THR H    H  N N 351 
THR H2   H  N N 352 
THR HA   H  N N 353 
THR HB   H  N N 354 
THR HG1  H  N N 355 
THR HG21 H  N N 356 
THR HG22 H  N N 357 
THR HG23 H  N N 358 
THR HXT  H  N N 359 
TRP N    N  N N 360 
TRP CA   C  N S 361 
TRP C    C  N N 362 
TRP O    O  N N 363 
TRP CB   C  N N 364 
TRP CG   C  Y N 365 
TRP CD1  C  Y N 366 
TRP CD2  C  Y N 367 
TRP NE1  N  Y N 368 
TRP CE2  C  Y N 369 
TRP CE3  C  Y N 370 
TRP CZ2  C  Y N 371 
TRP CZ3  C  Y N 372 
TRP CH2  C  Y N 373 
TRP OXT  O  N N 374 
TRP H    H  N N 375 
TRP H2   H  N N 376 
TRP HA   H  N N 377 
TRP HB2  H  N N 378 
TRP HB3  H  N N 379 
TRP HD1  H  N N 380 
TRP HE1  H  N N 381 
TRP HE3  H  N N 382 
TRP HZ2  H  N N 383 
TRP HZ3  H  N N 384 
TRP HH2  H  N N 385 
TRP HXT  H  N N 386 
TYR N    N  N N 387 
TYR CA   C  N S 388 
TYR C    C  N N 389 
TYR O    O  N N 390 
TYR CB   C  N N 391 
TYR CG   C  Y N 392 
TYR CD1  C  Y N 393 
TYR CD2  C  Y N 394 
TYR CE1  C  Y N 395 
TYR CE2  C  Y N 396 
TYR CZ   C  Y N 397 
TYR OH   O  N N 398 
TYR OXT  O  N N 399 
TYR H    H  N N 400 
TYR H2   H  N N 401 
TYR HA   H  N N 402 
TYR HB2  H  N N 403 
TYR HB3  H  N N 404 
TYR HD1  H  N N 405 
TYR HD2  H  N N 406 
TYR HE1  H  N N 407 
TYR HE2  H  N N 408 
TYR HH   H  N N 409 
TYR HXT  H  N N 410 
VAL N    N  N N 411 
VAL CA   C  N S 412 
VAL C    C  N N 413 
VAL O    O  N N 414 
VAL CB   C  N N 415 
VAL CG1  C  N N 416 
VAL CG2  C  N N 417 
VAL OXT  O  N N 418 
VAL H    H  N N 419 
VAL H2   H  N N 420 
VAL HA   H  N N 421 
VAL HB   H  N N 422 
VAL HG11 H  N N 423 
VAL HG12 H  N N 424 
VAL HG13 H  N N 425 
VAL HG21 H  N N 426 
VAL HG22 H  N N 427 
VAL HG23 H  N N 428 
VAL HXT  H  N N 429 
ZN  ZN   ZN N N 430 
# 
loop_
_chem_comp_bond.comp_id 
_chem_comp_bond.atom_id_1 
_chem_comp_bond.atom_id_2 
_chem_comp_bond.value_order 
_chem_comp_bond.pdbx_aromatic_flag 
_chem_comp_bond.pdbx_stereo_config 
_chem_comp_bond.pdbx_ordinal 
ALA N   CA   sing N N 1   
ALA N   H    sing N N 2   
ALA N   H2   sing N N 3   
ALA CA  C    sing N N 4   
ALA CA  CB   sing N N 5   
ALA CA  HA   sing N N 6   
ALA C   O    doub N N 7   
ALA C   OXT  sing N N 8   
ALA CB  HB1  sing N N 9   
ALA CB  HB2  sing N N 10  
ALA CB  HB3  sing N N 11  
ALA OXT HXT  sing N N 12  
ARG N   CA   sing N N 13  
ARG N   H    sing N N 14  
ARG N   H2   sing N N 15  
ARG CA  C    sing N N 16  
ARG CA  CB   sing N N 17  
ARG CA  HA   sing N N 18  
ARG C   O    doub N N 19  
ARG C   OXT  sing N N 20  
ARG CB  CG   sing N N 21  
ARG CB  HB2  sing N N 22  
ARG CB  HB3  sing N N 23  
ARG CG  CD   sing N N 24  
ARG CG  HG2  sing N N 25  
ARG CG  HG3  sing N N 26  
ARG CD  NE   sing N N 27  
ARG CD  HD2  sing N N 28  
ARG CD  HD3  sing N N 29  
ARG NE  CZ   sing N N 30  
ARG NE  HE   sing N N 31  
ARG CZ  NH1  sing N N 32  
ARG CZ  NH2  doub N N 33  
ARG NH1 HH11 sing N N 34  
ARG NH1 HH12 sing N N 35  
ARG NH2 HH21 sing N N 36  
ARG NH2 HH22 sing N N 37  
ARG OXT HXT  sing N N 38  
ASN N   CA   sing N N 39  
ASN N   H    sing N N 40  
ASN N   H2   sing N N 41  
ASN CA  C    sing N N 42  
ASN CA  CB   sing N N 43  
ASN CA  HA   sing N N 44  
ASN C   O    doub N N 45  
ASN C   OXT  sing N N 46  
ASN CB  CG   sing N N 47  
ASN CB  HB2  sing N N 48  
ASN CB  HB3  sing N N 49  
ASN CG  OD1  doub N N 50  
ASN CG  ND2  sing N N 51  
ASN ND2 HD21 sing N N 52  
ASN ND2 HD22 sing N N 53  
ASN OXT HXT  sing N N 54  
ASP N   CA   sing N N 55  
ASP N   H    sing N N 56  
ASP N   H2   sing N N 57  
ASP CA  C    sing N N 58  
ASP CA  CB   sing N N 59  
ASP CA  HA   sing N N 60  
ASP C   O    doub N N 61  
ASP C   OXT  sing N N 62  
ASP CB  CG   sing N N 63  
ASP CB  HB2  sing N N 64  
ASP CB  HB3  sing N N 65  
ASP CG  OD1  doub N N 66  
ASP CG  OD2  sing N N 67  
ASP OD2 HD2  sing N N 68  
ASP OXT HXT  sing N N 69  
CYS N   CA   sing N N 70  
CYS N   H    sing N N 71  
CYS N   H2   sing N N 72  
CYS CA  C    sing N N 73  
CYS CA  CB   sing N N 74  
CYS CA  HA   sing N N 75  
CYS C   O    doub N N 76  
CYS C   OXT  sing N N 77  
CYS CB  SG   sing N N 78  
CYS CB  HB2  sing N N 79  
CYS CB  HB3  sing N N 80  
CYS SG  HG   sing N N 81  
CYS OXT HXT  sing N N 82  
DMS S   O    doub N N 83  
DMS S   C1   sing N N 84  
DMS S   C2   sing N N 85  
DMS C1  H11  sing N N 86  
DMS C1  H12  sing N N 87  
DMS C1  H13  sing N N 88  
DMS C2  H21  sing N N 89  
DMS C2  H22  sing N N 90  
DMS C2  H23  sing N N 91  
GLN N   CA   sing N N 92  
GLN N   H    sing N N 93  
GLN N   H2   sing N N 94  
GLN CA  C    sing N N 95  
GLN CA  CB   sing N N 96  
GLN CA  HA   sing N N 97  
GLN C   O    doub N N 98  
GLN C   OXT  sing N N 99  
GLN CB  CG   sing N N 100 
GLN CB  HB2  sing N N 101 
GLN CB  HB3  sing N N 102 
GLN CG  CD   sing N N 103 
GLN CG  HG2  sing N N 104 
GLN CG  HG3  sing N N 105 
GLN CD  OE1  doub N N 106 
GLN CD  NE2  sing N N 107 
GLN NE2 HE21 sing N N 108 
GLN NE2 HE22 sing N N 109 
GLN OXT HXT  sing N N 110 
GLU N   CA   sing N N 111 
GLU N   H    sing N N 112 
GLU N   H2   sing N N 113 
GLU CA  C    sing N N 114 
GLU CA  CB   sing N N 115 
GLU CA  HA   sing N N 116 
GLU C   O    doub N N 117 
GLU C   OXT  sing N N 118 
GLU CB  CG   sing N N 119 
GLU CB  HB2  sing N N 120 
GLU CB  HB3  sing N N 121 
GLU CG  CD   sing N N 122 
GLU CG  HG2  sing N N 123 
GLU CG  HG3  sing N N 124 
GLU CD  OE1  doub N N 125 
GLU CD  OE2  sing N N 126 
GLU OE2 HE2  sing N N 127 
GLU OXT HXT  sing N N 128 
GLY N   CA   sing N N 129 
GLY N   H    sing N N 130 
GLY N   H2   sing N N 131 
GLY CA  C    sing N N 132 
GLY CA  HA2  sing N N 133 
GLY CA  HA3  sing N N 134 
GLY C   O    doub N N 135 
GLY C   OXT  sing N N 136 
GLY OXT HXT  sing N N 137 
HIS N   CA   sing N N 138 
HIS N   H    sing N N 139 
HIS N   H2   sing N N 140 
HIS CA  C    sing N N 141 
HIS CA  CB   sing N N 142 
HIS CA  HA   sing N N 143 
HIS C   O    doub N N 144 
HIS C   OXT  sing N N 145 
HIS CB  CG   sing N N 146 
HIS CB  HB2  sing N N 147 
HIS CB  HB3  sing N N 148 
HIS CG  ND1  sing Y N 149 
HIS CG  CD2  doub Y N 150 
HIS ND1 CE1  doub Y N 151 
HIS ND1 HD1  sing N N 152 
HIS CD2 NE2  sing Y N 153 
HIS CD2 HD2  sing N N 154 
HIS CE1 NE2  sing Y N 155 
HIS CE1 HE1  sing N N 156 
HIS NE2 HE2  sing N N 157 
HIS OXT HXT  sing N N 158 
HOH O   H1   sing N N 159 
HOH O   H2   sing N N 160 
ILE N   CA   sing N N 161 
ILE N   H    sing N N 162 
ILE N   H2   sing N N 163 
ILE CA  C    sing N N 164 
ILE CA  CB   sing N N 165 
ILE CA  HA   sing N N 166 
ILE C   O    doub N N 167 
ILE C   OXT  sing N N 168 
ILE CB  CG1  sing N N 169 
ILE CB  CG2  sing N N 170 
ILE CB  HB   sing N N 171 
ILE CG1 CD1  sing N N 172 
ILE CG1 HG12 sing N N 173 
ILE CG1 HG13 sing N N 174 
ILE CG2 HG21 sing N N 175 
ILE CG2 HG22 sing N N 176 
ILE CG2 HG23 sing N N 177 
ILE CD1 HD11 sing N N 178 
ILE CD1 HD12 sing N N 179 
ILE CD1 HD13 sing N N 180 
ILE OXT HXT  sing N N 181 
LEU N   CA   sing N N 182 
LEU N   H    sing N N 183 
LEU N   H2   sing N N 184 
LEU CA  C    sing N N 185 
LEU CA  CB   sing N N 186 
LEU CA  HA   sing N N 187 
LEU C   O    doub N N 188 
LEU C   OXT  sing N N 189 
LEU CB  CG   sing N N 190 
LEU CB  HB2  sing N N 191 
LEU CB  HB3  sing N N 192 
LEU CG  CD1  sing N N 193 
LEU CG  CD2  sing N N 194 
LEU CG  HG   sing N N 195 
LEU CD1 HD11 sing N N 196 
LEU CD1 HD12 sing N N 197 
LEU CD1 HD13 sing N N 198 
LEU CD2 HD21 sing N N 199 
LEU CD2 HD22 sing N N 200 
LEU CD2 HD23 sing N N 201 
LEU OXT HXT  sing N N 202 
LYS N   CA   sing N N 203 
LYS N   H    sing N N 204 
LYS N   H2   sing N N 205 
LYS CA  C    sing N N 206 
LYS CA  CB   sing N N 207 
LYS CA  HA   sing N N 208 
LYS C   O    doub N N 209 
LYS C   OXT  sing N N 210 
LYS CB  CG   sing N N 211 
LYS CB  HB2  sing N N 212 
LYS CB  HB3  sing N N 213 
LYS CG  CD   sing N N 214 
LYS CG  HG2  sing N N 215 
LYS CG  HG3  sing N N 216 
LYS CD  CE   sing N N 217 
LYS CD  HD2  sing N N 218 
LYS CD  HD3  sing N N 219 
LYS CE  NZ   sing N N 220 
LYS CE  HE2  sing N N 221 
LYS CE  HE3  sing N N 222 
LYS NZ  HZ1  sing N N 223 
LYS NZ  HZ2  sing N N 224 
LYS NZ  HZ3  sing N N 225 
LYS OXT HXT  sing N N 226 
MET N   CA   sing N N 227 
MET N   H    sing N N 228 
MET N   H2   sing N N 229 
MET CA  C    sing N N 230 
MET CA  CB   sing N N 231 
MET CA  HA   sing N N 232 
MET C   O    doub N N 233 
MET C   OXT  sing N N 234 
MET CB  CG   sing N N 235 
MET CB  HB2  sing N N 236 
MET CB  HB3  sing N N 237 
MET CG  SD   sing N N 238 
MET CG  HG2  sing N N 239 
MET CG  HG3  sing N N 240 
MET SD  CE   sing N N 241 
MET CE  HE1  sing N N 242 
MET CE  HE2  sing N N 243 
MET CE  HE3  sing N N 244 
MET OXT HXT  sing N N 245 
PHE N   CA   sing N N 246 
PHE N   H    sing N N 247 
PHE N   H2   sing N N 248 
PHE CA  C    sing N N 249 
PHE CA  CB   sing N N 250 
PHE CA  HA   sing N N 251 
PHE C   O    doub N N 252 
PHE C   OXT  sing N N 253 
PHE CB  CG   sing N N 254 
PHE CB  HB2  sing N N 255 
PHE CB  HB3  sing N N 256 
PHE CG  CD1  doub Y N 257 
PHE CG  CD2  sing Y N 258 
PHE CD1 CE1  sing Y N 259 
PHE CD1 HD1  sing N N 260 
PHE CD2 CE2  doub Y N 261 
PHE CD2 HD2  sing N N 262 
PHE CE1 CZ   doub Y N 263 
PHE CE1 HE1  sing N N 264 
PHE CE2 CZ   sing Y N 265 
PHE CE2 HE2  sing N N 266 
PHE CZ  HZ   sing N N 267 
PHE OXT HXT  sing N N 268 
PRO N   CA   sing N N 269 
PRO N   CD   sing N N 270 
PRO N   H    sing N N 271 
PRO CA  C    sing N N 272 
PRO CA  CB   sing N N 273 
PRO CA  HA   sing N N 274 
PRO C   O    doub N N 275 
PRO C   OXT  sing N N 276 
PRO CB  CG   sing N N 277 
PRO CB  HB2  sing N N 278 
PRO CB  HB3  sing N N 279 
PRO CG  CD   sing N N 280 
PRO CG  HG2  sing N N 281 
PRO CG  HG3  sing N N 282 
PRO CD  HD2  sing N N 283 
PRO CD  HD3  sing N N 284 
PRO OXT HXT  sing N N 285 
SER N   CA   sing N N 286 
SER N   H    sing N N 287 
SER N   H2   sing N N 288 
SER CA  C    sing N N 289 
SER CA  CB   sing N N 290 
SER CA  HA   sing N N 291 
SER C   O    doub N N 292 
SER C   OXT  sing N N 293 
SER CB  OG   sing N N 294 
SER CB  HB2  sing N N 295 
SER CB  HB3  sing N N 296 
SER OG  HG   sing N N 297 
SER OXT HXT  sing N N 298 
STV O   S    doub N N 299 
STV C   C1   sing N N 300 
STV C1  S    sing N N 301 
STV S   O1   doub N N 302 
STV S   N    sing N N 303 
STV N   C2   sing N N 304 
STV C2  C3   sing N N 305 
STV C3  C8   doub Y N 306 
STV C3  C4   sing Y N 307 
STV C8  C7   sing Y N 308 
STV C4  C5   doub Y N 309 
STV C7  O2   sing N N 310 
STV C7  C6   doub Y N 311 
STV O2  C9   sing N N 312 
STV C5  C6   sing Y N 313 
STV C6  O3   sing N N 314 
STV C9  O3   sing N N 315 
STV C4  H1   sing N N 316 
STV C5  H2   sing N N 317 
STV C8  H3   sing N N 318 
STV N   H4   sing N N 319 
STV C   H5   sing N N 320 
STV C   H6   sing N N 321 
STV C   H7   sing N N 322 
STV C1  H8   sing N N 323 
STV C1  H9   sing N N 324 
STV C2  H10  sing N N 325 
STV C2  H11  sing N N 326 
STV C9  H12  sing N N 327 
STV C9  H13  sing N N 328 
THR N   CA   sing N N 329 
THR N   H    sing N N 330 
THR N   H2   sing N N 331 
THR CA  C    sing N N 332 
THR CA  CB   sing N N 333 
THR CA  HA   sing N N 334 
THR C   O    doub N N 335 
THR C   OXT  sing N N 336 
THR CB  OG1  sing N N 337 
THR CB  CG2  sing N N 338 
THR CB  HB   sing N N 339 
THR OG1 HG1  sing N N 340 
THR CG2 HG21 sing N N 341 
THR CG2 HG22 sing N N 342 
THR CG2 HG23 sing N N 343 
THR OXT HXT  sing N N 344 
TRP N   CA   sing N N 345 
TRP N   H    sing N N 346 
TRP N   H2   sing N N 347 
TRP CA  C    sing N N 348 
TRP CA  CB   sing N N 349 
TRP CA  HA   sing N N 350 
TRP C   O    doub N N 351 
TRP C   OXT  sing N N 352 
TRP CB  CG   sing N N 353 
TRP CB  HB2  sing N N 354 
TRP CB  HB3  sing N N 355 
TRP CG  CD1  doub Y N 356 
TRP CG  CD2  sing Y N 357 
TRP CD1 NE1  sing Y N 358 
TRP CD1 HD1  sing N N 359 
TRP CD2 CE2  doub Y N 360 
TRP CD2 CE3  sing Y N 361 
TRP NE1 CE2  sing Y N 362 
TRP NE1 HE1  sing N N 363 
TRP CE2 CZ2  sing Y N 364 
TRP CE3 CZ3  doub Y N 365 
TRP CE3 HE3  sing N N 366 
TRP CZ2 CH2  doub Y N 367 
TRP CZ2 HZ2  sing N N 368 
TRP CZ3 CH2  sing Y N 369 
TRP CZ3 HZ3  sing N N 370 
TRP CH2 HH2  sing N N 371 
TRP OXT HXT  sing N N 372 
TYR N   CA   sing N N 373 
TYR N   H    sing N N 374 
TYR N   H2   sing N N 375 
TYR CA  C    sing N N 376 
TYR CA  CB   sing N N 377 
TYR CA  HA   sing N N 378 
TYR C   O    doub N N 379 
TYR C   OXT  sing N N 380 
TYR CB  CG   sing N N 381 
TYR CB  HB2  sing N N 382 
TYR CB  HB3  sing N N 383 
TYR CG  CD1  doub Y N 384 
TYR CG  CD2  sing Y N 385 
TYR CD1 CE1  sing Y N 386 
TYR CD1 HD1  sing N N 387 
TYR CD2 CE2  doub Y N 388 
TYR CD2 HD2  sing N N 389 
TYR CE1 CZ   doub Y N 390 
TYR CE1 HE1  sing N N 391 
TYR CE2 CZ   sing Y N 392 
TYR CE2 HE2  sing N N 393 
TYR CZ  OH   sing N N 394 
TYR OH  HH   sing N N 395 
TYR OXT HXT  sing N N 396 
VAL N   CA   sing N N 397 
VAL N   H    sing N N 398 
VAL N   H2   sing N N 399 
VAL CA  C    sing N N 400 
VAL CA  CB   sing N N 401 
VAL CA  HA   sing N N 402 
VAL C   O    doub N N 403 
VAL C   OXT  sing N N 404 
VAL CB  CG1  sing N N 405 
VAL CB  CG2  sing N N 406 
VAL CB  HB   sing N N 407 
VAL CG1 HG11 sing N N 408 
VAL CG1 HG12 sing N N 409 
VAL CG1 HG13 sing N N 410 
VAL CG2 HG21 sing N N 411 
VAL CG2 HG22 sing N N 412 
VAL CG2 HG23 sing N N 413 
VAL OXT HXT  sing N N 414 
# 
_pdbx_audit_support.funding_organization   
'National Institutes of Health/National Institute Of Allergy and Infectious Diseases (NIH/NIAID)' 
_pdbx_audit_support.country                'United States' 
_pdbx_audit_support.grant_number           U19AI171399 
_pdbx_audit_support.ordinal                1 
# 
_pdbx_deposit_group.group_id            G_1002288 
_pdbx_deposit_group.group_description   'Crystallographic fragment screening of Coxsackievirus A16 (G-10) 2A protease' 
_pdbx_deposit_group.group_title         
'Group deposition for crystallographic fragment screening of Coxsackievirus A16 (G-10) 2A protease' 
_pdbx_deposit_group.group_type          'changed state' 
# 
_atom_sites.entry_id                    7H3A 
_atom_sites.fract_transf_matrix[1][1]   0.01356244 
_atom_sites.fract_transf_matrix[1][2]   0.00197631 
_atom_sites.fract_transf_matrix[1][3]   0.00158663 
_atom_sites.fract_transf_matrix[2][1]   0.00296384 
_atom_sites.fract_transf_matrix[2][2]   -0.01443683 
_atom_sites.fract_transf_matrix[2][3]   -0.00735218 
_atom_sites.fract_transf_matrix[3][1]   0.00290147 
_atom_sites.fract_transf_matrix[3][2]   0.01444755 
_atom_sites.fract_transf_matrix[3][3]   -0.02719971 
_atom_sites.fract_transf_vector[1]      0.219303 
_atom_sites.fract_transf_vector[2]      0.136198 
_atom_sites.fract_transf_vector[3]      0.438973 
# 
loop_
_atom_type.symbol 
C  
N  
O  
S  
ZN 
# 
loop_
_atom_site.group_PDB 
_atom_site.id 
_atom_site.type_symbol 
_atom_site.label_atom_id 
_atom_site.label_alt_id 
_atom_site.label_comp_id 
_atom_site.label_asym_id 
_atom_site.label_entity_id 
_atom_site.label_seq_id 
_atom_site.pdbx_PDB_ins_code 
_atom_site.Cartn_x 
_atom_site.Cartn_y 
_atom_site.Cartn_z 
_atom_site.occupancy 
_atom_site.B_iso_or_equiv 
_atom_site.pdbx_formal_charge 
_atom_site.auth_seq_id 
_atom_site.auth_comp_id 
_atom_site.auth_asym_id 
_atom_site.auth_atom_id 
_atom_site.pdbx_PDB_model_num 
ATOM   1    N  N   . SER A 1 7   ? 4.589   5.450   -7.932  1.00 24.07 ? 7   SER A N   1 
ATOM   2    C  CA  . SER A 1 7   ? 5.690   5.070   -7.006  1.00 25.38 ? 7   SER A CA  1 
ATOM   3    C  C   . SER A 1 7   ? 5.362   5.595   -5.608  1.00 23.31 ? 7   SER A C   1 
ATOM   4    O  O   . SER A 1 7   ? 4.417   6.399   -5.468  1.00 23.04 ? 7   SER A O   1 
ATOM   5    C  CB  . SER A 1 7   ? 7.031   5.586   -7.476  1.00 28.72 ? 7   SER A CB  1 
ATOM   6    O  OG  . SER A 1 7   ? 6.994   6.996   -7.606  1.00 29.78 ? 7   SER A OG  1 
ATOM   7    N  N   . GLY A 1 8   ? 6.130   5.168   -4.625  1.00 20.28 ? 8   GLY A N   1 
ATOM   8    C  CA  . GLY A 1 8   ? 5.981   5.614   -3.233  1.00 18.97 ? 8   GLY A CA  1 
ATOM   9    C  C   . GLY A 1 8   ? 6.263   4.477   -2.282  1.00 17.79 ? 8   GLY A C   1 
ATOM   10   O  O   . GLY A 1 8   ? 6.097   3.301   -2.663  1.00 18.36 ? 8   GLY A O   1 
ATOM   11   N  N   . ALA A 1 9   ? 6.749   4.827   -1.105  1.00 15.74 ? 9   ALA A N   1 
ATOM   12   C  CA  . ALA A 1 9   ? 7.050   3.846   -0.048  1.00 16.01 ? 9   ALA A CA  1 
ATOM   13   C  C   . ALA A 1 9   ? 6.699   4.431   1.301   1.00 16.91 ? 9   ALA A C   1 
ATOM   14   O  O   . ALA A 1 9   ? 6.545   5.667   1.398   1.00 16.48 ? 9   ALA A O   1 
ATOM   15   C  CB  . ALA A 1 9   ? 8.500   3.470   -0.070  1.00 17.35 ? 9   ALA A CB  1 
ATOM   16   N  N   . ILE A 1 10  ? 6.629   3.539   2.281   1.00 14.95 ? 10  ILE A N   1 
ATOM   17   C  CA  . ILE A 1 10  ? 6.566   3.854   3.732   1.00 15.71 ? 10  ILE A CA  1 
ATOM   18   C  C   . ILE A 1 10  ? 7.912   3.543   4.372   1.00 16.62 ? 10  ILE A C   1 
ATOM   19   O  O   . ILE A 1 10  ? 8.489   2.467   4.116   1.00 16.22 ? 10  ILE A O   1 
ATOM   20   C  CB  . ILE A 1 10  ? 5.461   3.033   4.409   1.00 16.34 ? 10  ILE A CB  1 
ATOM   21   C  CG1 . ILE A 1 10  ? 4.131   3.070   3.645   1.00 15.14 ? 10  ILE A CG1 1 
ATOM   22   C  CG2 . ILE A 1 10  ? 5.274   3.441   5.861   1.00 16.38 ? 10  ILE A CG2 1 
ATOM   23   C  CD1 . ILE A 1 10  ? 3.175   1.979   4.068   1.00 14.97 ? 10  ILE A CD1 1 
ATOM   24   N  N   . TYR A 1 11  ? 8.391   4.465   5.191   1.00 18.07 ? 11  TYR A N   1 
ATOM   25   C  CA  . TYR A 1 11  ? 9.666   4.352   5.916   1.00 18.73 ? 11  TYR A CA  1 
ATOM   26   C  C   . TYR A 1 11  ? 9.371   4.405   7.409   1.00 20.04 ? 11  TYR A C   1 
ATOM   27   O  O   . TYR A 1 11  ? 9.030   5.479   7.918   1.00 22.90 ? 11  TYR A O   1 
ATOM   28   C  CB  . TYR A 1 11  ? 10.620  5.447   5.455   1.00 19.48 ? 11  TYR A CB  1 
ATOM   29   C  CG  . TYR A 1 11  ? 10.952  5.403   3.986   1.00 19.17 ? 11  TYR A CG  1 
ATOM   30   C  CD1 . TYR A 1 11  ? 11.941  4.569   3.500   1.00 19.02 ? 11  TYR A CD1 1 
ATOM   31   C  CD2 . TYR A 1 11  ? 10.232  6.136   3.065   1.00 18.81 ? 11  TYR A CD2 1 
ATOM   32   C  CE1 . TYR A 1 11  ? 12.258  4.537   2.148   1.00 19.85 ? 11  TYR A CE1 1 
ATOM   33   C  CE2 . TYR A 1 11  ? 10.508  6.087   1.708   1.00 20.56 ? 11  TYR A CE2 1 
ATOM   34   C  CZ  . TYR A 1 11  ? 11.526  5.279   1.240   1.00 19.56 ? 11  TYR A CZ  1 
ATOM   35   O  OH  . TYR A 1 11  ? 11.782  5.228   -0.097  1.00 20.96 ? 11  TYR A OH  1 
ATOM   36   N  N   . VAL A 1 12  ? 9.495   3.274   8.093   1.00 20.88 ? 12  VAL A N   1 
ATOM   37   C  CA  . VAL A 1 12  ? 9.254   3.130   9.556   1.00 22.64 ? 12  VAL A CA  1 
ATOM   38   C  C   . VAL A 1 12  ? 10.396  2.289   10.141  1.00 22.81 ? 12  VAL A C   1 
ATOM   39   O  O   . VAL A 1 12  ? 10.719  1.228   9.576   1.00 20.47 ? 12  VAL A O   1 
ATOM   40   C  CB  . VAL A 1 12  ? 7.857   2.538   9.879   1.00 24.41 ? 12  VAL A CB  1 
ATOM   41   C  CG1 . VAL A 1 12  ? 7.536   1.266   9.121   1.00 24.28 ? 12  VAL A CG1 1 
ATOM   42   C  CG2 . VAL A 1 12  ? 7.691   2.294   11.362  1.00 26.65 ? 12  VAL A CG2 1 
ATOM   43   N  N   . GLY A 1 13  ? 11.052  2.786   11.194  1.00 24.05 ? 13  GLY A N   1 
ATOM   44   C  CA  . GLY A 1 13  ? 12.214  2.095   11.788  1.00 25.30 ? 13  GLY A CA  1 
ATOM   45   C  C   . GLY A 1 13  ? 13.257  1.825   10.724  1.00 23.53 ? 13  GLY A C   1 
ATOM   46   O  O   . GLY A 1 13  ? 13.551  2.742   9.952   1.00 24.44 ? 13  GLY A O   1 
ATOM   47   N  N   . ASN A 1 14  ? 13.735  0.590   10.625  1.00 26.11 ? 14  ASN A N   1 
ATOM   48   C  CA  . ASN A 1 14  ? 14.725  0.190   9.588   1.00 28.68 ? 14  ASN A CA  1 
ATOM   49   C  C   . ASN A 1 14  ? 14.039  -0.582  8.463   1.00 27.99 ? 14  ASN A C   1 
ATOM   50   O  O   . ASN A 1 14  ? 14.699  -1.445  7.863   1.00 26.35 ? 14  ASN A O   1 
ATOM   51   C  CB  . ASN A 1 14  ? 15.846  -0.656  10.173  1.00 31.48 ? 14  ASN A CB  1 
ATOM   52   C  CG  . ASN A 1 14  ? 16.723  0.179   11.071  1.00 32.70 ? 14  ASN A CG  1 
ATOM   53   O  OD1 . ASN A 1 14  ? 17.411  1.093   10.611  1.00 35.31 ? 14  ASN A OD1 1 
ATOM   54   N  ND2 . ASN A 1 14  ? 16.641  -0.096  12.357  1.00 33.97 ? 14  ASN A ND2 1 
ATOM   55   N  N   . TYR A 1 15  ? 12.797  -0.220  8.141   1.00 24.09 ? 15  TYR A N   1 
ATOM   56   C  CA  . TYR A 1 15  ? 11.989  -0.910  7.117   1.00 23.14 ? 15  TYR A CA  1 
ATOM   57   C  C   . TYR A 1 15  ? 11.536  0.096   6.080   1.00 21.89 ? 15  TYR A C   1 
ATOM   58   O  O   . TYR A 1 15  ? 11.227  1.256   6.421   1.00 22.09 ? 15  TYR A O   1 
ATOM   59   C  CB  . TYR A 1 15  ? 10.774  -1.601  7.726   1.00 23.84 ? 15  TYR A CB  1 
ATOM   60   C  CG  . TYR A 1 15  ? 11.100  -2.697  8.699   1.00 24.39 ? 15  TYR A CG  1 
ATOM   61   C  CD1 . TYR A 1 15  ? 11.961  -3.740  8.356   1.00 24.75 ? 15  TYR A CD1 1 
ATOM   62   C  CD2 . TYR A 1 15  ? 10.536  -2.703  9.963   1.00 26.05 ? 15  TYR A CD2 1 
ATOM   63   C  CE1 . TYR A 1 15  ? 12.259  -4.743  9.258   1.00 26.01 ? 15  TYR A CE1 1 
ATOM   64   C  CE2 . TYR A 1 15  ? 10.797  -3.723  10.860  1.00 27.60 ? 15  TYR A CE2 1 
ATOM   65   C  CZ  . TYR A 1 15  ? 11.667  -4.745  10.507  1.00 24.69 ? 15  TYR A CZ  1 
ATOM   66   O  OH  . TYR A 1 15  ? 11.914  -5.738  11.404  1.00 25.38 ? 15  TYR A OH  1 
ATOM   67   N  N   . ARG A 1 16  ? 11.531  -0.371  4.842   1.00 19.99 ? 16  ARG A N   1 
ATOM   68   C  CA  . ARG A 1 16  ? 10.945  0.299   3.670   1.00 19.16 ? 16  ARG A CA  1 
ATOM   69   C  C   . ARG A 1 16  ? 9.830   -0.613  3.145   1.00 18.84 ? 16  ARG A C   1 
ATOM   70   O  O   . ARG A 1 16  ? 10.099  -1.767  2.807   1.00 18.74 ? 16  ARG A O   1 
ATOM   71   C  CB  . ARG A 1 16  ? 12.027  0.536   2.617   1.00 20.79 ? 16  ARG A CB  1 
ATOM   72   C  CG  . ARG A 1 16  ? 11.503  0.941   1.251   1.00 19.55 ? 16  ARG A CG  1 
ATOM   73   C  CD  . ARG A 1 16  ? 12.586  1.318   0.255   1.00 20.21 ? 16  ARG A CD  1 
ATOM   74   N  NE  . ARG A 1 16  ? 12.374  0.884   -1.106  1.00 19.53 ? 16  ARG A NE  1 
ATOM   75   C  CZ  . ARG A 1 16  ? 11.932  1.626   -2.119  1.00 19.83 ? 16  ARG A CZ  1 
ATOM   76   N  NH1 . ARG A 1 16  ? 11.545  2.885   -1.926  1.00 20.40 ? 16  ARG A NH1 1 
ATOM   77   N  NH2 . ARG A 1 16  ? 11.841  1.097   -3.323  1.00 19.51 ? 16  ARG A NH2 1 
ATOM   78   N  N   . VAL A 1 17  ? 8.603   -0.115  3.155   1.00 16.81 ? 17  VAL A N   1 
ATOM   79   C  CA  . VAL A 1 17  ? 7.438   -0.846  2.604   1.00 15.81 ? 17  VAL A CA  1 
ATOM   80   C  C   . VAL A 1 17  ? 7.116   -0.308  1.213   1.00 15.60 ? 17  VAL A C   1 
ATOM   81   O  O   . VAL A 1 17  ? 6.819   0.930   1.056   1.00 15.44 ? 17  VAL A O   1 
ATOM   82   C  CB  . VAL A 1 17  ? 6.225   -0.709  3.518   1.00 15.63 ? 17  VAL A CB  1 
ATOM   83   C  CG1 . VAL A 1 17  ? 5.125   -1.715  3.107   1.00 16.04 ? 17  VAL A CG1 1 
ATOM   84   C  CG2 . VAL A 1 17  ? 6.638   -0.841  4.965   1.00 16.74 ? 17  VAL A CG2 1 
ATOM   85   N  N   . VAL A 1 18  ? 7.080   -1.204  0.230   1.00 14.73 ? 18  VAL A N   1 
ATOM   86   C  CA  . VAL A 1 18  ? 6.738   -0.850  -1.163  1.00 14.96 ? 18  VAL A CA  1 
ATOM   87   C  C   . VAL A 1 18  ? 5.729   -1.827  -1.760  1.00 13.77 ? 18  VAL A C   1 
ATOM   88   O  O   . VAL A 1 18  ? 5.533   -2.948  -1.225  1.00 15.24 ? 18  VAL A O   1 
ATOM   89   C  CB  . VAL A 1 18  ? 7.986   -0.776  -2.042  1.00 16.39 ? 18  VAL A CB  1 
ATOM   90   C  CG1 . VAL A 1 18  ? 8.858   0.346   -1.548  1.00 18.48 ? 18  VAL A CG1 1 
ATOM   91   C  CG2 . VAL A 1 18  ? 8.776   -2.088  -2.031  1.00 15.99 ? 18  VAL A CG2 1 
ATOM   92   N  N   . ASN A 1 19  ? 5.132   -1.408  -2.860  1.00 12.91 ? 19  ASN A N   1 
ATOM   93   C  CA  . ASN A 1 19  ? 4.400   -2.375  -3.717  1.00 13.84 ? 19  ASN A CA  1 
ATOM   94   C  C   . ASN A 1 19  ? 5.379   -3.482  -4.126  1.00 14.71 ? 19  ASN A C   1 
ATOM   95   O  O   . ASN A 1 19  ? 6.460   -3.158  -4.675  1.00 14.79 ? 19  ASN A O   1 
ATOM   96   C  CB  . ASN A 1 19  ? 3.824   -1.678  -4.944  1.00 14.66 ? 19  ASN A CB  1 
ATOM   97   C  CG  . ASN A 1 19  ? 2.799   -0.648  -4.549  1.00 13.86 ? 19  ASN A CG  1 
ATOM   98   O  OD1 . ASN A 1 19  ? 3.114   0.535   -4.383  1.00 15.03 ? 19  ASN A OD1 1 
ATOM   99   N  ND2 . ASN A 1 19  ? 1.592   -1.111  -4.303  1.00 15.77 ? 19  ASN A ND2 1 
ATOM   100  N  N   . ARG A 1 20  ? 4.993   -4.739  -3.942  1.00 15.93 ? 20  ARG A N   1 
ATOM   101  C  CA  . ARG A 1 20  ? 5.852   -5.876  -4.362  1.00 16.27 ? 20  ARG A CA  1 
ATOM   102  C  C   . ARG A 1 20  ? 6.204   -5.729  -5.849  1.00 18.09 ? 20  ARG A C   1 
ATOM   103  O  O   . ARG A 1 20  ? 7.372   -5.925  -6.201  1.00 18.76 ? 20  ARG A O   1 
ATOM   104  C  CB  . ARG A 1 20  ? 5.172   -7.207  -4.047  1.00 14.87 ? 20  ARG A CB  1 
ATOM   105  C  CG  . ARG A 1 20  ? 6.146   -8.370  -4.157  1.00 14.58 ? 20  ARG A CG  1 
ATOM   106  C  CD  . ARG A 1 20  ? 5.330   -9.621  -3.952  1.00 16.09 ? 20  ARG A CD  1 
ATOM   107  N  NE  . ARG A 1 20  ? 6.072   -10.870 -4.015  1.00 17.42 ? 20  ARG A NE  1 
ATOM   108  C  CZ  . ARG A 1 20  ? 6.360   -11.535 -5.126  1.00 17.94 ? 20  ARG A CZ  1 
ATOM   109  N  NH1 . ARG A 1 20  ? 6.115   -11.024 -6.330  1.00 19.31 ? 20  ARG A NH1 1 
ATOM   110  N  NH2 . ARG A 1 20  ? 6.977   -12.708 -5.009  1.00 18.57 ? 20  ARG A NH2 1 
ATOM   111  N  N   . HIS A 1 21  ? 5.262   -5.329  -6.698  1.00 19.64 ? 21  HIS A N   1 
ATOM   112  C  CA  . HIS A 1 21  ? 5.503   -5.242  -8.164  1.00 19.50 ? 21  HIS A CA  1 
ATOM   113  C  C   . HIS A 1 21  ? 6.415   -4.089  -8.553  1.00 19.51 ? 21  HIS A C   1 
ATOM   114  O  O   . HIS A 1 21  ? 6.868   -4.128  -9.714  1.00 22.12 ? 21  HIS A O   1 
ATOM   115  C  CB  . HIS A 1 21  ? 4.225   -5.169  -8.973  1.00 20.41 ? 21  HIS A CB  1 
ATOM   116  C  CG  . HIS A 1 21  ? 3.378   -3.965  -8.755  1.00 21.59 ? 21  HIS A CG  1 
ATOM   117  N  ND1 . HIS A 1 21  ? 3.308   -2.903  -9.650  1.00 24.29 ? 21  HIS A ND1 1 
ATOM   118  C  CD2 . HIS A 1 21  ? 2.458   -3.717  -7.800  1.00 20.64 ? 21  HIS A CD2 1 
ATOM   119  C  CE1 . HIS A 1 21  ? 2.420   -2.019  -9.190  1.00 23.29 ? 21  HIS A CE1 1 
ATOM   120  N  NE2 . HIS A 1 21  ? 1.875   -2.509  -8.077  1.00 24.09 ? 21  HIS A NE2 1 
ATOM   121  N  N   . LEU A 1 22  ? 6.638   -3.095  -7.688  1.00 18.40 ? 22  LEU A N   1 
ATOM   122  C  CA  . LEU A 1 22  ? 7.556   -1.945  -7.915  1.00 18.87 ? 22  LEU A CA  1 
ATOM   123  C  C   . LEU A 1 22  ? 8.865   -2.114  -7.136  1.00 18.26 ? 22  LEU A C   1 
ATOM   124  O  O   . LEU A 1 22  ? 9.750   -1.212  -7.210  1.00 21.81 ? 22  LEU A O   1 
ATOM   125  C  CB  . LEU A 1 22  ? 6.850   -0.637  -7.537  1.00 19.20 ? 22  LEU A CB  1 
ATOM   126  C  CG  . LEU A 1 22  ? 5.606   -0.332  -8.360  1.00 20.01 ? 22  LEU A CG  1 
ATOM   127  C  CD1 . LEU A 1 22  ? 4.951   0.993   -7.927  1.00 18.83 ? 22  LEU A CD1 1 
ATOM   128  C  CD2 . LEU A 1 22  ? 5.920   -0.296  -9.843  1.00 21.80 ? 22  LEU A CD2 1 
ATOM   129  N  N   . ALA A 1 23  ? 9.005   -3.180  -6.355  1.00 18.92 ? 23  ALA A N   1 
ATOM   130  C  CA  . ALA A 1 23  ? 10.240  -3.399  -5.579  1.00 20.22 ? 23  ALA A CA  1 
ATOM   131  C  C   . ALA A 1 23  ? 11.429  -3.422  -6.550  1.00 19.74 ? 23  ALA A C   1 
ATOM   132  O  O   . ALA A 1 23  ? 11.331  -4.041  -7.622  1.00 20.73 ? 23  ALA A O   1 
ATOM   133  C  CB  . ALA A 1 23  ? 10.121  -4.668  -4.781  1.00 19.98 ? 23  ALA A CB  1 
ATOM   134  N  N   . THR A 1 24  ? 12.505  -2.739  -6.179  1.00 22.59 ? 24  THR A N   1 
ATOM   135  C  CA  . THR A 1 24  ? 13.731  -2.617  -7.013  1.00 25.86 ? 24  THR A CA  1 
ATOM   136  C  C   . THR A 1 24  ? 14.629  -3.820  -6.730  1.00 26.24 ? 24  THR A C   1 
ATOM   137  O  O   . THR A 1 24  ? 14.348  -4.583  -5.804  1.00 24.86 ? 24  THR A O   1 
ATOM   138  C  CB  . THR A 1 24  ? 14.504  -1.347  -6.675  1.00 22.32 ? 24  THR A CB  1 
ATOM   139  O  OG1 . THR A 1 24  ? 14.998  -1.508  -5.347  1.00 23.84 ? 24  THR A OG1 1 
ATOM   140  C  CG2 . THR A 1 24  ? 13.669  -0.107  -6.868  1.00 25.86 ? 24  THR A CG2 1 
ATOM   141  N  N   . HIS A 1 25  ? 15.710  -3.970  -7.500  0.66 26.35 ? 25  HIS A N   1 
ATOM   142  C  CA  . HIS A 1 25  ? 16.736  -5.028  -7.286  0.66 26.57 ? 25  HIS A CA  1 
ATOM   143  C  C   . HIS A 1 25  ? 17.349  -4.863  -5.887  0.66 26.11 ? 25  HIS A C   1 
ATOM   144  O  O   . HIS A 1 25  ? 17.558  -5.888  -5.216  0.66 26.99 ? 25  HIS A O   1 
ATOM   145  C  CB  . HIS A 1 25  ? 17.757  -5.027  -8.439  0.66 27.74 ? 25  HIS A CB  1 
ATOM   146  C  CG  . HIS A 1 25  ? 17.187  -5.485  -9.743  0.66 27.98 ? 25  HIS A CG  1 
ATOM   147  N  ND1 . HIS A 1 25  ? 17.490  -6.717  -10.303 0.66 29.14 ? 25  HIS A ND1 1 
ATOM   148  C  CD2 . HIS A 1 25  ? 16.322  -4.890  -10.594 0.66 28.61 ? 25  HIS A CD2 1 
ATOM   149  C  CE1 . HIS A 1 25  ? 16.839  -6.845  -11.443 0.66 28.09 ? 25  HIS A CE1 1 
ATOM   150  N  NE2 . HIS A 1 25  ? 16.117  -5.738  -11.645 0.66 29.25 ? 25  HIS A NE2 1 
ATOM   151  N  N   . ASN A 1 26  ? 17.569  -3.623  -5.426  1.00 25.86 ? 26  ASN A N   1 
ATOM   152  C  CA  . ASN A 1 26  ? 18.108  -3.369  -4.055  1.00 26.45 ? 26  ASN A CA  1 
ATOM   153  C  C   . ASN A 1 26  ? 17.086  -3.769  -2.969  1.00 21.78 ? 26  ASN A C   1 
ATOM   154  O  O   . ASN A 1 26  ? 17.477  -4.340  -1.929  1.00 21.16 ? 26  ASN A O   1 
ATOM   155  C  CB  . ASN A 1 26  ? 18.580  -1.927  -3.858  1.00 28.54 ? 26  ASN A CB  1 
ATOM   156  C  CG  . ASN A 1 26  ? 19.235  -1.734  -2.508  1.00 36.66 ? 26  ASN A CG  1 
ATOM   157  O  OD1 . ASN A 1 26  ? 20.243  -2.369  -2.216  1.00 42.40 ? 26  ASN A OD1 1 
ATOM   158  N  ND2 . ASN A 1 26  ? 18.624  -0.942  -1.637  1.00 38.46 ? 26  ASN A ND2 1 
ATOM   159  N  N   . ASP A 1 27  ? 15.795  -3.504  -3.183  1.00 21.70 ? 27  ASP A N   1 
ATOM   160  C  CA  . ASP A 1 27  ? 14.745  -4.016  -2.262  1.00 21.17 ? 27  ASP A CA  1 
ATOM   161  C  C   . ASP A 1 27  ? 14.866  -5.542  -2.127  1.00 19.63 ? 27  ASP A C   1 
ATOM   162  O  O   . ASP A 1 27  ? 14.841  -6.030  -1.016  1.00 18.48 ? 27  ASP A O   1 
ATOM   163  C  CB  . ASP A 1 27  ? 13.347  -3.647  -2.764  1.00 20.38 ? 27  ASP A CB  1 
ATOM   164  C  CG  . ASP A 1 27  ? 12.986  -2.187  -2.531  1.00 19.83 ? 27  ASP A CG  1 
ATOM   165  O  OD1 . ASP A 1 27  ? 13.363  -1.653  -1.453  1.00 22.34 ? 27  ASP A OD1 1 
ATOM   166  O  OD2 . ASP A 1 27  ? 12.368  -1.616  -3.431  1.00 18.77 ? 27  ASP A OD2 1 
ATOM   167  N  N   . TRP A 1 28  ? 14.946  -6.257  -3.253  1.00 19.93 ? 28  TRP A N   1 
ATOM   168  C  CA  . TRP A 1 28  ? 15.034  -7.737  -3.239  1.00 20.42 ? 28  TRP A CA  1 
ATOM   169  C  C   . TRP A 1 28  ? 16.374  -8.171  -2.604  1.00 21.44 ? 28  TRP A C   1 
ATOM   170  O  O   . TRP A 1 28  ? 16.400  -9.203  -1.839  1.00 20.92 ? 28  TRP A O   1 
ATOM   171  C  CB  . TRP A 1 28  ? 14.818  -8.303  -4.658  1.00 18.87 ? 28  TRP A CB  1 
ATOM   172  C  CG  . TRP A 1 28  ? 13.383  -8.380  -5.101  1.00 18.60 ? 28  TRP A CG  1 
ATOM   173  C  CD1 . TRP A 1 28  ? 12.726  -7.560  -5.964  1.00 20.16 ? 28  TRP A CD1 1 
ATOM   174  C  CD2 . TRP A 1 28  ? 12.426  -9.361  -4.680  1.00 17.66 ? 28  TRP A CD2 1 
ATOM   175  N  NE1 . TRP A 1 28  ? 11.420  -7.953  -6.112  1.00 18.51 ? 28  TRP A NE1 1 
ATOM   176  C  CE2 . TRP A 1 28  ? 11.196  -9.033  -5.298  1.00 16.79 ? 28  TRP A CE2 1 
ATOM   177  C  CE3 . TRP A 1 28  ? 12.475  -10.427 -3.784  1.00 16.82 ? 28  TRP A CE3 1 
ATOM   178  C  CZ2 . TRP A 1 28  ? 10.051  -9.812  -5.105  1.00 16.60 ? 28  TRP A CZ2 1 
ATOM   179  C  CZ3 . TRP A 1 28  ? 11.342  -11.197 -3.602  1.00 17.59 ? 28  TRP A CZ3 1 
ATOM   180  C  CH2 . TRP A 1 28  ? 10.147  -10.865 -4.237  1.00 17.57 ? 28  TRP A CH2 1 
ATOM   181  N  N   . ALA A 1 29  ? 17.448  -7.408  -2.861  1.00 23.87 ? 29  ALA A N   1 
ATOM   182  C  CA  . ALA A 1 29  ? 18.786  -7.661  -2.255  1.00 25.71 ? 29  ALA A CA  1 
ATOM   183  C  C   . ALA A 1 29  ? 18.732  -7.475  -0.732  1.00 27.15 ? 29  ALA A C   1 
ATOM   184  O  O   . ALA A 1 29  ? 19.555  -8.112  -0.031  1.00 30.62 ? 29  ALA A O   1 
ATOM   185  C  CB  . ALA A 1 29  ? 19.840  -6.784  -2.870  1.00 26.18 ? 29  ALA A CB  1 
ATOM   186  N  N   . ASN A 1 30  ? 17.810  -6.648  -0.221  1.00 23.16 ? 30  ASN A N   1 
ATOM   187  C  CA  . ASN A 1 30  ? 17.641  -6.389  1.237   1.00 25.91 ? 30  ASN A CA  1 
ATOM   188  C  C   . ASN A 1 30  ? 16.282  -6.899  1.728   1.00 23.39 ? 30  ASN A C   1 
ATOM   189  O  O   . ASN A 1 30  ? 15.732  -6.329  2.693   1.00 23.76 ? 30  ASN A O   1 
ATOM   190  C  CB  . ASN A 1 30  ? 17.814  -4.902  1.543   1.00 25.56 ? 30  ASN A CB  1 
ATOM   191  C  CG  . ASN A 1 30  ? 19.247  -4.455  1.352   1.00 24.43 ? 30  ASN A CG  1 
ATOM   192  O  OD1 . ASN A 1 30  ? 20.072  -4.744  2.206   1.00 27.83 ? 30  ASN A OD1 1 
ATOM   193  N  ND2 . ASN A 1 30  ? 19.541  -3.829  0.226   1.00 26.51 ? 30  ASN A ND2 1 
ATOM   194  N  N   . LEU A 1 31  ? 15.769  -7.967  1.129   1.00 21.98 ? 31  LEU A N   1 
ATOM   195  C  CA  . LEU A 1 31  ? 14.417  -8.491  1.449   1.00 22.61 ? 31  LEU A CA  1 
ATOM   196  C  C   . LEU A 1 31  ? 14.290  -8.856  2.929   1.00 21.18 ? 31  LEU A C   1 
ATOM   197  O  O   . LEU A 1 31  ? 15.172  -9.545  3.439   1.00 23.78 ? 31  LEU A O   1 
ATOM   198  C  CB  . LEU A 1 31  ? 14.112  -9.711  0.572   1.00 21.95 ? 31  LEU A CB  1 
ATOM   199  C  CG  . LEU A 1 31  ? 12.779  -10.373 0.900   1.00 21.74 ? 31  LEU A CG  1 
ATOM   200  C  CD1 . LEU A 1 31  ? 11.640  -9.457  0.457   1.00 20.53 ? 31  LEU A CD1 1 
ATOM   201  C  CD2 . LEU A 1 31  ? 12.655  -11.741 0.251   1.00 22.03 ? 31  LEU A CD2 1 
ATOM   202  N  N   . VAL A 1 32  ? 13.225  -8.378  3.597   1.00 20.12 ? 32  VAL A N   1 
ATOM   203  C  CA  . VAL A 1 32  ? 12.808  -8.806  4.963   1.00 19.41 ? 32  VAL A CA  1 
ATOM   204  C  C   . VAL A 1 32  ? 11.581  -9.717  4.835   1.00 22.15 ? 32  VAL A C   1 
ATOM   205  O  O   . VAL A 1 32  ? 11.532  -10.757 5.455   1.00 23.99 ? 32  VAL A O   1 
ATOM   206  C  CB  . VAL A 1 32  ? 12.532  -7.576  5.843   1.00 21.19 ? 32  VAL A CB  1 
ATOM   207  C  CG1 . VAL A 1 32  ? 11.931  -7.948  7.185   1.00 20.73 ? 32  VAL A CG1 1 
ATOM   208  C  CG2 . VAL A 1 32  ? 13.801  -6.736  5.995   1.00 22.11 ? 32  VAL A CG2 1 
ATOM   209  N  N   . TRP A 1 33  ? 10.594  -9.312  4.046   1.00 20.50 ? 33  TRP A N   1 
ATOM   210  C  CA  . TRP A 1 33  ? 9.280   -9.996  3.995   1.00 20.09 ? 33  TRP A CA  1 
ATOM   211  C  C   . TRP A 1 33  ? 8.580   -9.600  2.706   1.00 18.40 ? 33  TRP A C   1 
ATOM   212  O  O   . TRP A 1 33  ? 8.713   -8.445  2.298   1.00 18.43 ? 33  TRP A O   1 
ATOM   213  C  CB  . TRP A 1 33  ? 8.439   -9.673  5.241   1.00 21.17 ? 33  TRP A CB  1 
ATOM   214  C  CG  . TRP A 1 33  ? 7.044   -10.208 5.187   1.00 21.90 ? 33  TRP A CG  1 
ATOM   215  C  CD1 . TRP A 1 33  ? 6.609   -11.450 5.545   1.00 22.53 ? 33  TRP A CD1 1 
ATOM   216  C  CD2 . TRP A 1 33  ? 5.870   -9.484  4.772   1.00 21.42 ? 33  TRP A CD2 1 
ATOM   217  N  NE1 . TRP A 1 33  ? 5.254   -11.549 5.334   1.00 24.99 ? 33  TRP A NE1 1 
ATOM   218  C  CE2 . TRP A 1 33  ? 4.763   -10.344 4.913   1.00 21.75 ? 33  TRP A CE2 1 
ATOM   219  C  CE3 . TRP A 1 33  ? 5.650   -8.183  4.333   1.00 20.26 ? 33  TRP A CE3 1 
ATOM   220  C  CZ2 . TRP A 1 33  ? 3.465   -9.942  4.601   1.00 21.53 ? 33  TRP A CZ2 1 
ATOM   221  C  CZ3 . TRP A 1 33  ? 4.365   -7.780  4.041   1.00 19.08 ? 33  TRP A CZ3 1 
ATOM   222  C  CH2 . TRP A 1 33  ? 3.290   -8.656  4.155   1.00 19.69 ? 33  TRP A CH2 1 
ATOM   223  N  N   . GLU A 1 34  ? 7.903   -10.544 2.068   1.00 17.92 ? 34  GLU A N   1 
ATOM   224  C  CA  . GLU A 1 34  ? 7.078   -10.268 0.872   1.00 17.86 ? 34  GLU A CA  1 
ATOM   225  C  C   . GLU A 1 34  ? 5.895   -11.217 0.879   1.00 17.54 ? 34  GLU A C   1 
ATOM   226  O  O   . GLU A 1 34  ? 5.991   -12.331 1.385   1.00 16.27 ? 34  GLU A O   1 
ATOM   227  C  CB  . GLU A 1 34  ? 7.851   -10.341 -0.451  1.00 18.13 ? 34  GLU A CB  1 
ATOM   228  C  CG  . GLU A 1 34  ? 8.580   -11.660 -0.679  1.00 18.52 ? 34  GLU A CG  1 
ATOM   229  C  CD  . GLU A 1 34  ? 7.727   -12.787 -1.242  1.00 19.09 ? 34  GLU A CD  1 
ATOM   230  O  OE1 . GLU A 1 34  ? 7.996   -13.993 -0.893  1.00 21.29 ? 34  GLU A OE1 1 
ATOM   231  O  OE2 . GLU A 1 34  ? 6.800   -12.469 -2.008  1.00 17.15 ? 34  GLU A OE2 1 
ATOM   232  N  N   . ASP A 1 35  ? 4.797   -10.702 0.371   1.00 17.21 ? 35  ASP A N   1 
ATOM   233  C  CA  . ASP A 1 35  ? 3.534   -11.446 0.189   1.00 18.00 ? 35  ASP A CA  1 
ATOM   234  C  C   . ASP A 1 35  ? 2.981   -11.081 -1.183  1.00 17.84 ? 35  ASP A C   1 
ATOM   235  O  O   . ASP A 1 35  ? 2.485   -9.949  -1.377  1.00 15.66 ? 35  ASP A O   1 
ATOM   236  C  CB  . ASP A 1 35  ? 2.600   -11.220 1.382   1.00 17.85 ? 35  ASP A CB  1 
ATOM   237  C  CG  . ASP A 1 35  ? 1.397   -12.139 1.341   1.00 18.48 ? 35  ASP A CG  1 
ATOM   238  O  OD1 . ASP A 1 35  ? 0.945   -12.440 0.234   1.00 23.75 ? 35  ASP A OD1 1 
ATOM   239  O  OD2 . ASP A 1 35  ? 0.933   -12.547 2.416   1.00 21.22 ? 35  ASP A OD2 1 
ATOM   240  N  N   A SER A 1 36  ? 3.082   -12.009 -2.137  0.33 17.38 ? 36  SER A N   1 
ATOM   241  N  N   B SER A 1 36  ? 3.084   -12.025 -2.131  0.33 17.99 ? 36  SER A N   1 
ATOM   242  C  CA  A SER A 1 36  ? 2.573   -11.828 -3.517  0.33 18.77 ? 36  SER A CA  1 
ATOM   243  C  CA  B SER A 1 36  ? 2.582   -11.905 -3.523  0.33 19.81 ? 36  SER A CA  1 
ATOM   244  C  C   A SER A 1 36  ? 1.064   -11.549 -3.481  0.33 19.47 ? 36  SER A C   1 
ATOM   245  C  C   B SER A 1 36  ? 1.077   -11.598 -3.514  0.33 20.21 ? 36  SER A C   1 
ATOM   246  O  O   A SER A 1 36  ? 0.627   -10.607 -4.174  0.33 20.11 ? 36  SER A O   1 
ATOM   247  O  O   B SER A 1 36  ? 0.656   -10.681 -4.252  0.33 21.16 ? 36  SER A O   1 
ATOM   248  C  CB  A SER A 1 36  ? 2.882   -13.009 -4.377  0.33 19.03 ? 36  SER A CB  1 
ATOM   249  C  CB  B SER A 1 36  ? 2.899   -13.139 -4.341  0.33 20.80 ? 36  SER A CB  1 
ATOM   250  O  OG  A SER A 1 36  ? 2.489   -12.748 -5.711  0.33 18.98 ? 36  SER A OG  1 
ATOM   251  O  OG  B SER A 1 36  ? 2.673   -14.344 -3.612  0.33 22.01 ? 36  SER A OG  1 
ATOM   252  N  N   . SER A 1 37  ? 0.322   -12.309 -2.674  1.00 19.90 ? 37  SER A N   1 
ATOM   253  C  CA  . SER A 1 37  ? -1.153  -12.187 -2.571  1.00 20.70 ? 37  SER A CA  1 
ATOM   254  C  C   . SER A 1 37  ? -1.550  -10.804 -2.037  1.00 20.53 ? 37  SER A C   1 
ATOM   255  O  O   . SER A 1 37  ? -2.636  -10.377 -2.375  1.00 22.43 ? 37  SER A O   1 
ATOM   256  C  CB  . SER A 1 37  ? -1.742  -13.296 -1.737  1.00 23.27 ? 37  SER A CB  1 
ATOM   257  O  OG  . SER A 1 37  ? -1.495  -13.070 -0.374  1.00 27.71 ? 37  SER A OG  1 
ATOM   258  N  N   . ARG A 1 38  ? -0.653  -10.086 -1.340  1.00 17.75 ? 38  ARG A N   1 
ATOM   259  C  CA  . ARG A 1 38  ? -0.939  -8.720  -0.795  1.00 16.74 ? 38  ARG A CA  1 
ATOM   260  C  C   . ARG A 1 38  ? -0.314  -7.598  -1.643  1.00 16.35 ? 38  ARG A C   1 
ATOM   261  O  O   . ARG A 1 38  ? -0.603  -6.425  -1.354  1.00 16.38 ? 38  ARG A O   1 
ATOM   262  C  CB  . ARG A 1 38  ? -0.409  -8.612  0.635   1.00 17.69 ? 38  ARG A CB  1 
ATOM   263  C  CG  . ARG A 1 38  ? -1.109  -9.509  1.645   1.00 18.72 ? 38  ARG A CG  1 
ATOM   264  C  CD  . ARG A 1 38  ? -0.495  -9.379  3.010   1.00 19.24 ? 38  ARG A CD  1 
ATOM   265  N  NE  . ARG A 1 38  ? -0.817  -8.085  3.590   1.00 19.20 ? 38  ARG A NE  1 
ATOM   266  C  CZ  . ARG A 1 38  ? -0.997  -7.837  4.872   1.00 18.32 ? 38  ARG A CZ  1 
ATOM   267  N  NH1 . ARG A 1 38  ? -0.841  -8.799  5.768   1.00 20.22 ? 38  ARG A NH1 1 
ATOM   268  N  NH2 . ARG A 1 38  ? -1.327  -6.617  5.265   1.00 18.61 ? 38  ARG A NH2 1 
ATOM   269  N  N   . ASP A 1 39  ? 0.573   -7.920  -2.593  1.00 15.62 ? 39  ASP A N   1 
ATOM   270  C  CA  . ASP A 1 39  ? 1.340   -6.897  -3.360  1.00 15.28 ? 39  ASP A CA  1 
ATOM   271  C  C   . ASP A 1 39  ? 2.202   -6.070  -2.417  1.00 13.88 ? 39  ASP A C   1 
ATOM   272  O  O   . ASP A 1 39  ? 2.372   -4.889  -2.698  1.00 16.14 ? 39  ASP A O   1 
ATOM   273  C  CB  . ASP A 1 39  ? 0.446   -5.938  -4.155  1.00 16.12 ? 39  ASP A CB  1 
ATOM   274  C  CG  . ASP A 1 39  ? 1.196   -4.972  -5.079  1.00 17.01 ? 39  ASP A CG  1 
ATOM   275  O  OD1 . ASP A 1 39  ? 2.290   -5.361  -5.602  1.00 16.51 ? 39  ASP A OD1 1 
ATOM   276  O  OD2 . ASP A 1 39  ? 0.767   -3.774  -5.160  1.00 18.48 ? 39  ASP A OD2 1 
ATOM   277  N  N   . LEU A 1 40  ? 2.737   -6.662  -1.355  1.00 14.18 ? 40  LEU A N   1 
ATOM   278  C  CA  . LEU A 1 40  ? 3.666   -5.939  -0.441  1.00 13.66 ? 40  LEU A CA  1 
ATOM   279  C  C   . LEU A 1 40  ? 5.054   -6.574  -0.421  1.00 13.57 ? 40  LEU A C   1 
ATOM   280  O  O   . LEU A 1 40  ? 5.137   -7.815  -0.447  1.00 13.57 ? 40  LEU A O   1 
ATOM   281  C  CB  . LEU A 1 40  ? 3.117   -5.934  0.973   1.00 14.25 ? 40  LEU A CB  1 
ATOM   282  C  CG  . LEU A 1 40  ? 1.903   -5.045  1.204   1.00 14.67 ? 40  LEU A CG  1 
ATOM   283  C  CD1 . LEU A 1 40  ? 1.542   -5.056  2.674   1.00 15.61 ? 40  LEU A CD1 1 
ATOM   284  C  CD2 . LEU A 1 40  ? 2.172   -3.631  0.760   1.00 14.64 ? 40  LEU A CD2 1 
ATOM   285  N  N   . LEU A 1 41  ? 6.058   -5.733  -0.223  1.00 12.62 ? 41  LEU A N   1 
ATOM   286  C  CA  . LEU A 1 41  ? 7.439   -6.163  0.037   1.00 14.01 ? 41  LEU A CA  1 
ATOM   287  C  C   . LEU A 1 41  ? 8.010   -5.159  1.018   1.00 14.02 ? 41  LEU A C   1 
ATOM   288  O  O   . LEU A 1 41  ? 7.721   -3.968  0.844   1.00 15.44 ? 41  LEU A O   1 
ATOM   289  C  CB  . LEU A 1 41  ? 8.237   -6.228  -1.266  1.00 14.13 ? 41  LEU A CB  1 
ATOM   290  C  CG  . LEU A 1 41  ? 9.687   -6.703  -1.124  1.00 14.90 ? 41  LEU A CG  1 
ATOM   291  C  CD1 . LEU A 1 41  ? 10.146  -7.446  -2.369  1.00 14.81 ? 41  LEU A CD1 1 
ATOM   292  C  CD2 . LEU A 1 41  ? 10.638  -5.566  -0.819  1.00 15.47 ? 41  LEU A CD2 1 
ATOM   293  N  N   . VAL A 1 42  ? 8.701   -5.671  2.007   1.00 14.68 ? 42  VAL A N   1 
ATOM   294  C  CA  . VAL A 1 42  ? 9.434   -4.875  2.997   1.00 14.69 ? 42  VAL A CA  1 
ATOM   295  C  C   . VAL A 1 42  ? 10.924  -5.230  2.851   1.00 17.02 ? 42  VAL A C   1 
ATOM   296  O  O   . VAL A 1 42  ? 11.278  -6.412  2.877   1.00 16.66 ? 42  VAL A O   1 
ATOM   297  C  CB  . VAL A 1 42  ? 8.904   -5.144  4.414   1.00 15.38 ? 42  VAL A CB  1 
ATOM   298  C  CG1 . VAL A 1 42  ? 9.722   -4.367  5.429   1.00 17.51 ? 42  VAL A CG1 1 
ATOM   299  C  CG2 . VAL A 1 42  ? 7.431   -4.824  4.532   1.00 15.17 ? 42  VAL A CG2 1 
ATOM   300  N  N   . SER A 1 43  ? 11.747  -4.208  2.708   1.00 17.86 ? 43  SER A N   1 
ATOM   301  C  CA  . SER A 1 43  ? 13.219  -4.327  2.691   1.00 19.65 ? 43  SER A CA  1 
ATOM   302  C  C   . SER A 1 43  ? 13.792  -3.603  3.909   1.00 21.24 ? 43  SER A C   1 
ATOM   303  O  O   . SER A 1 43  ? 13.107  -2.758  4.511   1.00 22.24 ? 43  SER A O   1 
ATOM   304  C  CB  . SER A 1 43  ? 13.778  -3.828  1.402   1.00 17.76 ? 43  SER A CB  1 
ATOM   305  O  OG  . SER A 1 43  ? 13.384  -2.491  1.127   1.00 19.79 ? 43  SER A OG  1 
ATOM   306  N  N   . SER A 1 44  ? 15.027  -3.944  4.273   1.00 23.13 ? 44  SER A N   1 
ATOM   307  C  CA  . SER A 1 44  ? 15.756  -3.299  5.381   1.00 24.56 ? 44  SER A CA  1 
ATOM   308  C  C   . SER A 1 44  ? 16.457  -2.045  4.872   1.00 23.64 ? 44  SER A C   1 
ATOM   309  O  O   . SER A 1 44  ? 16.878  -2.026  3.720   1.00 24.03 ? 44  SER A O   1 
ATOM   310  C  CB  . SER A 1 44  ? 16.725  -4.265  5.996   1.00 27.32 ? 44  SER A CB  1 
ATOM   311  O  OG  . SER A 1 44  ? 17.588  -4.751  5.001   1.00 28.79 ? 44  SER A OG  1 
ATOM   312  N  N   . THR A 1 45  ? 16.575  -1.038  5.728   1.00 23.88 ? 45  THR A N   1 
ATOM   313  C  CA  . THR A 1 45  ? 17.191  0.273   5.414   1.00 26.51 ? 45  THR A CA  1 
ATOM   314  C  C   . THR A 1 45  ? 18.309  0.456   6.433   1.00 28.33 ? 45  THR A C   1 
ATOM   315  O  O   . THR A 1 45  ? 18.191  -0.133  7.520   1.00 35.63 ? 45  THR A O   1 
ATOM   316  C  CB  . THR A 1 45  ? 16.193  1.441   5.534   1.00 27.32 ? 45  THR A CB  1 
ATOM   317  O  OG1 . THR A 1 45  ? 15.758  1.521   6.891   1.00 30.09 ? 45  THR A OG1 1 
ATOM   318  C  CG2 . THR A 1 45  ? 14.976  1.312   4.643   1.00 26.17 ? 45  THR A CG2 1 
ATOM   319  N  N   . THR A 1 46  ? 19.307  1.271   6.134   1.00 31.00 ? 46  THR A N   1 
ATOM   320  C  CA  . THR A 1 46  ? 20.343  1.615   7.147   1.00 36.30 ? 46  THR A CA  1 
ATOM   321  C  C   . THR A 1 46  ? 19.852  2.831   7.941   1.00 38.60 ? 46  THR A C   1 
ATOM   322  O  O   . THR A 1 46  ? 19.949  2.787   9.183   1.00 43.73 ? 46  THR A O   1 
ATOM   323  C  CB  . THR A 1 46  ? 21.727  1.789   6.517   1.00 34.08 ? 46  THR A CB  1 
ATOM   324  O  OG1 . THR A 1 46  ? 21.598  2.446   5.254   1.00 30.17 ? 46  THR A OG1 1 
ATOM   325  C  CG2 . THR A 1 46  ? 22.438  0.461   6.349   1.00 37.18 ? 46  THR A CG2 1 
ATOM   326  N  N   . ALA A 1 47  ? 19.283  3.831   7.259   1.00 37.38 ? 47  ALA A N   1 
ATOM   327  C  CA  . ALA A 1 47  ? 18.773  5.076   7.882   1.00 37.62 ? 47  ALA A CA  1 
ATOM   328  C  C   . ALA A 1 47  ? 17.434  4.788   8.574   1.00 38.14 ? 47  ALA A C   1 
ATOM   329  O  O   . ALA A 1 47  ? 16.618  4.085   7.956   1.00 35.48 ? 47  ALA A O   1 
ATOM   330  C  CB  . ALA A 1 47  ? 18.651  6.162   6.838   1.00 35.43 ? 47  ALA A CB  1 
ATOM   331  N  N   . GLN A 1 48  ? 17.218  5.331   9.782   1.00 36.83 ? 48  GLN A N   1 
ATOM   332  C  CA  . GLN A 1 48  ? 15.940  5.226   10.550  1.00 39.00 ? 48  GLN A CA  1 
ATOM   333  C  C   . GLN A 1 48  ? 14.810  5.942   9.802   1.00 37.56 ? 48  GLN A C   1 
ATOM   334  O  O   . GLN A 1 48  ? 15.027  7.077   9.340   1.00 39.88 ? 48  GLN A O   1 
ATOM   335  C  CB  . GLN A 1 48  ? 16.034  5.840   11.949  1.00 42.72 ? 48  GLN A CB  1 
ATOM   336  C  CG  . GLN A 1 48  ? 16.481  4.859   13.025  1.00 48.14 ? 48  GLN A CG  1 
ATOM   337  C  CD  . GLN A 1 48  ? 15.406  3.874   13.415  1.00 53.70 ? 48  GLN A CD  1 
ATOM   338  O  OE1 . GLN A 1 48  ? 14.287  4.236   13.778  1.00 54.77 ? 48  GLN A OE1 1 
ATOM   339  N  NE2 . GLN A 1 48  ? 15.752  2.600   13.361  1.00 59.77 ? 48  GLN A NE2 1 
ATOM   340  N  N   . GLY A 1 49  ? 13.641  5.305   9.718   1.00 36.28 ? 49  GLY A N   1 
ATOM   341  C  CA  . GLY A 1 49  ? 12.417  5.889   9.141   1.00 35.17 ? 49  GLY A CA  1 
ATOM   342  C  C   . GLY A 1 49  ? 11.555  6.597   10.173  1.00 33.14 ? 49  GLY A C   1 
ATOM   343  O  O   . GLY A 1 49  ? 11.442  6.106   11.306  1.00 34.34 ? 49  GLY A O   1 
ATOM   344  N  N   . CYS A 1 50  ? 10.845  7.638   9.741   1.00 33.12 ? 50  CYS A N   1 
ATOM   345  C  CA  . CYS A 1 50  ? 10.099  8.575   10.622  1.00 37.26 ? 50  CYS A CA  1 
ATOM   346  C  C   . CYS A 1 50  ? 8.578   8.403   10.501  1.00 29.68 ? 50  CYS A C   1 
ATOM   347  O  O   . CYS A 1 50  ? 7.881   9.048   11.289  1.00 29.60 ? 50  CYS A O   1 
ATOM   348  C  CB  . CYS A 1 50  ? 10.496  10.013  10.319  1.00 40.65 ? 50  CYS A CB  1 
ATOM   349  S  SG  . CYS A 1 50  ? 12.233  10.357  10.702  1.00 57.56 ? 50  CYS A SG  1 
ATOM   350  N  N   . ASP A 1 51  ? 8.070   7.546   9.598   1.00 26.08 ? 51  ASP A N   1 
ATOM   351  C  CA  . ASP A 1 51  ? 6.607   7.316   9.411   1.00 25.52 ? 51  ASP A CA  1 
ATOM   352  C  C   . ASP A 1 51  ? 6.076   6.553   10.641  1.00 23.27 ? 51  ASP A C   1 
ATOM   353  O  O   . ASP A 1 51  ? 6.789   5.659   11.189  1.00 26.35 ? 51  ASP A O   1 
ATOM   354  C  CB  . ASP A 1 51  ? 6.300   6.598   8.081   1.00 26.30 ? 51  ASP A CB  1 
ATOM   355  C  CG  . ASP A 1 51  ? 6.399   7.427   6.808   1.00 30.81 ? 51  ASP A CG  1 
ATOM   356  O  OD1 . ASP A 1 51  ? 5.986   8.600   6.872   1.00 39.07 ? 51  ASP A OD1 1 
ATOM   357  O  OD2 . ASP A 1 51  ? 6.828   6.880   5.725   1.00 25.62 ? 51  ASP A OD2 1 
ATOM   358  N  N   . THR A 1 52  ? 4.831   6.826   11.036  1.00 21.54 ? 52  THR A N   1 
ATOM   359  C  CA  . THR A 1 52  ? 4.067   6.062   12.047  1.00 23.44 ? 52  THR A CA  1 
ATOM   360  C  C   . THR A 1 52  ? 3.008   5.220   11.329  1.00 21.88 ? 52  THR A C   1 
ATOM   361  O  O   . THR A 1 52  ? 2.266   5.768   10.496  1.00 19.08 ? 52  THR A O   1 
ATOM   362  C  CB  . THR A 1 52  ? 3.421   6.998   13.075  1.00 26.15 ? 52  THR A CB  1 
ATOM   363  O  OG1 . THR A 1 52  ? 4.474   7.760   13.664  1.00 28.24 ? 52  THR A OG1 1 
ATOM   364  C  CG2 . THR A 1 52  ? 2.637   6.255   14.133  1.00 25.86 ? 52  THR A CG2 1 
ATOM   365  N  N   . ILE A 1 53  ? 2.901   3.947   11.682  1.00 19.18 ? 53  ILE A N   1 
ATOM   366  C  CA  . ILE A 1 53  ? 1.850   3.068   11.117  1.00 18.18 ? 53  ILE A CA  1 
ATOM   367  C  C   . ILE A 1 53  ? 0.596   3.200   11.985  1.00 18.86 ? 53  ILE A C   1 
ATOM   368  O  O   . ILE A 1 53  ? 0.711   3.144   13.214  1.00 19.26 ? 53  ILE A O   1 
ATOM   369  C  CB  . ILE A 1 53  ? 2.336   1.616   11.036  1.00 16.91 ? 53  ILE A CB  1 
ATOM   370  C  CG1 . ILE A 1 53  ? 3.702   1.488   10.342  1.00 17.36 ? 53  ILE A CG1 1 
ATOM   371  C  CG2 . ILE A 1 53  ? 1.289   0.752   10.372  1.00 15.19 ? 53  ILE A CG2 1 
ATOM   372  C  CD1 . ILE A 1 53  ? 3.680   1.842   8.876   1.00 19.09 ? 53  ILE A CD1 1 
ATOM   373  N  N   . ALA A 1 54  ? -0.559  3.434   11.371  1.00 16.51 ? 54  ALA A N   1 
ATOM   374  C  CA  . ALA A 1 54  ? -1.877  3.442   12.033  1.00 19.18 ? 54  ALA A CA  1 
ATOM   375  C  C   . ALA A 1 54  ? -2.145  2.068   12.652  1.00 16.47 ? 54  ALA A C   1 
ATOM   376  O  O   . ALA A 1 54  ? -1.892  1.023   11.992  1.00 15.83 ? 54  ALA A O   1 
ATOM   377  C  CB  . ALA A 1 54  ? -2.966  3.808   11.030  1.00 16.26 ? 54  ALA A CB  1 
ATOM   378  N  N   . ARG A 1 55  ? -2.683  2.048   13.881  1.00 17.48 ? 55  ARG A N   1 
ATOM   379  C  CA  . ARG A 1 55  ? -3.166  0.822   14.550  1.00 18.65 ? 55  ARG A CA  1 
ATOM   380  C  C   . ARG A 1 55  ? -4.606  1.107   14.951  1.00 17.10 ? 55  ARG A C   1 
ATOM   381  O  O   . ARG A 1 55  ? -4.813  1.719   16.027  1.00 18.97 ? 55  ARG A O   1 
ATOM   382  C  CB  . ARG A 1 55  ? -2.266  0.437   15.729  1.00 19.95 ? 55  ARG A CB  1 
ATOM   383  C  CG  . ARG A 1 55  ? -0.801  0.240   15.365  1.00 20.77 ? 55  ARG A CG  1 
ATOM   384  C  CD  . ARG A 1 55  ? -0.476  -0.858  14.336  1.00 22.59 ? 55  ARG A CD  1 
ATOM   385  N  NE  . ARG A 1 55  ? 0.963   -0.896  14.038  1.00 23.27 ? 55  ARG A NE  1 
ATOM   386  C  CZ  . ARG A 1 55  ? 1.531   -1.569  13.030  1.00 21.17 ? 55  ARG A CZ  1 
ATOM   387  N  NH1 . ARG A 1 55  ? 0.806   -2.304  12.205  1.00 20.32 ? 55  ARG A NH1 1 
ATOM   388  N  NH2 . ARG A 1 55  ? 2.839   -1.496  12.844  1.00 22.20 ? 55  ARG A NH2 1 
ATOM   389  N  N   . CYS A 1 56  ? -5.536  0.680   14.108  1.00 17.64 ? 56  CYS A N   1 
ATOM   390  C  CA  . CYS A 1 56  ? -6.939  1.156   14.175  1.00 17.49 ? 56  CYS A CA  1 
ATOM   391  C  C   . CYS A 1 56  ? -7.798  0.415   13.175  1.00 17.41 ? 56  CYS A C   1 
ATOM   392  O  O   . CYS A 1 56  ? -7.258  -0.347  12.401  1.00 17.53 ? 56  CYS A O   1 
ATOM   393  C  CB  . CYS A 1 56  ? -7.004  2.646   13.879  1.00 17.69 ? 56  CYS A CB  1 
ATOM   394  S  SG  . CYS A 1 56  ? -6.659  3.009   12.135  1.00 17.84 ? 56  CYS A SG  1 
ATOM   395  N  N   . ASP A 1 57  ? -9.115  0.641   13.214  1.00 18.80 ? 57  ASP A N   1 
ATOM   396  C  CA  . ASP A 1 57  ? -10.016 0.133   12.151  1.00 20.81 ? 57  ASP A CA  1 
ATOM   397  C  C   . ASP A 1 57  ? -10.766 1.329   11.569  1.00 18.19 ? 57  ASP A C   1 
ATOM   398  O  O   . ASP A 1 57  ? -11.885 1.142   11.164  1.00 19.42 ? 57  ASP A O   1 
ATOM   399  C  CB  . ASP A 1 57  ? -10.973 -0.963  12.612  1.00 26.86 ? 57  ASP A CB  1 
ATOM   400  C  CG  . ASP A 1 57  ? -11.965 -0.436  13.605  1.00 27.49 ? 57  ASP A CG  1 
ATOM   401  O  OD1 . ASP A 1 57  ? -11.649 0.612   14.224  1.00 28.70 ? 57  ASP A OD1 1 
ATOM   402  O  OD2 . ASP A 1 57  ? -13.029 -1.083  13.745  1.00 38.93 ? 57  ASP A OD2 1 
ATOM   403  N  N   . CYS A 1 58  ? -10.100 2.472   11.417  1.00 19.68 ? 58  CYS A N   1 
ATOM   404  C  CA  . CYS A 1 58  ? -10.656 3.588   10.603  1.00 17.65 ? 58  CYS A CA  1 
ATOM   405  C  C   . CYS A 1 58  ? -11.043 3.126   9.199   1.00 16.71 ? 58  CYS A C   1 
ATOM   406  O  O   . CYS A 1 58  ? -10.380 2.226   8.633   1.00 17.77 ? 58  CYS A O   1 
ATOM   407  C  CB  . CYS A 1 58  ? -9.632  4.681   10.404  1.00 17.42 ? 58  CYS A CB  1 
ATOM   408  S  SG  . CYS A 1 58  ? -9.303  5.638   11.888  1.00 18.30 ? 58  CYS A SG  1 
ATOM   409  N  N   . GLN A 1 59  ? -12.113 3.712   8.690   1.00 15.45 ? 59  GLN A N   1 
ATOM   410  C  CA  . GLN A 1 59  ? -12.628 3.465   7.337   1.00 15.30 ? 59  GLN A CA  1 
ATOM   411  C  C   . GLN A 1 59  ? -12.736 4.801   6.620   1.00 13.17 ? 59  GLN A C   1 
ATOM   412  O  O   . GLN A 1 59  ? -13.319 4.847   5.600   1.00 14.06 ? 59  GLN A O   1 
ATOM   413  C  CB  . GLN A 1 59  ? -13.964 2.740   7.332   1.00 16.62 ? 59  GLN A CB  1 
ATOM   414  C  CG  . GLN A 1 59  ? -13.826 1.234   7.449   1.00 20.75 ? 59  GLN A CG  1 
ATOM   415  C  CD  . GLN A 1 59  ? -15.134 0.549   7.121   1.00 21.92 ? 59  GLN A CD  1 
ATOM   416  O  OE1 . GLN A 1 59  ? -15.559 0.425   5.953   1.00 25.68 ? 59  GLN A OE1 1 
ATOM   417  N  NE2 . GLN A 1 59  ? -15.801 0.095   8.167   1.00 20.85 ? 59  GLN A NE2 1 
ATOM   418  N  N   . THR A 1 60  ? -12.114 5.833   7.148   1.00 14.28 ? 60  THR A N   1 
ATOM   419  C  CA  . THR A 1 60  ? -11.960 7.112   6.423   1.00 15.72 ? 60  THR A CA  1 
ATOM   420  C  C   . THR A 1 60  ? -10.516 7.582   6.533   1.00 14.23 ? 60  THR A C   1 
ATOM   421  O  O   . THR A 1 60  ? -9.849  7.332   7.520   1.00 14.36 ? 60  THR A O   1 
ATOM   422  C  CB  . THR A 1 60  ? -12.944 8.182   6.916   1.00 18.42 ? 60  THR A CB  1 
ATOM   423  O  OG1 . THR A 1 60  ? -12.697 8.430   8.296   1.00 22.06 ? 60  THR A OG1 1 
ATOM   424  C  CG2 . THR A 1 60  ? -14.387 7.788   6.684   1.00 19.67 ? 60  THR A CG2 1 
ATOM   425  N  N   . GLY A 1 61  ? -10.038 8.220   5.482   1.00 15.12 ? 61  GLY A N   1 
ATOM   426  C  CA  . GLY A 1 61  ? -8.674  8.730   5.449   1.00 13.07 ? 61  GLY A CA  1 
ATOM   427  C  C   . GLY A 1 61  ? -8.487  9.547   4.206   1.00 12.01 ? 61  GLY A C   1 
ATOM   428  O  O   . GLY A 1 61  ? -9.468  9.854   3.513   1.00 13.23 ? 61  GLY A O   1 
ATOM   429  N  N   . VAL A 1 62  ? -7.236  9.851   3.949   1.00 11.60 ? 62  VAL A N   1 
ATOM   430  C  CA  . VAL A 1 62  ? -6.802  10.726  2.833   1.00 12.24 ? 62  VAL A CA  1 
ATOM   431  C  C   . VAL A 1 62  ? -5.695  9.967   2.118   1.00 12.30 ? 62  VAL A C   1 
ATOM   432  O  O   . VAL A 1 62  ? -4.729  9.572   2.780   1.00 12.05 ? 62  VAL A O   1 
ATOM   433  C  CB  . VAL A 1 62  ? -6.326  12.095  3.365   1.00 13.67 ? 62  VAL A CB  1 
ATOM   434  C  CG1 . VAL A 1 62  ? -5.707  12.968  2.282   1.00 14.13 ? 62  VAL A CG1 1 
ATOM   435  C  CG2 . VAL A 1 62  ? -7.425  12.843  4.087   1.00 14.58 ? 62  VAL A CG2 1 
ATOM   436  N  N   . TYR A 1 63  ? -5.732  9.932   0.793   1.00 12.28 ? 63  TYR A N   1 
ATOM   437  C  CA  . TYR A 1 63  ? -4.645  9.308   -0.001  1.00 10.61 ? 63  TYR A CA  1 
ATOM   438  C  C   . TYR A 1 63  ? -4.074  10.267  -1.036  1.00 10.99 ? 63  TYR A C   1 
ATOM   439  O  O   . TYR A 1 63  ? -4.768  11.159  -1.462  1.00 11.16 ? 63  TYR A O   1 
ATOM   440  C  CB  . TYR A 1 63  ? -5.110  8.062   -0.735  1.00 11.56 ? 63  TYR A CB  1 
ATOM   441  C  CG  . TYR A 1 63  ? -5.866  8.239   -2.032  1.00 12.04 ? 63  TYR A CG  1 
ATOM   442  C  CD1 . TYR A 1 63  ? -7.222  8.538   -2.055  1.00 12.97 ? 63  TYR A CD1 1 
ATOM   443  C  CD2 . TYR A 1 63  ? -5.261  7.993   -3.260  1.00 13.16 ? 63  TYR A CD2 1 
ATOM   444  C  CE1 . TYR A 1 63  ? -7.927  8.609   -3.251  1.00 13.60 ? 63  TYR A CE1 1 
ATOM   445  C  CE2 . TYR A 1 63  ? -5.961  8.044   -4.458  1.00 12.60 ? 63  TYR A CE2 1 
ATOM   446  C  CZ  . TYR A 1 63  ? -7.309  8.389   -4.460  1.00 13.61 ? 63  TYR A CZ  1 
ATOM   447  O  OH  . TYR A 1 63  ? -8.002  8.471   -5.649  1.00 15.91 ? 63  TYR A OH  1 
ATOM   448  N  N   . TYR A 1 64  ? -2.793  10.072  -1.327  1.00 11.06 ? 64  TYR A N   1 
ATOM   449  C  CA  . TYR A 1 64  ? -2.115  10.889  -2.338  1.00 12.21 ? 64  TYR A CA  1 
ATOM   450  C  C   . TYR A 1 64  ? -2.266  10.221  -3.698  1.00 12.68 ? 64  TYR A C   1 
ATOM   451  O  O   . TYR A 1 64  ? -1.935  9.058   -3.843  1.00 11.84 ? 64  TYR A O   1 
ATOM   452  C  CB  . TYR A 1 64  ? -0.636  11.107  -2.043  1.00 12.52 ? 64  TYR A CB  1 
ATOM   453  C  CG  . TYR A 1 64  ? -0.034  11.986  -3.105  1.00 13.19 ? 64  TYR A CG  1 
ATOM   454  C  CD1 . TYR A 1 64  ? -0.462  13.307  -3.282  1.00 16.21 ? 64  TYR A CD1 1 
ATOM   455  C  CD2 . TYR A 1 64  ? 0.952   11.506  -3.931  1.00 15.66 ? 64  TYR A CD2 1 
ATOM   456  C  CE1 . TYR A 1 64  ? 0.046   14.111  -4.296  1.00 18.35 ? 64  TYR A CE1 1 
ATOM   457  C  CE2 . TYR A 1 64  ? 1.471   12.294  -4.948  1.00 16.25 ? 64  TYR A CE2 1 
ATOM   458  C  CZ  . TYR A 1 64  ? 1.029   13.596  -5.119  1.00 18.22 ? 64  TYR A CZ  1 
ATOM   459  O  OH  . TYR A 1 64  ? 1.526   14.342  -6.146  1.00 22.17 ? 64  TYR A OH  1 
ATOM   460  N  N   . CYS A 1 65  ? -2.735  10.993  -4.675  1.00 14.02 ? 65  CYS A N   1 
ATOM   461  C  CA  . CYS A 1 65  ? -2.997  10.524  -6.061  1.00 14.42 ? 65  CYS A CA  1 
ATOM   462  C  C   . CYS A 1 65  ? -2.049  11.250  -7.035  1.00 15.93 ? 65  CYS A C   1 
ATOM   463  O  O   . CYS A 1 65  ? -2.315  12.437  -7.334  1.00 16.03 ? 65  CYS A O   1 
ATOM   464  C  CB  . CYS A 1 65  ? -4.451  10.736  -6.457  1.00 15.25 ? 65  CYS A CB  1 
ATOM   465  S  SG  . CYS A 1 65  ? -4.796  10.343  -8.204  1.00 16.23 ? 65  CYS A SG  1 
ATOM   466  N  N   . SER A 1 66  ? -0.956  10.600  -7.443  1.00 16.49 ? 66  SER A N   1 
ATOM   467  C  CA  . SER A 1 66  ? 0.125   11.275  -8.199  1.00 18.39 ? 66  SER A CA  1 
ATOM   468  C  C   . SER A 1 66  ? -0.416  11.734  -9.567  1.00 17.14 ? 66  SER A C   1 
ATOM   469  O  O   . SER A 1 66  ? -0.006  12.827  -10.027 1.00 16.86 ? 66  SER A O   1 
ATOM   470  C  CB  . SER A 1 66  ? 1.355   10.418  -8.283  1.00 19.17 ? 66  SER A CB  1 
ATOM   471  O  OG  . SER A 1 66  ? 1.080   9.241   -9.011  1.00 27.44 ? 66  SER A OG  1 
ATOM   472  N  N   . SER A 1 67  ? -1.356  11.001  -10.163 1.00 17.75 ? 67  SER A N   1 
ATOM   473  C  CA  . SER A 1 67  ? -1.935  11.285  -11.505 1.00 16.90 ? 67  SER A CA  1 
ATOM   474  C  C   . SER A 1 67  ? -2.884  12.502  -11.461 1.00 17.58 ? 67  SER A C   1 
ATOM   475  O  O   . SER A 1 67  ? -3.351  12.920  -12.547 1.00 17.91 ? 67  SER A O   1 
ATOM   476  C  CB  . SER A 1 67  ? -2.591  10.075  -12.091 1.00 17.81 ? 67  SER A CB  1 
ATOM   477  O  OG  . SER A 1 67  ? -3.710  9.630   -11.316 1.00 16.97 ? 67  SER A OG  1 
ATOM   478  N  N   . ARG A 1 68  ? -3.082  13.101  -10.290 1.00 17.34 ? 68  ARG A N   1 
ATOM   479  C  CA  . ARG A 1 68  ? -3.885  14.323  -10.102 1.00 16.85 ? 68  ARG A CA  1 
ATOM   480  C  C   . ARG A 1 68  ? -3.083  15.351  -9.305  1.00 17.21 ? 68  ARG A C   1 
ATOM   481  O  O   . ARG A 1 68  ? -3.586  16.439  -9.088  1.00 19.64 ? 68  ARG A O   1 
ATOM   482  C  CB  . ARG A 1 68  ? -5.232  13.960  -9.442  1.00 16.39 ? 68  ARG A CB  1 
ATOM   483  C  CG  . ARG A 1 68  ? -6.084  13.024  -10.284 1.00 16.00 ? 68  ARG A CG  1 
ATOM   484  C  CD  . ARG A 1 68  ? -6.737  13.828  -11.404 1.00 17.78 ? 68  ARG A CD  1 
ATOM   485  N  NE  . ARG A 1 68  ? -7.638  13.020  -12.192 1.00 19.38 ? 68  ARG A NE  1 
ATOM   486  C  CZ  . ARG A 1 68  ? -7.286  12.331  -13.268 1.00 20.00 ? 68  ARG A CZ  1 
ATOM   487  N  NH1 . ARG A 1 68  ? -6.021  12.320  -13.658 1.00 20.93 ? 68  ARG A NH1 1 
ATOM   488  N  NH2 . ARG A 1 68  ? -8.186  11.622  -13.922 1.00 20.53 ? 68  ARG A NH2 1 
ATOM   489  N  N   . ARG A 1 69  ? -1.872  15.024  -8.863  1.00 18.48 ? 69  ARG A N   1 
ATOM   490  C  CA  . ARG A 1 69  ? -1.101  15.832  -7.891  1.00 19.93 ? 69  ARG A CA  1 
ATOM   491  C  C   . ARG A 1 69  ? -2.023  16.357  -6.784  1.00 21.15 ? 69  ARG A C   1 
ATOM   492  O  O   . ARG A 1 69  ? -1.920  17.569  -6.428  1.00 21.84 ? 69  ARG A O   1 
ATOM   493  C  CB  . ARG A 1 69  ? -0.415  16.965  -8.658  1.00 22.24 ? 69  ARG A CB  1 
ATOM   494  C  CG  . ARG A 1 69  ? 0.799   16.489  -9.434  1.00 23.38 ? 69  ARG A CG  1 
ATOM   495  C  CD  . ARG A 1 69  ? 1.434   17.690  -10.108 1.00 24.51 ? 69  ARG A CD  1 
ATOM   496  N  NE  . ARG A 1 69  ? 2.438   17.361  -11.113 1.00 29.28 ? 69  ARG A NE  1 
ATOM   497  C  CZ  . ARG A 1 69  ? 2.397   17.762  -12.385 1.00 28.54 ? 69  ARG A CZ  1 
ATOM   498  N  NH1 . ARG A 1 69  ? 1.369   18.476  -12.821 1.00 31.60 ? 69  ARG A NH1 1 
ATOM   499  N  NH2 . ARG A 1 69  ? 3.361   17.414  -13.229 1.00 27.24 ? 69  ARG A NH2 1 
ATOM   500  N  N   . LYS A 1 70  ? -2.860  15.479  -6.222  1.00 20.03 ? 70  LYS A N   1 
ATOM   501  C  CA  . LYS A 1 70  ? -3.854  15.888  -5.203  1.00 20.82 ? 70  LYS A CA  1 
ATOM   502  C  C   . LYS A 1 70  ? -3.972  14.779  -4.168  1.00 18.90 ? 70  LYS A C   1 
ATOM   503  O  O   . LYS A 1 70  ? -3.760  13.633  -4.507  1.00 17.01 ? 70  LYS A O   1 
ATOM   504  C  CB  . LYS A 1 70  ? -5.236  16.112  -5.812  1.00 24.83 ? 70  LYS A CB  1 
ATOM   505  C  CG  . LYS A 1 70  ? -5.416  17.448  -6.502  1.00 28.85 ? 70  LYS A CG  1 
ATOM   506  C  CD  . LYS A 1 70  ? -6.841  17.695  -6.906  1.00 33.80 ? 70  LYS A CD  1 
ATOM   507  C  CE  . LYS A 1 70  ? -6.978  18.863  -7.862  1.00 36.51 ? 70  LYS A CE  1 
ATOM   508  N  NZ  . LYS A 1 70  ? -6.335  20.091  -7.329  1.00 40.99 ? 70  LYS A NZ  1 
ATOM   509  N  N   . HIS A 1 71  ? -4.319  15.167  -2.951  1.00 17.70 ? 71  HIS A N   1 
ATOM   510  C  CA  . HIS A 1 71  ? -4.808  14.269  -1.887  1.00 16.13 ? 71  HIS A CA  1 
ATOM   511  C  C   . HIS A 1 71  ? -6.326  14.269  -1.914  1.00 16.66 ? 71  HIS A C   1 
ATOM   512  O  O   . HIS A 1 71  ? -6.955  15.355  -2.042  1.00 17.84 ? 71  HIS A O   1 
ATOM   513  C  CB  . HIS A 1 71  ? -4.317  14.759  -0.531  1.00 16.38 ? 71  HIS A CB  1 
ATOM   514  C  CG  . HIS A 1 71  ? -2.840  14.850  -0.386  1.00 17.80 ? 71  HIS A CG  1 
ATOM   515  N  ND1 . HIS A 1 71  ? -2.067  13.820  0.170   1.00 17.86 ? 71  HIS A ND1 1 
ATOM   516  C  CD2 . HIS A 1 71  ? -1.984  15.829  -0.736  1.00 16.51 ? 71  HIS A CD2 1 
ATOM   517  C  CE1 . HIS A 1 71  ? -0.806  14.182  0.172   1.00 14.72 ? 71  HIS A CE1 1 
ATOM   518  N  NE2 . HIS A 1 71  ? -0.732  15.409  -0.397  1.00 18.03 ? 71  HIS A NE2 1 
ATOM   519  N  N   . TYR A 1 72  ? -6.930  13.097  -1.780  1.00 13.22 ? 72  TYR A N   1 
ATOM   520  C  CA  . TYR A 1 72  ? -8.384  12.976  -1.742  1.00 13.72 ? 72  TYR A CA  1 
ATOM   521  C  C   . TYR A 1 72  ? -8.767  12.322  -0.427  1.00 13.62 ? 72  TYR A C   1 
ATOM   522  O  O   . TYR A 1 72  ? -8.249  11.280  -0.030  1.00 13.53 ? 72  TYR A O   1 
ATOM   523  C  CB  . TYR A 1 72  ? -8.950  12.126  -2.885  1.00 15.29 ? 72  TYR A CB  1 
ATOM   524  C  CG  . TYR A 1 72  ? -8.752  12.687  -4.271  1.00 17.85 ? 72  TYR A CG  1 
ATOM   525  C  CD1 . TYR A 1 72  ? -9.673  13.589  -4.796  1.00 19.45 ? 72  TYR A CD1 1 
ATOM   526  C  CD2 . TYR A 1 72  ? -7.701  12.295  -5.079  1.00 19.22 ? 72  TYR A CD2 1 
ATOM   527  C  CE1 . TYR A 1 72  ? -9.529  14.111  -6.078  1.00 20.26 ? 72  TYR A CE1 1 
ATOM   528  C  CE2 . TYR A 1 72  ? -7.531  12.809  -6.365  1.00 19.80 ? 72  TYR A CE2 1 
ATOM   529  C  CZ  . TYR A 1 72  ? -8.468  13.691  -6.867  1.00 20.92 ? 72  TYR A CZ  1 
ATOM   530  O  OH  . TYR A 1 72  ? -8.293  14.170  -8.134  1.00 20.48 ? 72  TYR A OH  1 
ATOM   531  N  N   . PRO A 1 73  ? -9.790  12.878  0.226   1.00 13.14 ? 73  PRO A N   1 
ATOM   532  C  CA  . PRO A 1 73  ? -10.423 12.153  1.320   1.00 12.77 ? 73  PRO A CA  1 
ATOM   533  C  C   . PRO A 1 73  ? -11.325 11.043  0.767   1.00 14.02 ? 73  PRO A C   1 
ATOM   534  O  O   . PRO A 1 73  ? -12.067 11.271  -0.203  1.00 15.13 ? 73  PRO A O   1 
ATOM   535  C  CB  . PRO A 1 73  ? -11.266 13.244  1.994   1.00 13.60 ? 73  PRO A CB  1 
ATOM   536  C  CG  . PRO A 1 73  ? -11.646 14.134  0.841   1.00 13.36 ? 73  PRO A CG  1 
ATOM   537  C  CD  . PRO A 1 73  ? -10.482 14.124  -0.124  1.00 14.54 ? 73  PRO A CD  1 
ATOM   538  N  N   . VAL A 1 74  ? -11.336 9.894   1.436   1.00 14.58 ? 74  VAL A N   1 
ATOM   539  C  CA  . VAL A 1 74  ? -12.116 8.717   0.996   1.00 13.86 ? 74  VAL A CA  1 
ATOM   540  C  C   . VAL A 1 74  ? -12.651 7.898   2.154   1.00 13.23 ? 74  VAL A C   1 
ATOM   541  O  O   . VAL A 1 74  ? -12.023 7.826   3.203   1.00 13.36 ? 74  VAL A O   1 
ATOM   542  C  CB  . VAL A 1 74  ? -11.277 7.783   0.109   1.00 15.50 ? 74  VAL A CB  1 
ATOM   543  C  CG1 . VAL A 1 74  ? -11.092 8.352   -1.288  1.00 16.10 ? 74  VAL A CG1 1 
ATOM   544  C  CG2 . VAL A 1 74  ? -9.935  7.464   0.725   1.00 15.47 ? 74  VAL A CG2 1 
ATOM   545  N  N   . SER A 1 75  ? -13.795 7.262   1.908   0.66 13.22 ? 75  SER A N   1 
ATOM   546  C  CA  . SER A 1 75  ? -14.356 6.142   2.692   0.66 14.11 ? 75  SER A CA  1 
ATOM   547  C  C   . SER A 1 75  ? -13.874 4.833   2.060   0.66 13.56 ? 75  SER A C   1 
ATOM   548  O  O   . SER A 1 75  ? -13.957 4.717   0.834   0.66 14.15 ? 75  SER A O   1 
ATOM   549  C  CB  . SER A 1 75  ? -15.861 6.261   2.715   0.66 14.83 ? 75  SER A CB  1 
ATOM   550  O  OG  . SER A 1 75  ? -16.455 5.166   3.387   0.66 16.30 ? 75  SER A OG  1 
ATOM   551  N  N   . PHE A 1 76  ? -13.308 3.915   2.843   1.00 13.30 ? 76  PHE A N   1 
ATOM   552  C  CA  . PHE A 1 76  ? -12.752 2.656   2.272   1.00 12.72 ? 76  PHE A CA  1 
ATOM   553  C  C   . PHE A 1 76  ? -13.277 1.464   3.046   1.00 13.16 ? 76  PHE A C   1 
ATOM   554  O  O   . PHE A 1 76  ? -13.565 1.558   4.238   1.00 15.50 ? 76  PHE A O   1 
ATOM   555  C  CB  . PHE A 1 76  ? -11.237 2.742   2.148   1.00 12.59 ? 76  PHE A CB  1 
ATOM   556  C  CG  . PHE A 1 76  ? -10.522 3.083   3.440   1.00 12.89 ? 76  PHE A CG  1 
ATOM   557  C  CD1 . PHE A 1 76  ? -10.236 4.385   3.792   1.00 12.50 ? 76  PHE A CD1 1 
ATOM   558  C  CD2 . PHE A 1 76  ? -10.121 2.063   4.296   1.00 13.59 ? 76  PHE A CD2 1 
ATOM   559  C  CE1 . PHE A 1 76  ? -9.559  4.684   4.972   1.00 12.07 ? 76  PHE A CE1 1 
ATOM   560  C  CE2 . PHE A 1 76  ? -9.439  2.364   5.461   1.00 13.31 ? 76  PHE A CE2 1 
ATOM   561  C  CZ  . PHE A 1 76  ? -9.156  3.664   5.804   1.00 13.58 ? 76  PHE A CZ  1 
ATOM   562  N  N   . SER A 1 77  ? -13.375 0.357   2.322   1.00 14.54 ? 77  SER A N   1 
ATOM   563  C  CA  . SER A 1 77  ? -13.807 -0.936  2.892   1.00 15.75 ? 77  SER A CA  1 
ATOM   564  C  C   . SER A 1 77  ? -12.708 -1.531  3.774   1.00 15.24 ? 77  SER A C   1 
ATOM   565  O  O   . SER A 1 77  ? -11.539 -1.203  3.621   1.00 15.55 ? 77  SER A O   1 
ATOM   566  C  CB  . SER A 1 77  ? -14.220 -1.821  1.790   1.00 16.83 ? 77  SER A CB  1 
ATOM   567  O  OG  . SER A 1 77  ? -13.108 -2.195  1.002   1.00 18.29 ? 77  SER A OG  1 
ATOM   568  N  N   . LYS A 1 78  ? -13.074 -2.350  4.774   1.00 15.63 ? 78  LYS A N   1 
ATOM   569  C  CA  . LYS A 1 78  ? -12.118 -3.096  5.641   1.00 17.16 ? 78  LYS A CA  1 
ATOM   570  C  C   . LYS A 1 78  ? -11.298 -4.079  4.806   1.00 16.29 ? 78  LYS A C   1 
ATOM   571  O  O   . LYS A 1 78  ? -11.763 -4.590  3.791   1.00 17.01 ? 78  LYS A O   1 
ATOM   572  C  CB  . LYS A 1 78  ? -12.859 -3.807  6.774   1.00 19.53 ? 78  LYS A CB  1 
ATOM   573  C  CG  . LYS A 1 78  ? -13.399 -2.847  7.820   1.00 19.25 ? 78  LYS A CG  1 
ATOM   574  C  CD  . LYS A 1 78  ? -14.166 -3.508  8.949   1.00 22.79 ? 78  LYS A CD  1 
ATOM   575  C  CE  . LYS A 1 78  ? -14.544 -2.516  10.027  1.00 22.79 ? 78  LYS A CE  1 
ATOM   576  N  NZ  . LYS A 1 78  ? -15.102 -3.183  11.236  1.00 25.88 ? 78  LYS A NZ  1 
ATOM   577  N  N   . PRO A 1 79  ? -10.039 -4.345  5.199   1.00 16.49 ? 79  PRO A N   1 
ATOM   578  C  CA  . PRO A 1 79  ? -9.175  -5.234  4.421   1.00 18.55 ? 79  PRO A CA  1 
ATOM   579  C  C   . PRO A 1 79  ? -9.855  -6.585  4.197   1.00 20.02 ? 79  PRO A C   1 
ATOM   580  O  O   . PRO A 1 79  ? -10.352 -7.190  5.161   1.00 20.55 ? 79  PRO A O   1 
ATOM   581  C  CB  . PRO A 1 79  ? -7.933  -5.428  5.298   1.00 19.87 ? 79  PRO A CB  1 
ATOM   582  C  CG  . PRO A 1 79  ? -7.915  -4.217  6.174   1.00 19.01 ? 79  PRO A CG  1 
ATOM   583  C  CD  . PRO A 1 79  ? -9.367  -3.832  6.391   1.00 16.78 ? 79  PRO A CD  1 
ATOM   584  N  N   . SER A 1 80  ? -9.863  -7.042  2.948   0.66 20.21 ? 80  SER A N   1 
ATOM   585  C  CA  . SER A 1 80  ? -10.549 -8.287  2.524   0.66 21.55 ? 80  SER A CA  1 
ATOM   586  C  C   . SER A 1 80  ? -9.887  -8.892  1.283   0.66 22.31 ? 80  SER A C   1 
ATOM   587  O  O   . SER A 1 80  ? -8.974  -8.251  0.681   0.66 20.79 ? 80  SER A O   1 
ATOM   588  C  CB  . SER A 1 80  ? -12.013 -8.021  2.280   0.66 21.88 ? 80  SER A CB  1 
ATOM   589  O  OG  . SER A 1 80  ? -12.207 -7.318  1.064   0.66 24.91 ? 80  SER A OG  1 
ATOM   590  N  N   . LEU A 1 81  ? -10.352 -10.094 0.924   1.00 22.84 ? 81  LEU A N   1 
ATOM   591  C  CA  . LEU A 1 81  ? -9.900  -10.848 -0.263  1.00 25.58 ? 81  LEU A CA  1 
ATOM   592  C  C   . LEU A 1 81  ? -10.824 -10.418 -1.390  1.00 27.59 ? 81  LEU A C   1 
ATOM   593  O  O   . LEU A 1 81  ? -12.055 -10.698 -1.340  1.00 27.33 ? 81  LEU A O   1 
ATOM   594  C  CB  . LEU A 1 81  ? -10.040 -12.344 0.034   1.00 27.44 ? 81  LEU A CB  1 
ATOM   595  C  CG  . LEU A 1 81  ? -9.271  -13.291 -0.886  1.00 27.52 ? 81  LEU A CG  1 
ATOM   596  C  CD1 . LEU A 1 81  ? -7.767  -13.169 -0.664  1.00 26.16 ? 81  LEU A CD1 1 
ATOM   597  C  CD2 . LEU A 1 81  ? -9.718  -14.722 -0.652  1.00 25.92 ? 81  LEU A CD2 1 
ATOM   598  N  N   . ILE A 1 82  ? -10.256 -9.747  -2.388  0.66 26.64 ? 82  ILE A N   1 
ATOM   599  C  CA  . ILE A 1 82  ? -10.987 -9.194  -3.557  0.66 28.59 ? 82  ILE A CA  1 
ATOM   600  C  C   . ILE A 1 82  ? -10.311 -9.716  -4.824  0.66 29.04 ? 82  ILE A C   1 
ATOM   601  O  O   . ILE A 1 82  ? -9.064  -9.782  -4.841  0.66 27.04 ? 82  ILE A O   1 
ATOM   602  C  CB  . ILE A 1 82  ? -10.996 -7.655  -3.490  0.66 28.33 ? 82  ILE A CB  1 
ATOM   603  C  CG1 . ILE A 1 82  ? -11.700 -7.157  -2.223  0.66 28.98 ? 82  ILE A CG1 1 
ATOM   604  C  CG2 . ILE A 1 82  ? -11.600 -7.065  -4.758  0.66 28.93 ? 82  ILE A CG2 1 
ATOM   605  C  CD1 . ILE A 1 82  ? -11.387 -5.726  -1.860  0.66 28.70 ? 82  ILE A CD1 1 
ATOM   606  N  N   . PHE A 1 83  ? -11.101 -10.060 -5.846  0.66 30.50 ? 83  PHE A N   1 
ATOM   607  C  CA  . PHE A 1 83  ? -10.580 -10.342 -7.206  0.66 32.02 ? 83  PHE A CA  1 
ATOM   608  C  C   . PHE A 1 83  ? -10.109 -9.030  -7.841  0.66 33.77 ? 83  PHE A C   1 
ATOM   609  O  O   . PHE A 1 83  ? -10.852 -8.026  -7.784  0.66 34.73 ? 83  PHE A O   1 
ATOM   610  C  CB  . PHE A 1 83  ? -11.610 -11.020 -8.111  0.66 32.69 ? 83  PHE A CB  1 
ATOM   611  C  CG  . PHE A 1 83  ? -10.974 -11.617 -9.338  0.66 31.95 ? 83  PHE A CG  1 
ATOM   612  C  CD1 . PHE A 1 83  ? -10.191 -12.757 -9.237  0.66 33.36 ? 83  PHE A CD1 1 
ATOM   613  C  CD2 . PHE A 1 83  ? -11.088 -11.003 -10.575 0.66 33.04 ? 83  PHE A CD2 1 
ATOM   614  C  CE1 . PHE A 1 83  ? -9.576  -13.301 -10.356 0.66 33.10 ? 83  PHE A CE1 1 
ATOM   615  C  CE2 . PHE A 1 83  ? -10.468 -11.545 -11.694 0.66 34.09 ? 83  PHE A CE2 1 
ATOM   616  C  CZ  . PHE A 1 83  ? -9.710  -12.691 -11.581 0.66 33.46 ? 83  PHE A CZ  1 
ATOM   617  N  N   . VAL A 1 84  ? -8.906  -9.048  -8.421  0.66 33.95 ? 84  VAL A N   1 
ATOM   618  C  CA  . VAL A 1 84  ? -8.287  -7.899  -9.143  0.66 35.45 ? 84  VAL A CA  1 
ATOM   619  C  C   . VAL A 1 84  ? -8.007  -8.340  -10.582 0.66 37.69 ? 84  VAL A C   1 
ATOM   620  O  O   . VAL A 1 84  ? -7.245  -9.315  -10.756 0.66 39.12 ? 84  VAL A O   1 
ATOM   621  C  CB  . VAL A 1 84  ? -6.996  -7.427  -8.445  0.66 33.72 ? 84  VAL A CB  1 
ATOM   622  C  CG1 . VAL A 1 84  ? -6.471  -6.139  -9.057  0.66 34.45 ? 84  VAL A CG1 1 
ATOM   623  C  CG2 . VAL A 1 84  ? -7.192  -7.275  -6.946  0.66 32.81 ? 84  VAL A CG2 1 
ATOM   624  N  N   . GLU A 1 85  ? -8.599  -7.646  -11.558 0.66 42.08 ? 85  GLU A N   1 
ATOM   625  C  CA  . GLU A 1 85  ? -8.367  -7.872  -13.010 0.66 44.96 ? 85  GLU A CA  1 
ATOM   626  C  C   . GLU A 1 85  ? -6.854  -7.868  -13.271 0.66 46.61 ? 85  GLU A C   1 
ATOM   627  O  O   . GLU A 1 85  ? -6.134  -7.087  -12.598 0.66 45.37 ? 85  GLU A O   1 
ATOM   628  C  CB  . GLU A 1 85  ? -9.103  -6.813  -13.843 0.66 47.40 ? 85  GLU A CB  1 
ATOM   629  C  CG  . GLU A 1 85  ? -10.235 -7.365  -14.705 0.66 50.56 ? 85  GLU A CG  1 
ATOM   630  C  CD  . GLU A 1 85  ? -11.338 -8.134  -13.990 0.66 51.95 ? 85  GLU A CD  1 
ATOM   631  O  OE1 . GLU A 1 85  ? -12.290 -7.491  -13.494 0.66 53.12 ? 85  GLU A OE1 1 
ATOM   632  O  OE2 . GLU A 1 85  ? -11.254 -9.376  -13.948 0.66 51.92 ? 85  GLU A OE2 1 
ATOM   633  N  N   . ALA A 1 86  ? -6.396  -8.717  -14.199 0.66 45.90 ? 86  ALA A N   1 
ATOM   634  C  CA  . ALA A 1 86  ? -4.983  -8.824  -14.636 0.66 44.32 ? 86  ALA A CA  1 
ATOM   635  C  C   . ALA A 1 86  ? -4.471  -7.431  -15.011 0.66 43.67 ? 86  ALA A C   1 
ATOM   636  O  O   . ALA A 1 86  ? -5.253  -6.642  -15.577 0.66 45.21 ? 86  ALA A O   1 
ATOM   637  C  CB  . ALA A 1 86  ? -4.849  -9.781  -15.797 0.66 43.37 ? 86  ALA A CB  1 
ATOM   638  N  N   . SER A 1 87  ? -3.203  -7.153  -14.701 0.66 42.71 ? 87  SER A N   1 
ATOM   639  C  CA  . SER A 1 87  ? -2.498  -5.881  -15.002 0.66 42.15 ? 87  SER A CA  1 
ATOM   640  C  C   . SER A 1 87  ? -1.284  -6.180  -15.886 0.66 41.52 ? 87  SER A C   1 
ATOM   641  O  O   . SER A 1 87  ? -1.130  -7.346  -16.301 0.66 41.06 ? 87  SER A O   1 
ATOM   642  C  CB  . SER A 1 87  ? -2.095  -5.186  -13.725 0.66 42.35 ? 87  SER A CB  1 
ATOM   643  O  OG  . SER A 1 87  ? -1.221  -6.003  -12.961 0.66 40.94 ? 87  SER A OG  1 
ATOM   644  N  N   . GLU A 1 88  ? -0.461  -5.162  -16.150 0.66 44.49 ? 88  GLU A N   1 
ATOM   645  C  CA  . GLU A 1 88  ? 0.873   -5.297  -16.793 0.66 46.02 ? 88  GLU A CA  1 
ATOM   646  C  C   . GLU A 1 88  ? 1.928   -5.631  -15.725 0.66 45.80 ? 88  GLU A C   1 
ATOM   647  O  O   . GLU A 1 88  ? 3.131   -5.599  -16.063 0.66 43.48 ? 88  GLU A O   1 
ATOM   648  C  CB  . GLU A 1 88  ? 1.215   -4.020  -17.570 0.66 47.78 ? 88  GLU A CB  1 
ATOM   649  C  CG  . GLU A 1 88  ? 0.678   -4.007  -18.995 0.66 49.81 ? 88  GLU A CG  1 
ATOM   650  C  CD  . GLU A 1 88  ? -0.822  -3.814  -19.143 0.66 50.93 ? 88  GLU A CD  1 
ATOM   651  O  OE1 . GLU A 1 88  ? -1.338  -2.802  -18.625 0.66 49.62 ? 88  GLU A OE1 1 
ATOM   652  O  OE2 . GLU A 1 88  ? -1.467  -4.672  -19.782 0.66 50.71 ? 88  GLU A OE2 1 
ATOM   653  N  N   . TYR A 1 89  ? 1.501   -5.944  -14.490 0.66 44.98 ? 89  TYR A N   1 
ATOM   654  C  CA  . TYR A 1 89  ? 2.375   -6.347  -13.353 0.66 43.87 ? 89  TYR A CA  1 
ATOM   655  C  C   . TYR A 1 89  ? 1.844   -7.601  -12.631 0.66 43.49 ? 89  TYR A C   1 
ATOM   656  O  O   . TYR A 1 89  ? 2.580   -8.119  -11.764 0.66 41.85 ? 89  TYR A O   1 
ATOM   657  C  CB  . TYR A 1 89  ? 2.528   -5.181  -12.373 0.66 43.01 ? 89  TYR A CB  1 
ATOM   658  C  CG  . TYR A 1 89  ? 3.492   -4.106  -12.807 0.66 43.35 ? 89  TYR A CG  1 
ATOM   659  C  CD1 . TYR A 1 89  ? 3.057   -2.996  -13.509 0.66 43.86 ? 89  TYR A CD1 1 
ATOM   660  C  CD2 . TYR A 1 89  ? 4.843   -4.189  -12.508 0.66 43.49 ? 89  TYR A CD2 1 
ATOM   661  C  CE1 . TYR A 1 89  ? 3.937   -2.003  -13.910 0.66 44.83 ? 89  TYR A CE1 1 
ATOM   662  C  CE2 . TYR A 1 89  ? 5.735   -3.200  -12.887 0.66 43.56 ? 89  TYR A CE2 1 
ATOM   663  C  CZ  . TYR A 1 89  ? 5.280   -2.100  -13.592 0.66 43.69 ? 89  TYR A CZ  1 
ATOM   664  O  OH  . TYR A 1 89  ? 6.151   -1.124  -13.979 0.66 46.61 ? 89  TYR A OH  1 
ATOM   665  N  N   . TYR A 1 90  ? 0.637   -8.085  -12.954 0.66 42.83 ? 90  TYR A N   1 
ATOM   666  C  CA  . TYR A 1 90  ? 0.006   -9.263  -12.295 0.66 42.29 ? 90  TYR A CA  1 
ATOM   667  C  C   . TYR A 1 90  ? -0.987  -9.963  -13.222 0.66 43.97 ? 90  TYR A C   1 
ATOM   668  O  O   . TYR A 1 90  ? -1.575  -9.336  -14.106 0.66 46.61 ? 90  TYR A O   1 
ATOM   669  C  CB  . TYR A 1 90  ? -0.745  -8.853  -11.023 0.66 41.64 ? 90  TYR A CB  1 
ATOM   670  C  CG  . TYR A 1 90  ? 0.124   -8.590  -9.821  0.66 39.86 ? 90  TYR A CG  1 
ATOM   671  C  CD1 . TYR A 1 90  ? 0.890   -9.599  -9.255  0.66 37.82 ? 90  TYR A CD1 1 
ATOM   672  C  CD2 . TYR A 1 90  ? 0.172   -7.332  -9.238  0.66 38.29 ? 90  TYR A CD2 1 
ATOM   673  C  CE1 . TYR A 1 90  ? 1.689   -9.364  -8.147  0.66 36.37 ? 90  TYR A CE1 1 
ATOM   674  C  CE2 . TYR A 1 90  ? 0.965   -7.082  -8.130  0.66 36.14 ? 90  TYR A CE2 1 
ATOM   675  C  CZ  . TYR A 1 90  ? 1.726   -8.099  -7.583  0.66 35.35 ? 90  TYR A CZ  1 
ATOM   676  O  OH  . TYR A 1 90  ? 2.513   -7.848  -6.498  0.66 28.98 ? 90  TYR A OH  1 
ATOM   677  N  N   . PRO A 1 91  ? -1.212  -11.285 -13.033 0.66 44.32 ? 91  PRO A N   1 
ATOM   678  C  CA  . PRO A 1 91  ? -2.359  -11.975 -13.620 0.66 44.66 ? 91  PRO A CA  1 
ATOM   679  C  C   . PRO A 1 91  ? -3.648  -11.686 -12.837 0.66 44.93 ? 91  PRO A C   1 
ATOM   680  O  O   . PRO A 1 91  ? -3.562  -11.261 -11.701 0.66 44.68 ? 91  PRO A O   1 
ATOM   681  C  CB  . PRO A 1 91  ? -2.011  -13.472 -13.527 0.66 44.74 ? 91  PRO A CB  1 
ATOM   682  C  CG  . PRO A 1 91  ? -0.590  -13.525 -12.975 0.66 44.98 ? 91  PRO A CG  1 
ATOM   683  C  CD  . PRO A 1 91  ? -0.357  -12.205 -12.272 0.66 44.39 ? 91  PRO A CD  1 
ATOM   684  N  N   . ALA A 1 92  ? -4.806  -11.930 -13.456 0.66 46.17 ? 92  ALA A N   1 
ATOM   685  C  CA  . ALA A 1 92  ? -6.146  -11.725 -12.858 0.66 47.21 ? 92  ALA A CA  1 
ATOM   686  C  C   . ALA A 1 92  ? -6.291  -12.680 -11.670 0.66 47.90 ? 92  ALA A C   1 
ATOM   687  O  O   . ALA A 1 92  ? -6.524  -13.885 -11.904 0.66 50.84 ? 92  ALA A O   1 
ATOM   688  C  CB  . ALA A 1 92  ? -7.231  -11.942 -13.887 0.66 48.82 ? 92  ALA A CB  1 
ATOM   689  N  N   . ARG A 1 93  ? -6.134  -12.164 -10.446 0.66 45.48 ? 93  ARG A N   1 
ATOM   690  C  CA  . ARG A 1 93  ? -5.973  -12.994 -9.223  0.66 42.16 ? 93  ARG A CA  1 
ATOM   691  C  C   . ARG A 1 93  ? -6.749  -12.376 -8.058  0.66 39.25 ? 93  ARG A C   1 
ATOM   692  O  O   . ARG A 1 93  ? -7.254  -11.245 -8.205  0.66 39.67 ? 93  ARG A O   1 
ATOM   693  C  CB  . ARG A 1 93  ? -4.486  -13.113 -8.875  0.66 43.70 ? 93  ARG A CB  1 
ATOM   694  C  CG  . ARG A 1 93  ? -3.983  -12.042 -7.916  0.66 45.50 ? 93  ARG A CG  1 
ATOM   695  C  CD  . ARG A 1 93  ? -2.516  -11.715 -8.100  0.66 47.22 ? 93  ARG A CD  1 
ATOM   696  N  NE  . ARG A 1 93  ? -1.989  -10.950 -6.974  0.66 47.51 ? 93  ARG A NE  1 
ATOM   697  C  CZ  . ARG A 1 93  ? -2.063  -9.626  -6.831  0.66 48.55 ? 93  ARG A CZ  1 
ATOM   698  N  NH1 . ARG A 1 93  ? -2.654  -8.869  -7.746  0.66 49.03 ? 93  ARG A NH1 1 
ATOM   699  N  NH2 . ARG A 1 93  ? -1.538  -9.060  -5.756  0.66 46.71 ? 93  ARG A NH2 1 
ATOM   700  N  N   . TYR A 1 94  ? -6.807  -13.100 -6.938  0.66 36.03 ? 94  TYR A N   1 
ATOM   701  C  CA  . TYR A 1 94  ? -7.393  -12.633 -5.657  0.66 33.20 ? 94  TYR A CA  1 
ATOM   702  C  C   . TYR A 1 94  ? -6.287  -12.004 -4.800  0.66 31.29 ? 94  TYR A C   1 
ATOM   703  O  O   . TYR A 1 94  ? -5.349  -12.720 -4.387  0.66 30.09 ? 94  TYR A O   1 
ATOM   704  C  CB  . TYR A 1 94  ? -8.131  -13.780 -4.969  0.66 35.41 ? 94  TYR A CB  1 
ATOM   705  C  CG  . TYR A 1 94  ? -9.377  -14.182 -5.716  0.66 36.87 ? 94  TYR A CG  1 
ATOM   706  C  CD1 . TYR A 1 94  ? -10.578 -13.525 -5.498  0.66 36.86 ? 94  TYR A CD1 1 
ATOM   707  C  CD2 . TYR A 1 94  ? -9.343  -15.173 -6.686  0.66 37.25 ? 94  TYR A CD2 1 
ATOM   708  C  CE1 . TYR A 1 94  ? -11.726 -13.870 -6.194  0.66 36.57 ? 94  TYR A CE1 1 
ATOM   709  C  CE2 . TYR A 1 94  ? -10.482 -15.528 -7.391  0.66 38.34 ? 94  TYR A CE2 1 
ATOM   710  C  CZ  . TYR A 1 94  ? -11.678 -14.873 -7.146  0.66 38.03 ? 94  TYR A CZ  1 
ATOM   711  O  OH  . TYR A 1 94  ? -12.802 -15.211 -7.845  0.66 38.34 ? 94  TYR A OH  1 
ATOM   712  N  N   . GLN A 1 95  ? -6.416  -10.699 -4.531  1.00 27.02 ? 95  GLN A N   1 
ATOM   713  C  CA  . GLN A 1 95  ? -5.455  -9.957  -3.674  1.00 23.38 ? 95  GLN A CA  1 
ATOM   714  C  C   . GLN A 1 95  ? -6.037  -9.944  -2.268  1.00 21.16 ? 95  GLN A C   1 
ATOM   715  O  O   . GLN A 1 95  ? -7.243  -9.586  -2.092  1.00 21.73 ? 95  GLN A O   1 
ATOM   716  C  CB  . GLN A 1 95  ? -5.205  -8.548  -4.205  1.00 21.99 ? 95  GLN A CB  1 
ATOM   717  C  CG  . GLN A 1 95  ? -4.092  -7.816  -3.458  1.00 21.92 ? 95  GLN A CG  1 
ATOM   718  C  CD  . GLN A 1 95  ? -3.518  -6.659  -4.240  1.00 21.11 ? 95  GLN A CD  1 
ATOM   719  O  OE1 . GLN A 1 95  ? -3.316  -6.721  -5.452  1.00 23.41 ? 95  GLN A OE1 1 
ATOM   720  N  NE2 . GLN A 1 95  ? -3.164  -5.602  -3.529  1.00 21.39 ? 95  GLN A NE2 1 
ATOM   721  N  N   . SER A 1 96  ? -5.242  -10.238 -1.262  1.00 18.59 ? 96  SER A N   1 
ATOM   722  C  CA  . SER A 1 96  ? -5.711  -10.237 0.129   1.00 18.77 ? 96  SER A CA  1 
ATOM   723  C  C   . SER A 1 96  ? -5.350  -8.901  0.813   1.00 17.16 ? 96  SER A C   1 
ATOM   724  O  O   . SER A 1 96  ? -4.494  -8.147  0.252   1.00 17.09 ? 96  SER A O   1 
ATOM   725  C  CB  . SER A 1 96  ? -5.112  -11.377 0.868   1.00 19.30 ? 96  SER A CB  1 
ATOM   726  O  OG  . SER A 1 96  ? -3.702  -11.272 0.846   1.00 22.85 ? 96  SER A OG  1 
ATOM   727  N  N   . HIS A 1 97  ? -5.978  -8.619  1.954   1.00 17.57 ? 97  HIS A N   1 
ATOM   728  C  CA  . HIS A 1 97  ? -5.713  -7.414  2.789   1.00 17.42 ? 97  HIS A CA  1 
ATOM   729  C  C   . HIS A 1 97  ? -5.892  -6.131  1.956   1.00 16.57 ? 97  HIS A C   1 
ATOM   730  O  O   . HIS A 1 97  ? -5.145  -5.166  2.176   1.00 15.30 ? 97  HIS A O   1 
ATOM   731  C  CB  . HIS A 1 97  ? -4.318  -7.538  3.415   1.00 17.58 ? 97  HIS A CB  1 
ATOM   732  C  CG  . HIS A 1 97  ? -4.190  -8.712  4.332   1.00 18.83 ? 97  HIS A CG  1 
ATOM   733  N  ND1 . HIS A 1 97  ? -4.337  -8.590  5.714   1.00 18.52 ? 97  HIS A ND1 1 
ATOM   734  C  CD2 . HIS A 1 97  ? -3.980  -10.030 4.075   1.00 20.69 ? 97  HIS A CD2 1 
ATOM   735  C  CE1 . HIS A 1 97  ? -4.154  -9.774  6.276   1.00 20.39 ? 97  HIS A CE1 1 
ATOM   736  N  NE2 . HIS A 1 97  ? -3.967  -10.665 5.295   1.00 22.27 ? 97  HIS A NE2 1 
ATOM   737  N  N   . LEU A 1 98  ? -6.838  -6.150  1.033   1.00 16.99 ? 98  LEU A N   1 
ATOM   738  C  CA  . LEU A 1 98  ? -7.087  -5.044  0.089   1.00 15.69 ? 98  LEU A CA  1 
ATOM   739  C  C   . LEU A 1 98  ? -8.299  -4.234  0.577   1.00 16.63 ? 98  LEU A C   1 
ATOM   740  O  O   . LEU A 1 98  ? -9.319  -4.836  0.962   1.00 16.51 ? 98  LEU A O   1 
ATOM   741  C  CB  . LEU A 1 98  ? -7.320  -5.594  -1.314  1.00 17.03 ? 98  LEU A CB  1 
ATOM   742  C  CG  . LEU A 1 98  ? -7.434  -4.539  -2.407  1.00 17.82 ? 98  LEU A CG  1 
ATOM   743  C  CD1 . LEU A 1 98  ? -6.187  -3.691  -2.463  1.00 17.57 ? 98  LEU A CD1 1 
ATOM   744  C  CD2 . LEU A 1 98  ? -7.740  -5.169  -3.763  1.00 19.42 ? 98  LEU A CD2 1 
ATOM   745  N  N   . MET A 1 99  ? -8.195  -2.903  0.489   1.00 13.65 ? 99  MET A N   1 
ATOM   746  C  CA  . MET A 1 99  ? -9.283  -1.972  0.863   1.00 14.04 ? 99  MET A CA  1 
ATOM   747  C  C   . MET A 1 99  ? -9.700  -1.169  -0.367  1.00 15.15 ? 99  MET A C   1 
ATOM   748  O  O   . MET A 1 99  ? -8.817  -0.710  -1.129  1.00 14.84 ? 99  MET A O   1 
ATOM   749  C  CB  . MET A 1 99  ? -8.830  -1.039  1.982   1.00 13.80 ? 99  MET A CB  1 
ATOM   750  C  CG  . MET A 1 99  ? -8.475  -1.739  3.288   1.00 14.66 ? 99  MET A CG  1 
ATOM   751  S  SD  . MET A 1 99  ? -7.595  -0.715  4.431   1.00 16.98 ? 99  MET A SD  1 
ATOM   752  C  CE  . MET A 1 99  ? -6.115  -0.315  3.495   1.00 17.42 ? 99  MET A CE  1 
ATOM   753  N  N   . LEU A 1 100 ? -11.005 -1.053  -0.655  1.00 14.70 ? 100 LEU A N   1 
ATOM   754  C  CA  . LEU A 1 100 ? -11.445 -0.289  -1.864  1.00 15.12 ? 100 LEU A CA  1 
ATOM   755  C  C   . LEU A 1 100 ? -12.116 1.014   -1.436  1.00 13.80 ? 100 LEU A C   1 
ATOM   756  O  O   . LEU A 1 100 ? -12.771 1.072   -0.362  1.00 15.16 ? 100 LEU A O   1 
ATOM   757  C  CB  . LEU A 1 100 ? -12.442 -1.117  -2.681  1.00 17.20 ? 100 LEU A CB  1 
ATOM   758  C  CG  . LEU A 1 100 ? -11.844 -2.339  -3.359  1.00 18.77 ? 100 LEU A CG  1 
ATOM   759  C  CD1 . LEU A 1 100 ? -12.926 -3.123  -4.057  1.00 23.06 ? 100 LEU A CD1 1 
ATOM   760  C  CD2 . LEU A 1 100 ? -10.782 -1.940  -4.364  1.00 21.09 ? 100 LEU A CD2 1 
ATOM   761  N  N   . ALA A 1 101 ? -11.930 2.033   -2.258  1.00 14.91 ? 101 ALA A N   1 
ATOM   762  C  CA  . ALA A 1 101 ? -12.668 3.300   -2.159  1.00 13.52 ? 101 ALA A CA  1 
ATOM   763  C  C   . ALA A 1 101 ? -13.061 3.701   -3.571  1.00 13.39 ? 101 ALA A C   1 
ATOM   764  O  O   . ALA A 1 101 ? -12.453 3.216   -4.564  1.00 15.48 ? 101 ALA A O   1 
ATOM   765  C  CB  . ALA A 1 101 ? -11.809 4.402   -1.560  1.00 14.55 ? 101 ALA A CB  1 
ATOM   766  N  N   . VAL A 1 102 ? -14.029 4.608   -3.654  1.00 14.39 ? 102 VAL A N   1 
ATOM   767  C  CA  . VAL A 1 102 ? -14.410 5.251   -4.929  1.00 14.33 ? 102 VAL A CA  1 
ATOM   768  C  C   . VAL A 1 102 ? -13.427 6.400   -5.159  1.00 15.29 ? 102 VAL A C   1 
ATOM   769  O  O   . VAL A 1 102 ? -13.343 7.367   -4.322  1.00 16.03 ? 102 VAL A O   1 
ATOM   770  C  CB  . VAL A 1 102 ? -15.883 5.706   -4.913  1.00 14.88 ? 102 VAL A CB  1 
ATOM   771  C  CG1 . VAL A 1 102 ? -16.248 6.509   -6.144  1.00 14.95 ? 102 VAL A CG1 1 
ATOM   772  C  CG2 . VAL A 1 102 ? -16.793 4.509   -4.747  1.00 16.43 ? 102 VAL A CG2 1 
ATOM   773  N  N   . GLY A 1 103 ? -12.644 6.292   -6.221  1.00 15.27 ? 103 GLY A N   1 
ATOM   774  C  CA  . GLY A 1 103 ? -11.680 7.358   -6.488  1.00 16.41 ? 103 GLY A CA  1 
ATOM   775  C  C   . GLY A 1 103 ? -10.856 7.020   -7.689  1.00 16.99 ? 103 GLY A C   1 
ATOM   776  O  O   . GLY A 1 103 ? -10.976 5.909   -8.211  1.00 20.40 ? 103 GLY A O   1 
ATOM   777  N  N   . HIS A 1 104 ? -10.005 7.967   -8.064  1.00 17.81 ? 104 HIS A N   1 
ATOM   778  C  CA  . HIS A 1 104 ? -9.121  7.838   -9.228  1.00 17.79 ? 104 HIS A CA  1 
ATOM   779  C  C   . HIS A 1 104 ? -7.809  7.154   -8.838  1.00 16.86 ? 104 HIS A C   1 
ATOM   780  O  O   . HIS A 1 104 ? -7.119  7.617   -7.909  1.00 17.58 ? 104 HIS A O   1 
ATOM   781  C  CB  . HIS A 1 104 ? -8.825  9.228   -9.785  1.00 18.56 ? 104 HIS A CB  1 
ATOM   782  C  CG  . HIS A 1 104 ? -8.061  9.098   -11.044 1.00 18.68 ? 104 HIS A CG  1 
ATOM   783  N  ND1 . HIS A 1 104 ? -8.620  8.497   -12.161 1.00 19.96 ? 104 HIS A ND1 1 
ATOM   784  C  CD2 . HIS A 1 104 ? -6.785  9.396   -11.363 1.00 21.05 ? 104 HIS A CD2 1 
ATOM   785  C  CE1 . HIS A 1 104 ? -7.701  8.473   -13.118 1.00 19.29 ? 104 HIS A CE1 1 
ATOM   786  N  NE2 . HIS A 1 104 ? -6.589  9.007   -12.656 1.00 19.12 ? 104 HIS A NE2 1 
ATOM   787  N  N   . SER A 1 105 ? -7.380  6.191   -9.629  1.00 19.01 ? 105 SER A N   1 
ATOM   788  C  CA  . SER A 1 105 ? -6.112  5.450   -9.476  1.00 19.30 ? 105 SER A CA  1 
ATOM   789  C  C   . SER A 1 105 ? -5.685  5.012   -10.876 1.00 21.90 ? 105 SER A C   1 
ATOM   790  O  O   . SER A 1 105 ? -6.518  4.386   -11.553 1.00 25.45 ? 105 SER A O   1 
ATOM   791  C  CB  . SER A 1 105 ? -6.304  4.274   -8.515  1.00 19.38 ? 105 SER A CB  1 
ATOM   792  O  OG  . SER A 1 105 ? -5.101  3.508   -8.316  1.00 24.72 ? 105 SER A OG  1 
ATOM   793  N  N   . GLU A 1 106 ? -4.448  5.305   -11.239 1.00 19.99 ? 106 GLU A N   1 
ATOM   794  C  CA  . GLU A 1 106 ? -3.748  4.730   -12.412 1.00 22.21 ? 106 GLU A CA  1 
ATOM   795  C  C   . GLU A 1 106 ? -2.553  3.921   -11.927 1.00 23.18 ? 106 GLU A C   1 
ATOM   796  O  O   . GLU A 1 106 ? -2.132  4.061   -10.780 1.00 22.50 ? 106 GLU A O   1 
ATOM   797  C  CB  . GLU A 1 106 ? -3.319  5.859   -13.353 1.00 24.62 ? 106 GLU A CB  1 
ATOM   798  C  CG  . GLU A 1 106 ? -4.488  6.612   -13.939 1.00 24.97 ? 106 GLU A CG  1 
ATOM   799  C  CD  . GLU A 1 106 ? -4.090  7.880   -14.686 1.00 27.34 ? 106 GLU A CD  1 
ATOM   800  O  OE1 . GLU A 1 106 ? -3.034  7.893   -15.311 1.00 28.27 ? 106 GLU A OE1 1 
ATOM   801  O  OE2 . GLU A 1 106 ? -4.806  8.872   -14.560 1.00 28.54 ? 106 GLU A OE2 1 
ATOM   802  N  N   . PRO A 1 107 ? -1.985  3.011   -12.759 1.00 23.84 ? 107 PRO A N   1 
ATOM   803  C  CA  . PRO A 1 107 ? -0.871  2.165   -12.323 1.00 23.49 ? 107 PRO A CA  1 
ATOM   804  C  C   . PRO A 1 107 ? 0.268   2.890   -11.583 1.00 22.12 ? 107 PRO A C   1 
ATOM   805  O  O   . PRO A 1 107 ? 0.735   2.367   -10.556 1.00 24.59 ? 107 PRO A O   1 
ATOM   806  C  CB  . PRO A 1 107 ? -0.373  1.593   -13.665 1.00 26.53 ? 107 PRO A CB  1 
ATOM   807  C  CG  . PRO A 1 107 ? -1.640  1.438   -14.465 1.00 27.22 ? 107 PRO A CG  1 
ATOM   808  C  CD  . PRO A 1 107 ? -2.425  2.699   -14.137 1.00 24.78 ? 107 PRO A CD  1 
ATOM   809  N  N   . GLY A 1 108 ? 0.678   4.050   -12.094 1.00 19.49 ? 108 GLY A N   1 
ATOM   810  C  CA  . GLY A 1 108 ? 1.743   4.900   -11.538 1.00 20.07 ? 108 GLY A CA  1 
ATOM   811  C  C   . GLY A 1 108 ? 1.356   5.520   -10.215 1.00 18.47 ? 108 GLY A C   1 
ATOM   812  O  O   . GLY A 1 108 ? 2.249   6.005   -9.530  1.00 17.65 ? 108 GLY A O   1 
ATOM   813  N  N   . ASP A 1 109 ? 0.072   5.517   -9.862  1.00 17.41 ? 109 ASP A N   1 
ATOM   814  C  CA  . ASP A 1 109 ? -0.371  5.977   -8.518  1.00 16.18 ? 109 ASP A CA  1 
ATOM   815  C  C   . ASP A 1 109 ? -0.005  4.968   -7.425  1.00 14.94 ? 109 ASP A C   1 
ATOM   816  O  O   . ASP A 1 109 ? -0.036  5.359   -6.249  1.00 14.62 ? 109 ASP A O   1 
ATOM   817  C  CB  . ASP A 1 109 ? -1.873  6.224   -8.478  1.00 15.58 ? 109 ASP A CB  1 
ATOM   818  C  CG  . ASP A 1 109 ? -2.209  7.421   -9.339  1.00 15.02 ? 109 ASP A CG  1 
ATOM   819  O  OD1 . ASP A 1 109 ? -1.383  8.345   -9.322  1.00 14.90 ? 109 ASP A OD1 1 
ATOM   820  O  OD2 . ASP A 1 109 ? -3.285  7.396   -9.981  1.00 16.78 ? 109 ASP A OD2 1 
ATOM   821  N  N   . CYS A 1 110 ? 0.366   3.748   -7.766  1.00 16.31 ? 110 CYS A N   1 
ATOM   822  C  CA  . CYS A 1 110 ? 0.772   2.748   -6.747  1.00 16.19 ? 110 CYS A CA  1 
ATOM   823  C  C   . CYS A 1 110 ? 1.869   3.341   -5.868  1.00 15.84 ? 110 CYS A C   1 
ATOM   824  O  O   . CYS A 1 110 ? 2.779   3.969   -6.432  1.00 15.80 ? 110 CYS A O   1 
ATOM   825  C  CB  . CYS A 1 110 ? 1.218   1.439   -7.371  1.00 16.59 ? 110 CYS A CB  1 
ATOM   826  S  SG  . CYS A 1 110 ? -0.179  0.455   -7.957  1.00 18.36 ? 110 CYS A SG  1 
ATOM   827  N  N   . GLY A 1 111 ? 1.779   3.146   -4.542  1.00 14.82 ? 111 GLY A N   1 
ATOM   828  C  CA  . GLY A 1 111 ? 2.763   3.647   -3.574  1.00 16.27 ? 111 GLY A CA  1 
ATOM   829  C  C   . GLY A 1 111 ? 2.297   4.930   -2.930  1.00 14.47 ? 111 GLY A C   1 
ATOM   830  O  O   . GLY A 1 111 ? 2.877   5.312   -1.921  1.00 14.63 ? 111 GLY A O   1 
ATOM   831  N  N   . GLY A 1 112 ? 1.247   5.549   -3.454  1.00 13.71 ? 112 GLY A N   1 
ATOM   832  C  CA  . GLY A 1 112 ? 0.580   6.648   -2.759  1.00 12.75 ? 112 GLY A CA  1 
ATOM   833  C  C   . GLY A 1 112 ? 0.093   6.179   -1.402  1.00 12.07 ? 112 GLY A C   1 
ATOM   834  O  O   . GLY A 1 112 ? -0.524  5.151   -1.320  1.00 12.83 ? 112 GLY A O   1 
ATOM   835  N  N   . ILE A 1 113 ? 0.396   6.974   -0.385  1.00 10.65 ? 113 ILE A N   1 
ATOM   836  C  CA  . ILE A 1 113 ? 0.000   6.629   1.011   1.00 11.12 ? 113 ILE A CA  1 
ATOM   837  C  C   . ILE A 1 113 ? -1.444  7.042   1.284   1.00 12.05 ? 113 ILE A C   1 
ATOM   838  O  O   . ILE A 1 113 ? -1.854  8.160   0.906   1.00 12.69 ? 113 ILE A O   1 
ATOM   839  C  CB  . ILE A 1 113 ? 0.983   7.225   1.998   1.00 12.16 ? 113 ILE A CB  1 
ATOM   840  C  CG1 . ILE A 1 113 ? 2.326   6.526   1.850   1.00 14.19 ? 113 ILE A CG1 1 
ATOM   841  C  CG2 . ILE A 1 113 ? 0.424   7.066   3.383   1.00 14.13 ? 113 ILE A CG2 1 
ATOM   842  C  CD1 . ILE A 1 113 ? 3.476   7.220   2.564   1.00 14.87 ? 113 ILE A CD1 1 
ATOM   843  N  N   . LEU A 1 114 ? -2.165  6.152   1.977   1.00 11.37 ? 114 LEU A N   1 
ATOM   844  C  CA  . LEU A 1 114 ? -3.483  6.414   2.577   1.00 11.75 ? 114 LEU A CA  1 
ATOM   845  C  C   . LEU A 1 114 ? -3.205  6.589   4.049   1.00 13.65 ? 114 LEU A C   1 
ATOM   846  O  O   . LEU A 1 114 ? -2.569  5.709   4.636   1.00 12.16 ? 114 LEU A O   1 
ATOM   847  C  CB  . LEU A 1 114 ? -4.396  5.215   2.309   1.00 11.35 ? 114 LEU A CB  1 
ATOM   848  C  CG  . LEU A 1 114 ? -5.738  5.260   3.035   1.00 11.61 ? 114 LEU A CG  1 
ATOM   849  C  CD1 . LEU A 1 114 ? -6.596  6.414   2.516   1.00 12.29 ? 114 LEU A CD1 1 
ATOM   850  C  CD2 . LEU A 1 114 ? -6.456  3.924   2.886   1.00 12.05 ? 114 LEU A CD2 1 
ATOM   851  N  N   . ARG A 1 115 ? -3.666  7.710   4.609   0.50 13.54 ? 115 ARG A N   1 
ATOM   852  C  CA  . ARG A 1 115 ? -3.437  8.113   6.020   0.50 14.25 ? 115 ARG A CA  1 
ATOM   853  C  C   . ARG A 1 115 ? -4.763  8.388   6.738   0.50 14.06 ? 115 ARG A C   1 
ATOM   854  O  O   . ARG A 1 115 ? -5.714  8.874   6.105   0.50 13.81 ? 115 ARG A O   1 
ATOM   855  C  CB  . ARG A 1 115 ? -2.568  9.370   6.055   0.50 15.71 ? 115 ARG A CB  1 
ATOM   856  C  CG  . ARG A 1 115 ? -1.077  9.089   6.149   0.50 17.58 ? 115 ARG A CG  1 
ATOM   857  C  CD  . ARG A 1 115 ? -0.288  10.359  6.382   0.50 18.73 ? 115 ARG A CD  1 
ATOM   858  N  NE  . ARG A 1 115 ? 0.534   10.696  5.242   0.50 20.39 ? 115 ARG A NE  1 
ATOM   859  C  CZ  . ARG A 1 115 ? 1.790   10.298  5.094   0.50 20.67 ? 115 ARG A CZ  1 
ATOM   860  N  NH1 . ARG A 1 115 ? 2.344   9.555   6.040   0.50 19.83 ? 115 ARG A NH1 1 
ATOM   861  N  NH2 . ARG A 1 115 ? 2.474   10.634  4.009   0.50 20.33 ? 115 ARG A NH2 1 
ATOM   862  N  N   . CYS A 1 116 ? -4.808  8.074   8.035   1.00 14.35 ? 116 CYS A N   1 
ATOM   863  C  CA  . CYS A 1 116 ? -5.878  8.514   8.961   1.00 15.44 ? 116 CYS A CA  1 
ATOM   864  C  C   . CYS A 1 116 ? -5.238  9.307   10.115  1.00 17.10 ? 116 CYS A C   1 
ATOM   865  O  O   . CYS A 1 116 ? -4.051  9.601   10.037  1.00 18.62 ? 116 CYS A O   1 
ATOM   866  C  CB  . CYS A 1 116 ? -6.645  7.281   9.387   1.00 13.21 ? 116 CYS A CB  1 
ATOM   867  S  SG  . CYS A 1 116 ? -5.697  6.176   10.489  1.00 15.47 ? 116 CYS A SG  1 
ATOM   868  N  N   . GLN A 1 117 ? -5.988  9.637   11.181  1.00 23.18 ? 117 GLN A N   1 
ATOM   869  C  CA  . GLN A 1 117 ? -5.425  10.406  12.339  1.00 25.16 ? 117 GLN A CA  1 
ATOM   870  C  C   . GLN A 1 117 ? -4.352  9.594   13.071  1.00 24.31 ? 117 GLN A C   1 
ATOM   871  O  O   . GLN A 1 117 ? -3.457  10.231  13.687  1.00 27.75 ? 117 GLN A O   1 
ATOM   872  C  CB  . GLN A 1 117 ? -6.478  10.834  13.369  1.00 27.53 ? 117 GLN A CB  1 
ATOM   873  C  CG  . GLN A 1 117 ? -7.362  9.709   13.874  1.00 30.19 ? 117 GLN A CG  1 
ATOM   874  C  CD  . GLN A 1 117 ? -8.576  9.513   12.997  1.00 35.85 ? 117 GLN A CD  1 
ATOM   875  O  OE1 . GLN A 1 117 ? -8.484  9.564   11.765  1.00 35.36 ? 117 GLN A OE1 1 
ATOM   876  N  NE2 . GLN A 1 117 ? -9.724  9.271   13.626  1.00 37.62 ? 117 GLN A NE2 1 
ATOM   877  N  N   . HIS A 1 118 ? -4.404  8.265   12.967  1.00 21.49 ? 118 HIS A N   1 
ATOM   878  C  CA  . HIS A 1 118 ? -3.499  7.333   13.676  1.00 19.30 ? 118 HIS A CA  1 
ATOM   879  C  C   . HIS A 1 118 ? -2.202  7.103   12.878  1.00 20.21 ? 118 HIS A C   1 
ATOM   880  O  O   . HIS A 1 118 ? -1.256  6.524   13.463  1.00 22.41 ? 118 HIS A O   1 
ATOM   881  C  CB  . HIS A 1 118 ? -4.238  6.025   13.940  1.00 19.47 ? 118 HIS A CB  1 
ATOM   882  C  CG  . HIS A 1 118 ? -5.546  6.157   14.653  1.00 20.62 ? 118 HIS A CG  1 
ATOM   883  N  ND1 . HIS A 1 118 ? -6.746  5.933   14.020  1.00 20.95 ? 118 HIS A ND1 1 
ATOM   884  C  CD2 . HIS A 1 118 ? -5.853  6.407   15.954  1.00 22.76 ? 118 HIS A CD2 1 
ATOM   885  C  CE1 . HIS A 1 118 ? -7.737  6.037   14.890  1.00 26.08 ? 118 HIS A CE1 1 
ATOM   886  N  NE2 . HIS A 1 118 ? -7.216  6.332   16.079  1.00 22.31 ? 118 HIS A NE2 1 
ATOM   887  N  N   . GLY A 1 119 ? -2.119  7.524   11.602  1.00 19.55 ? 119 GLY A N   1 
ATOM   888  C  CA  . GLY A 1 119 ? -0.895  7.323   10.810  1.00 17.52 ? 119 GLY A CA  1 
ATOM   889  C  C   . GLY A 1 119 ? -1.142  6.637   9.478   1.00 15.93 ? 119 GLY A C   1 
ATOM   890  O  O   . GLY A 1 119 ? -2.203  6.815   8.899   1.00 15.85 ? 119 GLY A O   1 
ATOM   891  N  N   . VAL A 1 120 ? -0.137  5.914   8.988   1.00 15.22 ? 120 VAL A N   1 
ATOM   892  C  CA  . VAL A 1 120 ? -0.211  5.270   7.659   1.00 15.19 ? 120 VAL A CA  1 
ATOM   893  C  C   . VAL A 1 120 ? -1.108  4.058   7.758   1.00 14.23 ? 120 VAL A C   1 
ATOM   894  O  O   . VAL A 1 120 ? -0.845  3.186   8.605   1.00 14.08 ? 120 VAL A O   1 
ATOM   895  C  CB  . VAL A 1 120 ? 1.182   4.919   7.146   1.00 16.15 ? 120 VAL A CB  1 
ATOM   896  C  CG1 . VAL A 1 120 ? 1.070   4.107   5.874   1.00 16.76 ? 120 VAL A CG1 1 
ATOM   897  C  CG2 . VAL A 1 120 ? 2.003   6.183   6.947   1.00 16.21 ? 120 VAL A CG2 1 
ATOM   898  N  N   . VAL A 1 121 ? -2.138  3.998   6.919   1.00 14.34 ? 121 VAL A N   1 
ATOM   899  C  CA  . VAL A 1 121 ? -3.077  2.858   6.778   1.00 12.98 ? 121 VAL A CA  1 
ATOM   900  C  C   . VAL A 1 121 ? -2.576  1.889   5.698   1.00 13.70 ? 121 VAL A C   1 
ATOM   901  O  O   . VAL A 1 121 ? -2.690  0.652   5.862   1.00 13.53 ? 121 VAL A O   1 
ATOM   902  C  CB  . VAL A 1 121 ? -4.468  3.395   6.406   1.00 13.39 ? 121 VAL A CB  1 
ATOM   903  C  CG1 . VAL A 1 121 ? -5.456  2.273   6.186   1.00 15.12 ? 121 VAL A CG1 1 
ATOM   904  C  CG2 . VAL A 1 121 ? -4.936  4.403   7.440   1.00 14.33 ? 121 VAL A CG2 1 
ATOM   905  N  N   . GLY A 1 122 ? -2.106  2.406   4.552   1.00 12.62 ? 122 GLY A N   1 
ATOM   906  C  CA  . GLY A 1 122 ? -1.762  1.504   3.448   1.00 13.32 ? 122 GLY A CA  1 
ATOM   907  C  C   . GLY A 1 122 ? -1.221  2.280   2.277   1.00 12.43 ? 122 GLY A C   1 
ATOM   908  O  O   . GLY A 1 122 ? -1.046  3.507   2.354   1.00 12.89 ? 122 GLY A O   1 
ATOM   909  N  N   . ILE A 1 123 ? -1.017  1.573   1.177   1.00 12.53 ? 123 ILE A N   1 
ATOM   910  C  CA  . ILE A 1 123 ? -0.518  2.207   -0.062  1.00 12.59 ? 123 ILE A CA  1 
ATOM   911  C  C   . ILE A 1 123 ? -1.417  1.781   -1.210  1.00 12.12 ? 123 ILE A C   1 
ATOM   912  O  O   . ILE A 1 123 ? -1.919  0.636   -1.252  1.00 12.51 ? 123 ILE A O   1 
ATOM   913  C  CB  . ILE A 1 123 ? 0.956   1.864   -0.333  1.00 12.43 ? 123 ILE A CB  1 
ATOM   914  C  CG1 . ILE A 1 123 ? 1.256   0.365   -0.309  1.00 13.55 ? 123 ILE A CG1 1 
ATOM   915  C  CG2 . ILE A 1 123 ? 1.842   2.642   0.603   1.00 13.04 ? 123 ILE A CG2 1 
ATOM   916  C  CD1 . ILE A 1 123 ? 2.627   0.045   -0.866  1.00 15.07 ? 123 ILE A CD1 1 
ATOM   917  N  N   . VAL A 1 124 ? -1.531  2.685   -2.179  1.00 11.96 ? 124 VAL A N   1 
ATOM   918  C  CA  . VAL A 1 124 ? -2.279  2.425   -3.434  1.00 12.92 ? 124 VAL A CA  1 
ATOM   919  C  C   . VAL A 1 124 ? -1.644  1.199   -4.101  1.00 12.63 ? 124 VAL A C   1 
ATOM   920  O  O   . VAL A 1 124 ? -0.393  1.133   -4.225  1.00 12.38 ? 124 VAL A O   1 
ATOM   921  C  CB  . VAL A 1 124 ? -2.267  3.634   -4.375  1.00 11.95 ? 124 VAL A CB  1 
ATOM   922  C  CG1 . VAL A 1 124 ? -2.848  3.274   -5.723  1.00 13.55 ? 124 VAL A CG1 1 
ATOM   923  C  CG2 . VAL A 1 124 ? -2.984  4.847   -3.787  1.00 11.75 ? 124 VAL A CG2 1 
ATOM   924  N  N   . SER A 1 125 ? -2.472  0.251   -4.519  1.00 14.90 ? 125 SER A N   1 
ATOM   925  C  CA  . SER A 1 125 ? -2.016  -1.056  -5.060  1.00 14.56 ? 125 SER A CA  1 
ATOM   926  C  C   . SER A 1 125 ? -2.772  -1.441  -6.335  1.00 18.54 ? 125 SER A C   1 
ATOM   927  O  O   . SER A 1 125 ? -2.152  -2.141  -7.194  1.00 21.00 ? 125 SER A O   1 
ATOM   928  C  CB  . SER A 1 125 ? -2.152  -2.099  -4.005  1.00 15.32 ? 125 SER A CB  1 
ATOM   929  O  OG  . SER A 1 125 ? -1.773  -3.362  -4.510  1.00 16.84 ? 125 SER A OG  1 
ATOM   930  N  N   . THR A 1 126 ? -4.041  -1.053  -6.449  1.00 18.93 ? 126 THR A N   1 
ATOM   931  C  CA  . THR A 1 126 ? -4.957  -1.403  -7.573  1.00 20.58 ? 126 THR A CA  1 
ATOM   932  C  C   . THR A 1 126 ? -5.793  -0.188  -7.959  1.00 20.73 ? 126 THR A C   1 
ATOM   933  O  O   . THR A 1 126 ? -5.858  0.771   -7.183  1.00 19.38 ? 126 THR A O   1 
ATOM   934  C  CB  . THR A 1 126 ? -5.896  -2.563  -7.205  1.00 20.70 ? 126 THR A CB  1 
ATOM   935  O  OG1 . THR A 1 126 ? -6.928  -2.159  -6.301  1.00 22.35 ? 126 THR A OG1 1 
ATOM   936  C  CG2 . THR A 1 126 ? -5.163  -3.730  -6.597  1.00 21.13 ? 126 THR A CG2 1 
ATOM   937  N  N   . GLY A 1 127 ? -6.413  -0.220  -9.142  1.00 24.32 ? 127 GLY A N   1 
ATOM   938  C  CA  . GLY A 1 127 ? -7.335  0.847   -9.588  1.00 27.76 ? 127 GLY A CA  1 
ATOM   939  C  C   . GLY A 1 127 ? -8.171  0.409   -10.778 1.00 28.69 ? 127 GLY A C   1 
ATOM   940  O  O   . GLY A 1 127 ? -8.217  -0.776  -11.039 1.00 30.59 ? 127 GLY A O   1 
ATOM   941  N  N   . GLY A 1 128 ? -8.773  1.358   -11.487 1.00 34.07 ? 128 GLY A N   1 
ATOM   942  C  CA  . GLY A 1 128 ? -9.684  1.100   -12.622 1.00 35.91 ? 128 GLY A CA  1 
ATOM   943  C  C   . GLY A 1 128 ? -11.156 1.096   -12.217 1.00 35.20 ? 128 GLY A C   1 
ATOM   944  O  O   . GLY A 1 128 ? -11.482 0.778   -11.042 1.00 33.17 ? 128 GLY A O   1 
ATOM   945  N  N   . ASN A 1 129 ? -12.038 1.392   -13.179 1.00 36.62 ? 129 ASN A N   1 
ATOM   946  C  CA  . ASN A 1 129 ? -13.518 1.339   -13.016 1.00 35.62 ? 129 ASN A CA  1 
ATOM   947  C  C   . ASN A 1 129 ? -13.930 2.342   -11.933 1.00 28.55 ? 129 ASN A C   1 
ATOM   948  O  O   . ASN A 1 129 ? -15.007 2.175   -11.332 1.00 31.17 ? 129 ASN A O   1 
ATOM   949  C  CB  . ASN A 1 129 ? -14.020 -0.080  -12.701 1.00 38.12 ? 129 ASN A CB  1 
ATOM   950  C  CG  . ASN A 1 129 ? -14.024 -0.994  -13.910 1.00 40.74 ? 129 ASN A CG  1 
ATOM   951  O  OD1 . ASN A 1 129 ? -13.725 -0.557  -15.019 1.00 41.60 ? 129 ASN A OD1 1 
ATOM   952  N  ND2 . ASN A 1 129 ? -14.391 -2.254  -13.716 1.00 38.78 ? 129 ASN A ND2 1 
ATOM   953  N  N   . GLY A 1 130 ? -13.128 3.383   -11.724 1.00 24.31 ? 130 GLY A N   1 
ATOM   954  C  CA  . GLY A 1 130 ? -13.468 4.441   -10.767 1.00 21.55 ? 130 GLY A CA  1 
ATOM   955  C  C   . GLY A 1 130 ? -13.265 3.983   -9.332  1.00 19.40 ? 130 GLY A C   1 
ATOM   956  O  O   . GLY A 1 130 ? -13.800 4.625   -8.464  1.00 18.63 ? 130 GLY A O   1 
ATOM   957  N  N   . LEU A 1 131 ? -12.460 2.952   -9.102  1.00 18.06 ? 131 LEU A N   1 
ATOM   958  C  CA  . LEU A 1 131 ? -12.120 2.499   -7.737  1.00 17.60 ? 131 LEU A CA  1 
ATOM   959  C  C   . LEU A 1 131 ? -10.610 2.618   -7.510  1.00 16.42 ? 131 LEU A C   1 
ATOM   960  O  O   . LEU A 1 131 ? -9.836  2.607   -8.473  1.00 18.97 ? 131 LEU A O   1 
ATOM   961  C  CB  . LEU A 1 131 ? -12.561 1.054   -7.525  1.00 20.23 ? 131 LEU A CB  1 
ATOM   962  C  CG  . LEU A 1 131 ? -14.051 0.777   -7.747  1.00 21.66 ? 131 LEU A CG  1 
ATOM   963  C  CD1 . LEU A 1 131 ? -14.316 -0.714  -7.810  1.00 24.94 ? 131 LEU A CD1 1 
ATOM   964  C  CD2 . LEU A 1 131 ? -14.915 1.416   -6.679  1.00 23.73 ? 131 LEU A CD2 1 
ATOM   965  N  N   . VAL A 1 132 ? -10.235 2.783   -6.248  1.00 15.17 ? 132 VAL A N   1 
ATOM   966  C  CA  . VAL A 1 132 ? -8.809  2.734   -5.863  1.00 13.53 ? 132 VAL A CA  1 
ATOM   967  C  C   . VAL A 1 132 ? -8.698  1.664   -4.800  1.00 13.06 ? 132 VAL A C   1 
ATOM   968  O  O   . VAL A 1 132 ? -9.540  1.640   -3.947  1.00 15.26 ? 132 VAL A O   1 
ATOM   969  C  CB  . VAL A 1 132 ? -8.272  4.114   -5.454  1.00 15.06 ? 132 VAL A CB  1 
ATOM   970  C  CG1 . VAL A 1 132 ? -9.154  4.817   -4.434  1.00 16.40 ? 132 VAL A CG1 1 
ATOM   971  C  CG2 . VAL A 1 132 ? -6.845  4.025   -4.949  1.00 15.56 ? 132 VAL A CG2 1 
ATOM   972  N  N   . GLY A 1 133 ? -7.717  0.781   -4.961  1.00 14.08 ? 133 GLY A N   1 
ATOM   973  C  CA  . GLY A 1 133 ? -7.446  -0.259  -3.976  1.00 13.93 ? 133 GLY A CA  1 
ATOM   974  C  C   . GLY A 1 133 ? -6.157  0.012   -3.235  1.00 14.83 ? 133 GLY A C   1 
ATOM   975  O  O   . GLY A 1 133 ? -5.179  0.414   -3.875  1.00 15.40 ? 133 GLY A O   1 
ATOM   976  N  N   . PHE A 1 134 ? -6.194  -0.167  -1.926  1.00 12.66 ? 134 PHE A N   1 
ATOM   977  C  CA  . PHE A 1 134 ? -5.055  0.107   -1.017  1.00 12.43 ? 134 PHE A CA  1 
ATOM   978  C  C   . PHE A 1 134 ? -4.697  -1.193  -0.302  1.00 12.72 ? 134 PHE A C   1 
ATOM   979  O  O   . PHE A 1 134 ? -5.604  -1.876  0.182   1.00 13.55 ? 134 PHE A O   1 
ATOM   980  C  CB  . PHE A 1 134 ? -5.399  1.161   0.038   1.00 11.43 ? 134 PHE A CB  1 
ATOM   981  C  CG  . PHE A 1 134 ? -6.008  2.425   -0.487  1.00 12.19 ? 134 PHE A CG  1 
ATOM   982  C  CD1 . PHE A 1 134 ? -5.213  3.466   -0.927  1.00 12.98 ? 134 PHE A CD1 1 
ATOM   983  C  CD2 . PHE A 1 134 ? -7.389  2.599   -0.520  1.00 12.68 ? 134 PHE A CD2 1 
ATOM   984  C  CE1 . PHE A 1 134 ? -5.791  4.637   -1.403  1.00 12.53 ? 134 PHE A CE1 1 
ATOM   985  C  CE2 . PHE A 1 134 ? -7.958  3.785   -0.970  1.00 12.73 ? 134 PHE A CE2 1 
ATOM   986  C  CZ  . PHE A 1 134 ? -7.153  4.810   -1.412  1.00 13.09 ? 134 PHE A CZ  1 
ATOM   987  N  N   . ALA A 1 135 ? -3.417  -1.546  -0.304  1.00 12.15 ? 135 ALA A N   1 
ATOM   988  C  CA  . ALA A 1 135 ? -2.848  -2.667  0.441   1.00 11.78 ? 135 ALA A CA  1 
ATOM   989  C  C   . ALA A 1 135 ? -2.691  -2.194  1.880   1.00 11.63 ? 135 ALA A C   1 
ATOM   990  O  O   . ALA A 1 135 ? -1.921  -1.237  2.131   1.00 12.12 ? 135 ALA A O   1 
ATOM   991  C  CB  . ALA A 1 135 ? -1.529  -3.085  -0.173  1.00 11.38 ? 135 ALA A CB  1 
ATOM   992  N  N   . ASP A 1 136 ? -3.437  -2.787  2.804   1.00 12.04 ? 136 ASP A N   1 
ATOM   993  C  CA  . ASP A 1 136 ? -3.397  -2.474  4.234   1.00 12.44 ? 136 ASP A CA  1 
ATOM   994  C  C   . ASP A 1 136 ? -2.030  -2.851  4.814   1.00 12.24 ? 136 ASP A C   1 
ATOM   995  O  O   . ASP A 1 136 ? -1.476  -3.900  4.429   1.00 14.63 ? 136 ASP A O   1 
ATOM   996  C  CB  . ASP A 1 136 ? -4.530  -3.193  4.977   1.00 14.61 ? 136 ASP A CB  1 
ATOM   997  C  CG  . ASP A 1 136 ? -4.556  -2.850  6.451   1.00 15.67 ? 136 ASP A CG  1 
ATOM   998  O  OD1 . ASP A 1 136 ? -4.674  -1.686  6.787   1.00 15.63 ? 136 ASP A OD1 1 
ATOM   999  O  OD2 . ASP A 1 136 ? -4.367  -3.776  7.280   1.00 18.35 ? 136 ASP A OD2 1 
ATOM   1000 N  N   . VAL A 1 137 ? -1.529  -2.082  5.772   1.00 12.99 ? 137 VAL A N   1 
ATOM   1001 C  CA  . VAL A 1 137 ? -0.294  -2.463  6.508   1.00 13.37 ? 137 VAL A CA  1 
ATOM   1002 C  C   . VAL A 1 137 ? -0.573  -2.480  8.024   1.00 15.21 ? 137 VAL A C   1 
ATOM   1003 O  O   . VAL A 1 137 ? 0.343   -2.709  8.770   1.00 15.96 ? 137 VAL A O   1 
ATOM   1004 C  CB  . VAL A 1 137 ? 0.871   -1.531  6.143   1.00 13.57 ? 137 VAL A CB  1 
ATOM   1005 C  CG1 . VAL A 1 137 ? 1.193   -1.594  4.674   1.00 13.27 ? 137 VAL A CG1 1 
ATOM   1006 C  CG2 . VAL A 1 137 ? 0.634   -0.079  6.569   1.00 14.11 ? 137 VAL A CG2 1 
ATOM   1007 N  N   . ARG A 1 138 ? -1.775  -2.091  8.470   1.00 14.65 ? 138 ARG A N   1 
ATOM   1008 C  CA  . ARG A 1 138 ? -2.048  -1.877  9.910   1.00 14.03 ? 138 ARG A CA  1 
ATOM   1009 C  C   . ARG A 1 138 ? -1.939  -3.178  10.714  1.00 15.58 ? 138 ARG A C   1 
ATOM   1010 O  O   . ARG A 1 138 ? -1.742  -3.064  11.924  1.00 18.73 ? 138 ARG A O   1 
ATOM   1011 C  CB  . ARG A 1 138 ? -3.417  -1.239  10.103  1.00 13.95 ? 138 ARG A CB  1 
ATOM   1012 C  CG  . ARG A 1 138 ? -3.527  0.121   9.424   1.00 12.88 ? 138 ARG A CG  1 
ATOM   1013 C  CD  . ARG A 1 138 ? -4.940  0.586   9.672   1.00 13.02 ? 138 ARG A CD  1 
ATOM   1014 N  NE  . ARG A 1 138 ? -5.843  -0.128  8.807   1.00 12.95 ? 138 ARG A NE  1 
ATOM   1015 C  CZ  . ARG A 1 138 ? -7.122  0.193   8.646   1.00 13.19 ? 138 ARG A CZ  1 
ATOM   1016 N  NH1 . ARG A 1 138 ? -7.647  1.113   9.458   1.00 15.59 ? 138 ARG A NH1 1 
ATOM   1017 N  NH2 . ARG A 1 138 ? -7.849  -0.435  7.730   1.00 13.79 ? 138 ARG A NH2 1 
ATOM   1018 N  N   . ASP A 1 139 ? -2.027  -4.330  10.056  1.00 15.85 ? 139 ASP A N   1 
ATOM   1019 C  CA  . ASP A 1 139 ? -1.937  -5.650  10.731  1.00 17.17 ? 139 ASP A CA  1 
ATOM   1020 C  C   . ASP A 1 139 ? -0.469  -6.055  10.927  1.00 19.72 ? 139 ASP A C   1 
ATOM   1021 O  O   . ASP A 1 139 ? -0.234  -6.971  11.689  1.00 21.14 ? 139 ASP A O   1 
ATOM   1022 C  CB  . ASP A 1 139 ? -2.714  -6.728  9.981   1.00 18.63 ? 139 ASP A CB  1 
ATOM   1023 C  CG  . ASP A 1 139 ? -2.132  -7.093  8.630   1.00 21.07 ? 139 ASP A CG  1 
ATOM   1024 O  OD1 . ASP A 1 139 ? -1.747  -6.150  7.880   1.00 21.34 ? 139 ASP A OD1 1 
ATOM   1025 O  OD2 . ASP A 1 139 ? -2.110  -8.324  8.307   1.00 22.20 ? 139 ASP A OD2 1 
ATOM   1026 N  N   . LEU A 1 140 ? 0.496   -5.354  10.328  1.00 18.97 ? 140 LEU A N   1 
ATOM   1027 C  CA  . LEU A 1 140 ? 1.913   -5.799  10.375  1.00 17.86 ? 140 LEU A CA  1 
ATOM   1028 C  C   . LEU A 1 140 ? 2.532   -5.123  11.578  1.00 18.06 ? 140 LEU A C   1 
ATOM   1029 O  O   . LEU A 1 140 ? 3.238   -4.105  11.435  1.00 18.19 ? 140 LEU A O   1 
ATOM   1030 C  CB  . LEU A 1 140 ? 2.608   -5.406  9.070   1.00 17.53 ? 140 LEU A CB  1 
ATOM   1031 C  CG  . LEU A 1 140 ? 1.948   -5.947  7.809   1.00 18.15 ? 140 LEU A CG  1 
ATOM   1032 C  CD1 . LEU A 1 140 ? 2.568   -5.278  6.580   1.00 19.15 ? 140 LEU A CD1 1 
ATOM   1033 C  CD2 . LEU A 1 140 ? 2.073   -7.470  7.717   1.00 18.22 ? 140 LEU A CD2 1 
ATOM   1034 N  N   . LEU A 1 141 ? 2.255   -5.684  12.763  1.00 19.14 ? 141 LEU A N   1 
ATOM   1035 C  CA  . LEU A 1 141 ? 2.622   -5.028  14.038  1.00 20.96 ? 141 LEU A CA  1 
ATOM   1036 C  C   . LEU A 1 141 ? 4.147   -4.978  14.151  1.00 21.33 ? 141 LEU A C   1 
ATOM   1037 O  O   . LEU A 1 141 ? 4.682   -4.017  14.729  1.00 22.93 ? 141 LEU A O   1 
ATOM   1038 C  CB  . LEU A 1 141 ? 2.017   -5.775  15.234  1.00 23.33 ? 141 LEU A CB  1 
ATOM   1039 C  CG  . LEU A 1 141 ? 0.520   -6.032  15.218  1.00 23.84 ? 141 LEU A CG  1 
ATOM   1040 C  CD1 . LEU A 1 141 ? 0.068   -6.450  16.627  1.00 24.61 ? 141 LEU A CD1 1 
ATOM   1041 C  CD2 . LEU A 1 141 ? -0.293  -4.854  14.705  1.00 22.93 ? 141 LEU A CD2 1 
ATOM   1042 N  N   . TRP A 1 142 ? 4.806   -5.981  13.559  1.00 21.26 ? 142 TRP A N   1 
ATOM   1043 C  CA  . TRP A 1 142 ? 6.276   -6.136  13.630  1.00 21.69 ? 142 TRP A CA  1 
ATOM   1044 C  C   . TRP A 1 142 ? 6.974   -4.934  12.984  1.00 22.50 ? 142 TRP A C   1 
ATOM   1045 O  O   . TRP A 1 142 ? 8.161   -4.703  13.309  1.00 25.43 ? 142 TRP A O   1 
ATOM   1046 C  CB  . TRP A 1 142 ? 6.711   -7.472  13.027  1.00 21.17 ? 142 TRP A CB  1 
ATOM   1047 C  CG  . TRP A 1 142 ? 6.271   -7.731  11.620  1.00 21.36 ? 142 TRP A CG  1 
ATOM   1048 C  CD1 . TRP A 1 142 ? 5.193   -8.459  11.209  1.00 19.73 ? 142 TRP A CD1 1 
ATOM   1049 C  CD2 . TRP A 1 142 ? 6.931   -7.267  10.424  1.00 19.12 ? 142 TRP A CD2 1 
ATOM   1050 N  NE1 . TRP A 1 142 ? 5.140   -8.478  9.845   1.00 21.04 ? 142 TRP A NE1 1 
ATOM   1051 C  CE2 . TRP A 1 142 ? 6.209   -7.788  9.342   1.00 20.26 ? 142 TRP A CE2 1 
ATOM   1052 C  CE3 . TRP A 1 142 ? 8.092   -6.532  10.181  1.00 20.29 ? 142 TRP A CE3 1 
ATOM   1053 C  CZ2 . TRP A 1 142 ? 6.586   -7.552  8.030   1.00 19.87 ? 142 TRP A CZ2 1 
ATOM   1054 C  CZ3 . TRP A 1 142 ? 8.487   -6.329  8.881   1.00 21.02 ? 142 TRP A CZ3 1 
ATOM   1055 C  CH2 . TRP A 1 142 ? 7.721   -6.808  7.822   1.00 20.18 ? 142 TRP A CH2 1 
ATOM   1056 N  N   . LEU A 1 143 ? 6.308   -4.168  12.106  1.00 22.42 ? 143 LEU A N   1 
ATOM   1057 C  CA  . LEU A 1 143 ? 6.920   -2.942  11.502  1.00 26.26 ? 143 LEU A CA  1 
ATOM   1058 C  C   . LEU A 1 143 ? 7.360   -1.908  12.568  1.00 32.25 ? 143 LEU A C   1 
ATOM   1059 O  O   . LEU A 1 143 ? 8.247   -1.093  12.260  1.00 31.72 ? 143 LEU A O   1 
ATOM   1060 C  CB  . LEU A 1 143 ? 5.944   -2.278  10.518  1.00 23.19 ? 143 LEU A CB  1 
ATOM   1061 C  CG  . LEU A 1 143 ? 5.740   -2.972  9.174   1.00 22.65 ? 143 LEU A CG  1 
ATOM   1062 C  CD1 . LEU A 1 143 ? 4.680   -2.251  8.372   1.00 22.77 ? 143 LEU A CD1 1 
ATOM   1063 C  CD2 . LEU A 1 143 ? 7.017   -3.021  8.345   1.00 21.19 ? 143 LEU A CD2 1 
ATOM   1064 N  N   . ASP A 1 144 ? 6.725   -1.930  13.750  0.50 32.97 ? 144 ASP A N   1 
ATOM   1065 C  CA  . ASP A 1 144 ? 6.946   -0.977  14.873  0.50 34.67 ? 144 ASP A CA  1 
ATOM   1066 C  C   . ASP A 1 144 ? 7.720   -1.652  16.008  0.50 34.02 ? 144 ASP A C   1 
ATOM   1067 O  O   . ASP A 1 144 ? 7.569   -1.192  17.155  0.50 33.93 ? 144 ASP A O   1 
ATOM   1068 C  CB  . ASP A 1 144 ? 5.624   -0.457  15.438  0.50 36.20 ? 144 ASP A CB  1 
ATOM   1069 C  CG  . ASP A 1 144 ? 4.921   0.540   14.536  0.50 38.32 ? 144 ASP A CG  1 
ATOM   1070 O  OD1 . ASP A 1 144 ? 5.629   1.363   13.904  0.50 41.04 ? 144 ASP A OD1 1 
ATOM   1071 O  OD2 . ASP A 1 144 ? 3.677   0.480   14.467  0.50 41.00 ? 144 ASP A OD2 1 
ATOM   1072 N  N   . GLU A 1 145 ? 8.486   -2.709  15.708  0.50 34.17 ? 145 GLU A N   1 
ATOM   1073 C  CA  . GLU A 1 145 ? 9.460   -3.341  16.641  0.50 35.13 ? 145 GLU A CA  1 
ATOM   1074 C  C   . GLU A 1 145 ? 10.648  -3.880  15.836  0.50 35.81 ? 145 GLU A C   1 
ATOM   1075 O  O   . GLU A 1 145 ? 11.235  -3.073  15.087  0.50 36.08 ? 145 GLU A O   1 
ATOM   1076 C  CB  . GLU A 1 145 ? 8.805   -4.452  17.467  0.50 35.63 ? 145 GLU A CB  1 
ATOM   1077 C  CG  . GLU A 1 145 ? 7.973   -5.415  16.644  0.50 35.78 ? 145 GLU A CG  1 
ATOM   1078 C  CD  . GLU A 1 145 ? 7.480   -6.640  17.395  0.50 36.44 ? 145 GLU A CD  1 
ATOM   1079 O  OE1 . GLU A 1 145 ? 7.503   -7.745  16.802  0.50 35.44 ? 145 GLU A OE1 1 
ATOM   1080 O  OE2 . GLU A 1 145 ? 7.065   -6.490  18.566  0.50 37.38 ? 145 GLU A OE2 1 
HETATM 1081 C  C4  . STV B 2 .   ? -14.881 10.876  1.829   0.66 21.64 ? 201 STV A C4  1 
HETATM 1082 C  C5  . STV B 2 .   ? -14.646 10.640  3.175   0.66 20.71 ? 201 STV A C5  1 
HETATM 1083 C  C6  . STV B 2 .   ? -14.505 11.736  3.997   0.66 20.91 ? 201 STV A C6  1 
HETATM 1084 C  C7  . STV B 2 .   ? -14.576 13.014  3.500   0.66 20.96 ? 201 STV A C7  1 
HETATM 1085 C  C8  . STV B 2 .   ? -14.843 13.258  2.170   0.66 21.64 ? 201 STV A C8  1 
HETATM 1086 N  N   . STV B 2 .   ? -16.331 13.321  -0.461  0.66 30.90 ? 201 STV A N   1 
HETATM 1087 C  C   . STV B 2 .   ? -19.135 15.015  0.355   0.66 39.48 ? 201 STV A C   1 
HETATM 1088 O  O   . STV B 2 .   ? -17.920 11.994  -1.819  0.66 39.19 ? 201 STV A O   1 
HETATM 1089 C  C1  . STV B 2 .   ? -18.902 14.223  -0.911  0.66 38.48 ? 201 STV A C1  1 
HETATM 1090 C  C2  . STV B 2 .   ? -15.231 12.389  -0.164  0.66 26.47 ? 201 STV A C2  1 
HETATM 1091 C  C3  . STV B 2 .   ? -14.989 12.171  1.312   0.66 23.26 ? 201 STV A C3  1 
HETATM 1092 C  C9  . STV B 2 .   ? -14.352 13.168  5.695   0.66 19.67 ? 201 STV A C9  1 
HETATM 1093 O  O1  . STV B 2 .   ? -18.257 12.213  0.619   0.66 38.85 ? 201 STV A O1  1 
HETATM 1094 O  O2  . STV B 2 .   ? -14.239 13.912  4.483   0.66 19.56 ? 201 STV A O2  1 
HETATM 1095 O  O3  . STV B 2 .   ? -14.332 11.775  5.361   0.66 19.94 ? 201 STV A O3  1 
HETATM 1096 S  S   . STV B 2 .   ? -17.881 12.795  -0.633  0.66 35.97 ? 201 STV A S   1 
HETATM 1097 C  C4  . STV C 2 .   ? -5.546  0.368   -13.134 0.66 47.47 ? 202 STV A C4  1 
HETATM 1098 C  C5  . STV C 2 .   ? -5.348  1.392   -12.222 0.66 45.04 ? 202 STV A C5  1 
HETATM 1099 C  C6  . STV C 2 .   ? -4.456  1.173   -11.190 0.66 45.46 ? 202 STV A C6  1 
HETATM 1100 C  C7  . STV C 2 .   ? -3.756  0.000   -11.096 0.66 45.68 ? 202 STV A C7  1 
HETATM 1101 C  C8  . STV C 2 .   ? -3.932  -1.015  -12.012 0.66 47.17 ? 202 STV A C8  1 
HETATM 1102 N  N   . STV C 2 .   ? -4.089  -2.413  -14.761 0.66 60.23 ? 202 STV A N   1 
HETATM 1103 C  C   . STV C 2 .   ? -6.523  -2.400  -17.156 0.66 65.97 ? 202 STV A C   1 
HETATM 1104 O  O   . STV C 2 .   ? -3.768  -3.345  -17.020 0.66 69.64 ? 202 STV A O   1 
HETATM 1105 C  C1  . STV C 2 .   ? -5.441  -1.367  -16.945 0.66 66.76 ? 202 STV A C1  1 
HETATM 1106 C  C2  . STV C 2 .   ? -5.229  -1.999  -13.933 0.66 54.40 ? 202 STV A C2  1 
HETATM 1107 C  C3  . STV C 2 .   ? -4.869  -0.846  -13.030 0.66 49.70 ? 202 STV A C3  1 
HETATM 1108 C  C9  . STV C 2 .   ? -3.104  1.326   -9.421  0.66 42.23 ? 202 STV A C9  1 
HETATM 1109 O  O1  . STV C 2 .   ? -2.891  -1.100  -16.462 0.66 64.51 ? 202 STV A O1  1 
HETATM 1110 O  O2  . STV C 2 .   ? -2.944  0.020   -9.983  0.66 44.88 ? 202 STV A O2  1 
HETATM 1111 O  O3  . STV C 2 .   ? -4.168  1.979   -10.111 0.66 43.64 ? 202 STV A O3  1 
HETATM 1112 S  S   . STV C 2 .   ? -3.924  -2.086  -16.353 0.66 67.17 ? 202 STV A S   1 
HETATM 1113 C  C4  . STV D 2 .   ? 12.599  -7.923  -11.359 0.66 31.93 ? 203 STV A C4  1 
HETATM 1114 C  C5  . STV D 2 .   ? 13.417  -9.025  -11.179 0.66 30.24 ? 203 STV A C5  1 
HETATM 1115 C  C6  . STV D 2 .   ? 14.229  -9.052  -10.066 0.66 29.72 ? 203 STV A C6  1 
HETATM 1116 C  C7  . STV D 2 .   ? 14.244  -8.016  -9.174  0.66 29.74 ? 203 STV A C7  1 
HETATM 1117 C  C8  . STV D 2 .   ? 13.449  -6.903  -9.354  0.66 30.46 ? 203 STV A C8  1 
HETATM 1118 N  N   . STV D 2 .   ? 12.263  -4.380  -10.414 0.66 37.90 ? 203 STV A N   1 
HETATM 1119 C  C   . STV D 2 .   ? 9.822   -2.644  -10.720 0.66 38.75 ? 203 STV A C   1 
HETATM 1120 O  O   . STV D 2 .   ? 13.059  -2.121  -11.007 0.66 40.36 ? 203 STV A O   1 
HETATM 1121 C  C1  . STV D 2 .   ? 10.691  -2.723  -11.952 0.66 40.26 ? 203 STV A C1  1 
HETATM 1122 C  C2  . STV D 2 .   ? 11.661  -5.694  -10.679 0.66 35.10 ? 203 STV A C2  1 
HETATM 1123 C  C3  . STV D 2 .   ? 12.600  -6.856  -10.460 0.66 32.58 ? 203 STV A C3  1 
HETATM 1124 C  C9  . STV D 2 .   ? 15.424  -9.687  -8.305  0.66 28.64 ? 203 STV A C9  1 
HETATM 1125 O  O1  . STV D 2 .   ? 12.885  -3.871  -12.748 0.66 40.28 ? 203 STV A O1  1 
HETATM 1126 O  O2  . STV D 2 .   ? 15.102  -8.309  -8.136  0.66 28.76 ? 203 STV A O2  1 
HETATM 1127 O  O3  . STV D 2 .   ? 15.086  -10.041 -9.644  0.66 29.83 ? 203 STV A O3  1 
HETATM 1128 S  S   . STV D 2 .   ? 12.355  -3.231  -11.579 0.66 42.08 ? 203 STV A S   1 
HETATM 1129 ZN ZN  . ZN  E 3 .   ? -7.074  5.305   12.084  1.00 17.79 ? 204 ZN  A ZN  1 
HETATM 1130 S  S   . DMS F 4 .   ? 1.368   -15.625 -0.152  1.00 70.45 ? 205 DMS A S   1 
HETATM 1131 O  O   . DMS F 4 .   ? 1.274   -14.897 -1.463  1.00 54.76 ? 205 DMS A O   1 
HETATM 1132 C  C1  . DMS F 4 .   ? 0.129   -16.908 -0.198  1.00 68.42 ? 205 DMS A C1  1 
HETATM 1133 C  C2  . DMS F 4 .   ? 2.816   -16.668 -0.265  1.00 65.98 ? 205 DMS A C2  1 
HETATM 1134 O  O   . HOH G 5 .   ? 4.830   2.931   13.604  1.00 26.51 ? 301 HOH A O   1 
HETATM 1135 O  O   . HOH G 5 .   ? 10.111  -14.763 0.205   1.00 36.10 ? 302 HOH A O   1 
HETATM 1136 O  O   . HOH G 5 .   ? 1.965   0.203   -10.928 1.00 24.21 ? 303 HOH A O   1 
HETATM 1137 O  O   . HOH G 5 .   ? 5.623   9.686   12.200  1.00 33.66 ? 304 HOH A O   1 
HETATM 1138 O  O   . HOH G 5 .   ? -10.109 2.059   15.613  0.56 16.52 ? 305 HOH A O   1 
HETATM 1139 O  O   . HOH G 5 .   ? -13.731 -5.703  -14.578 1.00 50.64 ? 306 HOH A O   1 
HETATM 1140 O  O   . HOH G 5 .   ? 5.656   1.197   -4.086  1.00 15.23 ? 307 HOH A O   1 
HETATM 1141 O  O   . HOH G 5 .   ? -7.393  4.157   -14.002 0.66 42.82 ? 308 HOH A O   1 
HETATM 1142 O  O   . HOH G 5 .   ? -1.168  -7.145  -18.974 0.66 37.63 ? 309 HOH A O   1 
HETATM 1143 O  O   . HOH G 5 .   ? -18.472 13.445  2.928   0.66 77.80 ? 310 HOH A O   1 
HETATM 1144 O  O   . HOH G 5 .   ? -5.114  -6.361  6.878   1.00 20.70 ? 311 HOH A O   1 
HETATM 1145 O  O   . HOH G 5 .   ? -10.231 8.586   10.055  1.00 24.59 ? 312 HOH A O   1 
HETATM 1146 O  O   . HOH G 5 .   ? 11.056  8.771   7.366   1.00 39.99 ? 313 HOH A O   1 
HETATM 1147 O  O   . HOH G 5 .   ? -12.133 -4.650  1.081   0.66 15.63 ? 314 HOH A O   1 
HETATM 1148 O  O   . HOH G 5 .   ? 3.550   13.213  -7.425  1.00 26.80 ? 315 HOH A O   1 
HETATM 1149 O  O   . HOH G 5 .   ? -15.422 5.431   -1.255  1.00 15.32 ? 316 HOH A O   1 
HETATM 1150 O  O   . HOH G 5 .   ? 15.595  -2.054  -10.219 0.66 28.37 ? 317 HOH A O   1 
HETATM 1151 O  O   . HOH G 5 .   ? 12.799  3.254   7.207   1.00 22.33 ? 318 HOH A O   1 
HETATM 1152 O  O   . HOH G 5 .   ? 15.576  1.033   -4.791  0.66 23.08 ? 319 HOH A O   1 
HETATM 1153 O  O   . HOH G 5 .   ? -18.050 -1.309  8.472   0.66 23.05 ? 320 HOH A O   1 
HETATM 1154 O  O   . HOH G 5 .   ? -2.992  3.651   16.368  1.00 26.87 ? 321 HOH A O   1 
HETATM 1155 O  O   . HOH G 5 .   ? -5.624  22.036  -9.027  1.00 46.29 ? 322 HOH A O   1 
HETATM 1156 O  O   . HOH G 5 .   ? 4.962   -8.660  -7.217  1.00 19.95 ? 323 HOH A O   1 
HETATM 1157 O  O   . HOH G 5 .   ? 17.249  -10.819 2.328   1.00 31.71 ? 324 HOH A O   1 
HETATM 1158 O  O   . HOH G 5 .   ? -12.673 11.994  -2.718  1.00 25.98 ? 325 HOH A O   1 
HETATM 1159 O  O   . HOH G 5 .   ? -9.697  16.334  -8.892  0.66 21.98 ? 326 HOH A O   1 
HETATM 1160 O  O   . HOH G 5 .   ? -0.638  -10.247 9.477   1.00 37.37 ? 327 HOH A O   1 
HETATM 1161 O  O   . HOH G 5 .   ? -2.929  12.502  -15.174 1.00 18.29 ? 328 HOH A O   1 
HETATM 1162 O  O   . HOH G 5 .   ? -16.335 4.892   6.071   0.66 23.03 ? 329 HOH A O   1 
HETATM 1163 O  O   . HOH G 5 .   ? 17.500  -11.264 -0.481  1.00 29.77 ? 330 HOH A O   1 
HETATM 1164 O  O   . HOH G 5 .   ? -14.818 6.985   -9.329  0.66 20.32 ? 331 HOH A O   1 
HETATM 1165 O  O   . HOH G 5 .   ? -5.937  -3.951  9.491   1.00 16.80 ? 332 HOH A O   1 
HETATM 1166 O  O   . HOH G 5 .   ? -3.066  -5.872  -0.336  1.00 16.98 ? 333 HOH A O   1 
HETATM 1167 O  O   . HOH G 5 .   ? 15.698  -0.936  1.521   1.00 32.88 ? 334 HOH A O   1 
HETATM 1168 O  O   . HOH G 5 .   ? -9.634  4.457   -10.462 1.00 28.67 ? 335 HOH A O   1 
HETATM 1169 O  O   . HOH G 5 .   ? -7.567  -6.642  -17.036 0.66 39.28 ? 336 HOH A O   1 
HETATM 1170 O  O   . HOH G 5 .   ? -19.081 5.277   2.621   0.66 17.18 ? 337 HOH A O   1 
HETATM 1171 O  O   . HOH G 5 .   ? 9.666   -6.170  -8.061  1.00 22.91 ? 338 HOH A O   1 
HETATM 1172 O  O   . HOH G 5 .   ? -10.589 -0.437  7.725   1.00 22.65 ? 339 HOH A O   1 
HETATM 1173 O  O   . HOH G 5 .   ? -1.627  -2.402  -9.874  0.66 33.38 ? 340 HOH A O   1 
HETATM 1174 O  O   . HOH G 5 .   ? -0.353  8.134   -5.897  1.00 14.89 ? 341 HOH A O   1 
HETATM 1175 O  O   . HOH G 5 .   ? -1.787  -5.196  -7.163  1.00 31.46 ? 342 HOH A O   1 
HETATM 1176 O  O   . HOH G 5 .   ? 4.436   -14.185 2.710   1.00 39.35 ? 343 HOH A O   1 
HETATM 1177 O  O   . HOH G 5 .   ? -11.183 7.459   -12.111 0.66 27.21 ? 344 HOH A O   1 
HETATM 1178 O  O   . HOH G 5 .   ? 4.742   -14.258 -1.504  1.00 22.24 ? 345 HOH A O   1 
HETATM 1179 O  O   . HOH G 5 .   ? -11.882 -11.555 2.721   0.66 29.56 ? 346 HOH A O   1 
HETATM 1180 O  O   . HOH G 5 .   ? -15.748 -2.908  5.285   1.00 27.01 ? 347 HOH A O   1 
HETATM 1181 O  O   . HOH G 5 .   ? -1.778  -5.657  2.289   1.00 15.30 ? 348 HOH A O   1 
HETATM 1182 O  O   . HOH G 5 .   ? 6.829   7.923   3.039   1.00 30.76 ? 349 HOH A O   1 
HETATM 1183 O  O   . HOH G 5 .   ? 0.396   4.991   -14.731 1.00 28.49 ? 350 HOH A O   1 
HETATM 1184 O  O   . HOH G 5 .   ? 12.960  -1.071  12.765  1.00 34.01 ? 351 HOH A O   1 
HETATM 1185 O  O   . HOH G 5 .   ? 18.450  1.256   14.076  1.00 49.79 ? 352 HOH A O   1 
HETATM 1186 O  O   . HOH G 5 .   ? 2.533   8.518   -5.278  1.00 18.83 ? 353 HOH A O   1 
HETATM 1187 O  O   . HOH G 5 .   ? -7.922  -2.531  10.700  1.00 18.06 ? 354 HOH A O   1 
HETATM 1188 O  O   . HOH G 5 .   ? 5.243   4.059   -10.329 0.66 22.98 ? 355 HOH A O   1 
HETATM 1189 O  O   . HOH G 5 .   ? -10.579 -6.829  7.978   0.66 33.14 ? 356 HOH A O   1 
HETATM 1190 O  O   . HOH G 5 .   ? -6.877  2.622   17.773  1.00 32.67 ? 357 HOH A O   1 
HETATM 1191 O  O   . HOH G 5 .   ? -6.855  10.356  -16.117 1.00 21.02 ? 358 HOH A O   1 
HETATM 1192 O  O   . HOH G 5 .   ? -3.715  10.452  -16.697 1.00 23.52 ? 359 HOH A O   1 
HETATM 1193 O  O   . HOH G 5 .   ? 21.190  -2.582  3.732   1.00 38.02 ? 360 HOH A O   1 
HETATM 1194 O  O   . HOH G 5 .   ? 10.133  1.307   -5.859  1.00 41.73 ? 361 HOH A O   1 
HETATM 1195 O  O   . HOH G 5 .   ? 3.808   9.080   9.522   1.00 35.70 ? 362 HOH A O   1 
HETATM 1196 O  O   . HOH G 5 .   ? -7.839  -10.360 3.347   1.00 23.50 ? 363 HOH A O   1 
HETATM 1197 O  O   . HOH G 5 .   ? -9.362  -2.353  -7.900  0.66 30.79 ? 364 HOH A O   1 
HETATM 1198 O  O   . HOH G 5 .   ? -11.646 9.752   -4.383  0.66 18.78 ? 365 HOH A O   1 
HETATM 1199 O  O   . HOH G 5 .   ? -3.753  -7.209  -10.886 0.66 36.90 ? 366 HOH A O   1 
HETATM 1200 O  O   . HOH G 5 .   ? 7.438   -13.551 -7.784  1.00 20.06 ? 367 HOH A O   1 
HETATM 1201 O  O   . HOH G 5 .   ? 2.814   13.450  -10.582 1.00 33.21 ? 368 HOH A O   1 
HETATM 1202 O  O   . HOH G 5 .   ? -13.463 5.744   10.331  1.00 27.13 ? 369 HOH A O   1 
HETATM 1203 O  O   . HOH G 5 .   ? 14.596  4.863   5.967   1.00 23.86 ? 370 HOH A O   1 
HETATM 1204 O  O   . HOH G 5 .   ? 15.558  0.110   -2.369  1.00 36.63 ? 371 HOH A O   1 
HETATM 1205 O  O   . HOH G 5 .   ? 7.785   7.606   -1.151  0.66 23.59 ? 372 HOH A O   1 
HETATM 1206 O  O   . HOH G 5 .   ? -10.254 12.884  -10.790 0.66 25.00 ? 373 HOH A O   1 
HETATM 1207 O  O   . HOH G 5 .   ? -1.945  10.882  2.112   1.00 25.58 ? 374 HOH A O   1 
HETATM 1208 O  O   . HOH G 5 .   ? -10.257 10.527  -6.558  1.00 21.35 ? 375 HOH A O   1 
HETATM 1209 O  O   . HOH G 5 .   ? -15.160 8.099   -0.605  1.00 15.36 ? 376 HOH A O   1 
HETATM 1210 O  O   . HOH G 5 .   ? 9.576   3.907   -3.957  0.66 24.57 ? 377 HOH A O   1 
HETATM 1211 O  O   . HOH G 5 .   ? 3.355   -10.611 8.648   1.00 35.68 ? 378 HOH A O   1 
HETATM 1212 O  O   . HOH G 5 .   ? -17.361 -2.312  13.059  0.66 89.99 ? 379 HOH A O   1 
HETATM 1213 O  O   . HOH G 5 .   ? 8.528   -13.350 3.071   1.00 24.18 ? 380 HOH A O   1 
HETATM 1214 O  O   . HOH G 5 .   ? -3.017  -8.256  -18.512 0.66 33.36 ? 381 HOH A O   1 
HETATM 1215 O  O   . HOH G 5 .   ? 2.218   9.407   -0.669  1.00 22.30 ? 382 HOH A O   1 
HETATM 1216 O  O   . HOH G 5 .   ? 22.258  -6.020  0.496   1.00 49.26 ? 383 HOH A O   1 
HETATM 1217 O  O   . HOH G 5 .   ? -0.074  -11.766 5.392   1.00 30.42 ? 384 HOH A O   1 
HETATM 1218 O  O   . HOH G 5 .   ? 7.659   2.632   -5.495  1.00 23.95 ? 385 HOH A O   1 
HETATM 1219 O  O   . HOH G 5 .   ? -10.358 4.313   -12.740 0.66 33.67 ? 386 HOH A O   1 
HETATM 1220 O  O   . HOH G 5 .   ? -5.163  -2.769  -10.446 0.66 31.29 ? 387 HOH A O   1 
HETATM 1221 O  O   . HOH G 5 .   ? 15.550  -4.235  9.011   1.00 39.82 ? 388 HOH A O   1 
HETATM 1222 O  O   . HOH G 5 .   ? 17.688  -1.358  -7.596  0.66 20.28 ? 389 HOH A O   1 
HETATM 1223 O  O   . HOH G 5 .   ? -11.078 11.113  -12.748 0.66 39.07 ? 390 HOH A O   1 
HETATM 1224 O  O   . HOH G 5 .   ? 0.730   10.842  1.341   1.00 26.97 ? 391 HOH A O   1 
HETATM 1225 O  O   . HOH G 5 .   ? 1.735   -9.093  13.066  1.00 26.82 ? 392 HOH A O   1 
HETATM 1226 O  O   . HOH G 5 .   ? -10.745 -4.821  -7.576  0.66 33.10 ? 393 HOH A O   1 
HETATM 1227 O  O   . HOH G 5 .   ? -15.328 2.041   10.713  0.66 32.08 ? 394 HOH A O   1 
HETATM 1228 O  O   . HOH G 5 .   ? -17.563 9.017   0.672   0.66 49.67 ? 395 HOH A O   1 
HETATM 1229 O  O   . HOH G 5 .   ? 9.163   9.208   5.663   1.00 29.50 ? 396 HOH A O   1 
HETATM 1230 O  O   . HOH G 5 .   ? 3.375   0.382   -12.947 0.66 32.33 ? 397 HOH A O   1 
HETATM 1231 O  O   . HOH G 5 .   ? -3.847  9.604   16.991  1.00 53.51 ? 398 HOH A O   1 
HETATM 1232 O  O   . HOH G 5 .   ? -0.306  -1.458  -11.715 0.66 28.89 ? 399 HOH A O   1 
HETATM 1233 O  O   . HOH G 5 .   ? 3.523   -9.116  -15.806 0.66 29.96 ? 400 HOH A O   1 
HETATM 1234 O  O   . HOH G 5 .   ? -10.961 4.365   14.329  1.00 27.03 ? 401 HOH A O   1 
HETATM 1235 O  O   . HOH G 5 .   ? 9.260   9.853   14.498  0.66 35.56 ? 402 HOH A O   1 
HETATM 1236 O  O   . HOH G 5 .   ? 1.902   -9.842  10.703  1.00 26.14 ? 403 HOH A O   1 
HETATM 1237 O  O   . HOH G 5 .   ? -12.756 8.921   -10.236 1.00 30.65 ? 404 HOH A O   1 
HETATM 1238 O  O   . HOH G 5 .   ? 14.339  3.296   -5.153  0.66 26.32 ? 405 HOH A O   1 
HETATM 1239 O  O   . HOH G 5 .   ? -3.289  -5.088  -9.889  0.66 30.83 ? 406 HOH A O   1 
HETATM 1240 O  O   . HOH G 5 .   ? -10.411 -2.542  9.788   1.00 24.49 ? 407 HOH A O   1 
HETATM 1241 O  O   . HOH G 5 .   ? -5.858  10.217  16.815  1.00 57.00 ? 408 HOH A O   1 
HETATM 1242 O  O   . HOH G 5 .   ? 4.372   2.171   -12.110 1.00 38.70 ? 409 HOH A O   1 
HETATM 1243 O  O   . HOH G 5 .   ? -14.670 9.813   -7.177  0.66 25.31 ? 410 HOH A O   1 
HETATM 1244 O  O   . HOH G 5 .   ? 2.753   14.392  -2.132  1.00 45.71 ? 411 HOH A O   1 
HETATM 1245 O  O   . HOH G 5 .   ? -7.305  -6.426  8.870   0.66 19.58 ? 412 HOH A O   1 
HETATM 1246 O  O   . HOH G 5 .   ? -9.039  2.868   17.964  0.66 25.60 ? 413 HOH A O   1 
HETATM 1247 O  O   . HOH G 5 .   ? 3.181   -4.145  -20.240 0.66 38.02 ? 414 HOH A O   1 
HETATM 1248 O  O   . HOH G 5 .   ? 9.146   -10.331 9.545   1.00 33.72 ? 415 HOH A O   1 
HETATM 1249 O  O   . HOH G 5 .   ? -16.567 4.447   9.206   0.66 42.52 ? 416 HOH A O   1 
HETATM 1250 O  O   . HOH G 5 .   ? 12.538  8.880   2.830   1.00 39.84 ? 417 HOH A O   1 
HETATM 1251 O  O   . HOH G 5 .   ? -11.997 16.097  -2.601  1.00 30.11 ? 418 HOH A O   1 
# 
